data_2OVW
#
_entry.id   2OVW
#
_cell.length_a   67.930
_cell.length_b   78.310
_cell.length_c   142.470
_cell.angle_alpha   90.00
_cell.angle_beta   96.98
_cell.angle_gamma   90.00
#
_symmetry.space_group_name_H-M   'P 1 21 1'
#
loop_
_entity.id
_entity.type
_entity.pdbx_description
1 polymer 'ENDOGLUCANASE I'
2 branched beta-D-glucopyranose-(1-4)-beta-D-glucopyranose
3 non-polymer 2-acetamido-2-deoxy-beta-D-glucopyranose
4 water water
#
_entity_poly.entity_id   1
_entity_poly.type   'polypeptide(L)'
_entity_poly.pdbx_seq_one_letter_code
;(PCA)TPDKAKEQHPKLETYRCTKASGCKKQTNYIVADAGIHGIRQKNGAGCGDWGQKPNATACPDEASCAKNCILSGMD
SNAYKNAGITTSGNKLRLQQLINNQLVSPRVYLLEENKKKYEMLHLTGTEFSFDVEMEKLPCGMNGALYLSEMPQDGGKS
TSRNSKAGAYYGAGYCDAQCYVTPFINGVGNIKGQGVCCNELDIWEANSRATHIAPHPCSKPGLYGCTGDECGSSGICDK
AGCGWNHNRINVTDFYGRGKQYKVDSTRKFTVTSQFVANKQGDLIELHRHYIQDNKVIESAVVNISGPPKINFINDKYCA
ATGANEYMRLGGTKQMGDAMSRGMVLAMSVWWSEGDFMAWLDQGVAGPCDATEGDPKNIVKVQPNPEVTFSNIRIGEIGS
TSSVKAPAYPGPHRL
;
_entity_poly.pdbx_strand_id   A,B,C,D
#
# COMPACT_ATOMS: atom_id res chain seq x y z
N THR A 2 56.03 48.33 -6.07
CA THR A 2 55.06 49.23 -6.66
C THR A 2 55.12 49.17 -8.18
N PRO A 3 54.03 48.82 -8.78
CA PRO A 3 53.90 48.72 -10.22
C PRO A 3 54.10 50.08 -10.85
N ASP A 4 54.70 50.08 -12.02
CA ASP A 4 54.91 51.34 -12.77
C ASP A 4 53.60 51.54 -13.52
N LYS A 5 53.61 52.45 -14.48
CA LYS A 5 52.38 52.70 -15.22
C LYS A 5 52.33 52.03 -16.59
N ALA A 6 53.30 51.19 -16.92
CA ALA A 6 53.33 50.50 -18.21
C ALA A 6 52.14 49.57 -18.36
N LYS A 7 51.59 49.45 -19.56
CA LYS A 7 50.43 48.58 -19.72
C LYS A 7 50.74 47.10 -19.51
N GLU A 8 49.81 46.43 -18.84
CA GLU A 8 49.89 45.01 -18.59
C GLU A 8 48.96 44.35 -19.60
N GLN A 9 49.46 43.54 -20.52
CA GLN A 9 48.55 42.93 -21.49
C GLN A 9 48.53 41.44 -21.25
N HIS A 10 47.68 41.00 -20.33
CA HIS A 10 47.60 39.60 -20.01
C HIS A 10 47.03 38.81 -21.18
N PRO A 11 47.68 37.73 -21.53
CA PRO A 11 47.22 36.81 -22.56
C PRO A 11 45.85 36.26 -22.13
N LYS A 12 44.93 36.19 -23.11
CA LYS A 12 43.60 35.68 -22.84
C LYS A 12 43.62 34.14 -22.95
N LEU A 13 42.76 33.46 -22.23
CA LEU A 13 42.70 32.00 -22.29
C LEU A 13 41.26 31.55 -22.07
N GLU A 14 40.64 30.92 -23.05
CA GLU A 14 39.29 30.39 -22.96
C GLU A 14 39.36 29.15 -22.08
N THR A 15 38.52 28.90 -21.13
CA THR A 15 38.43 27.77 -20.24
C THR A 15 36.98 27.35 -20.15
N TYR A 16 36.58 26.18 -19.60
CA TYR A 16 35.18 25.77 -19.60
C TYR A 16 34.67 25.33 -18.23
N ARG A 17 33.37 25.52 -17.99
CA ARG A 17 32.72 25.08 -16.75
C ARG A 17 31.70 24.07 -17.27
N CYS A 18 31.64 22.88 -16.69
CA CYS A 18 30.77 21.87 -17.22
C CYS A 18 29.88 21.11 -16.28
N THR A 19 28.71 20.73 -16.80
CA THR A 19 27.79 19.91 -16.00
C THR A 19 27.32 18.78 -16.92
N LYS A 20 26.90 17.66 -16.34
CA LYS A 20 26.38 16.57 -17.17
C LYS A 20 25.14 17.02 -17.92
N ALA A 21 24.26 17.80 -17.30
CA ALA A 21 23.05 18.29 -17.94
C ALA A 21 23.27 19.36 -18.99
N SER A 22 24.15 20.34 -18.81
CA SER A 22 24.29 21.35 -19.85
C SER A 22 25.60 21.26 -20.63
N GLY A 23 26.51 20.33 -20.31
CA GLY A 23 27.75 20.34 -21.11
C GLY A 23 28.73 21.39 -20.60
N CYS A 24 29.68 21.74 -21.47
CA CYS A 24 30.74 22.66 -21.14
C CYS A 24 30.49 24.03 -21.73
N LYS A 25 30.49 25.05 -20.87
CA LYS A 25 30.26 26.41 -21.31
C LYS A 25 31.61 27.13 -21.27
N LYS A 26 31.91 27.80 -22.34
CA LYS A 26 33.16 28.52 -22.49
C LYS A 26 33.16 29.79 -21.65
N GLN A 27 34.30 30.17 -21.10
CA GLN A 27 34.50 31.33 -20.26
C GLN A 27 35.82 32.01 -20.59
N THR A 28 35.84 33.31 -20.37
CA THR A 28 37.08 34.04 -20.61
C THR A 28 37.83 34.21 -19.30
N ASN A 29 39.09 33.82 -19.33
CA ASN A 29 40.01 33.96 -18.22
C ASN A 29 41.26 34.66 -18.78
N TYR A 30 42.19 35.08 -17.94
CA TYR A 30 43.42 35.74 -18.33
C TYR A 30 44.56 35.02 -17.63
N ILE A 31 45.76 35.14 -18.20
CA ILE A 31 46.94 34.49 -17.62
C ILE A 31 47.84 35.59 -17.11
N VAL A 32 48.42 35.42 -15.91
CA VAL A 32 49.30 36.46 -15.40
C VAL A 32 50.63 35.83 -15.02
N ALA A 33 51.73 36.49 -15.38
CA ALA A 33 53.05 35.95 -15.05
C ALA A 33 53.32 36.21 -13.57
N ASP A 34 54.17 35.42 -12.92
CA ASP A 34 54.49 35.71 -11.54
C ASP A 34 55.01 37.14 -11.39
N ALA A 35 54.89 37.73 -10.22
CA ALA A 35 55.36 39.09 -9.97
C ALA A 35 56.82 39.26 -10.34
N GLY A 36 57.70 38.36 -9.89
CA GLY A 36 59.11 38.36 -10.21
C GLY A 36 59.48 38.44 -11.68
N ILE A 37 58.76 37.79 -12.57
CA ILE A 37 58.98 37.76 -13.99
C ILE A 37 58.71 39.11 -14.60
N HIS A 38 57.81 39.90 -13.96
CA HIS A 38 57.52 41.25 -14.46
C HIS A 38 58.80 42.08 -14.39
N GLY A 39 59.64 41.81 -13.40
CA GLY A 39 60.88 42.59 -13.23
C GLY A 39 60.61 43.59 -12.09
N ILE A 40 61.31 43.40 -11.00
CA ILE A 40 61.20 44.22 -9.82
C ILE A 40 62.58 44.84 -9.57
N ARG A 41 62.70 46.15 -9.77
CA ARG A 41 64.01 46.76 -9.55
C ARG A 41 64.00 48.11 -8.87
N GLN A 42 65.19 48.42 -8.34
CA GLN A 42 65.44 49.75 -7.77
C GLN A 42 65.64 50.70 -8.95
N LYS A 43 65.78 51.95 -8.64
CA LYS A 43 65.96 53.04 -9.61
C LYS A 43 67.34 53.05 -10.23
N ASN A 44 68.33 52.50 -9.56
CA ASN A 44 69.67 52.44 -10.16
C ASN A 44 69.85 51.10 -10.90
N GLY A 45 68.73 50.48 -11.25
CA GLY A 45 68.68 49.21 -11.95
C GLY A 45 69.02 48.05 -11.07
N ALA A 46 69.48 48.15 -9.85
CA ALA A 46 69.76 46.94 -9.07
C ALA A 46 68.44 46.21 -8.81
N GLY A 47 68.53 44.94 -8.37
CA GLY A 47 67.32 44.16 -8.09
C GLY A 47 66.93 44.30 -6.61
N CYS A 48 65.75 43.72 -6.27
CA CYS A 48 65.34 43.82 -4.87
C CYS A 48 65.56 42.56 -4.08
N GLY A 49 66.32 41.64 -4.60
CA GLY A 49 66.61 40.43 -3.83
C GLY A 49 66.35 39.17 -4.63
N ASP A 50 67.09 38.14 -4.28
CA ASP A 50 67.03 36.86 -4.94
C ASP A 50 66.28 35.78 -4.16
N TRP A 51 65.77 34.87 -5.00
CA TRP A 51 65.02 33.72 -4.51
C TRP A 51 65.80 33.11 -3.36
N GLY A 52 65.19 32.74 -2.26
CA GLY A 52 65.91 32.14 -1.15
C GLY A 52 66.34 33.12 -0.09
N GLN A 53 66.16 34.42 -0.32
CA GLN A 53 66.59 35.44 0.63
C GLN A 53 65.58 36.55 0.91
N LYS A 54 65.94 37.33 1.93
CA LYS A 54 65.16 38.51 2.24
C LYS A 54 65.50 39.53 1.14
N PRO A 55 64.65 40.53 1.03
CA PRO A 55 64.81 41.59 0.03
C PRO A 55 66.06 42.40 0.38
N ASN A 56 66.75 42.96 -0.56
CA ASN A 56 67.91 43.82 -0.46
C ASN A 56 67.64 44.77 0.70
N ALA A 57 68.49 44.76 1.67
CA ALA A 57 68.48 45.49 2.92
C ALA A 57 68.63 47.01 2.78
N THR A 58 69.09 47.52 1.63
CA THR A 58 69.20 48.95 1.49
C THR A 58 67.90 49.53 0.93
N ALA A 59 67.30 48.87 -0.04
CA ALA A 59 66.06 49.31 -0.64
C ALA A 59 64.86 48.94 0.23
N CYS A 60 65.04 47.92 1.09
CA CYS A 60 64.03 47.39 1.95
C CYS A 60 64.34 47.18 3.42
N PRO A 61 64.67 48.23 4.15
CA PRO A 61 64.93 48.18 5.58
C PRO A 61 63.62 47.91 6.32
N ASP A 62 62.48 48.20 5.70
CA ASP A 62 61.15 48.05 6.21
C ASP A 62 60.21 47.98 5.00
N GLU A 63 58.96 47.64 5.24
CA GLU A 63 57.99 47.50 4.17
C GLU A 63 57.66 48.69 3.31
N ALA A 64 57.55 49.83 4.00
CA ALA A 64 57.16 51.05 3.29
C ALA A 64 58.31 51.46 2.36
N SER A 65 59.52 51.37 2.89
CA SER A 65 60.71 51.71 2.10
C SER A 65 60.80 50.73 0.93
N CYS A 66 60.64 49.43 1.26
CA CYS A 66 60.65 48.41 0.21
C CYS A 66 59.66 48.67 -0.89
N ALA A 67 58.43 49.04 -0.55
CA ALA A 67 57.40 49.34 -1.53
C ALA A 67 57.76 50.57 -2.34
N LYS A 68 58.44 51.54 -1.69
CA LYS A 68 58.77 52.74 -2.44
C LYS A 68 59.92 52.50 -3.40
N ASN A 69 60.93 51.80 -2.91
CA ASN A 69 62.14 51.56 -3.68
C ASN A 69 62.09 50.45 -4.72
N CYS A 70 61.17 49.49 -4.58
CA CYS A 70 61.14 48.42 -5.59
C CYS A 70 59.97 48.57 -6.53
N ILE A 71 60.26 48.83 -7.80
CA ILE A 71 59.28 49.04 -8.86
C ILE A 71 59.13 47.74 -9.66
N LEU A 72 57.89 47.42 -9.99
CA LEU A 72 57.55 46.23 -10.75
C LEU A 72 57.10 46.79 -12.10
N SER A 73 57.66 46.26 -13.18
CA SER A 73 57.26 46.82 -14.47
C SER A 73 56.12 46.04 -15.10
N GLY A 74 55.16 46.78 -15.62
CA GLY A 74 54.05 46.10 -16.28
C GLY A 74 54.61 45.31 -17.47
N MET A 75 53.82 44.37 -17.97
CA MET A 75 54.24 43.53 -19.09
C MET A 75 53.28 43.63 -20.26
N ASP A 76 53.77 44.09 -21.41
CA ASP A 76 52.88 44.17 -22.58
C ASP A 76 52.87 42.79 -23.25
N SER A 77 52.20 42.56 -24.36
CA SER A 77 52.19 41.21 -24.94
C SER A 77 53.58 40.70 -25.29
N ASN A 78 54.41 41.59 -25.81
CA ASN A 78 55.78 41.35 -26.17
C ASN A 78 56.61 40.86 -25.00
N ALA A 79 56.38 41.51 -23.86
CA ALA A 79 57.08 41.14 -22.63
C ALA A 79 56.65 39.68 -22.27
N TYR A 80 55.38 39.38 -22.48
CA TYR A 80 54.85 38.07 -22.19
C TYR A 80 55.51 37.07 -23.15
N LYS A 81 55.40 37.40 -24.44
CA LYS A 81 56.07 36.56 -25.45
C LYS A 81 57.53 36.35 -25.13
N ASN A 82 58.26 37.40 -24.73
CA ASN A 82 59.68 37.19 -24.40
C ASN A 82 59.93 36.50 -23.07
N ALA A 83 58.88 36.34 -22.27
CA ALA A 83 58.94 35.66 -21.00
C ALA A 83 58.63 34.18 -21.23
N GLY A 84 58.28 33.81 -22.46
CA GLY A 84 57.96 32.46 -22.83
C GLY A 84 56.52 32.08 -22.66
N ILE A 85 55.64 33.10 -22.66
CA ILE A 85 54.21 32.86 -22.43
C ILE A 85 53.35 33.36 -23.55
N THR A 86 52.56 32.55 -24.22
CA THR A 86 51.67 32.97 -25.29
C THR A 86 50.41 32.13 -25.14
N THR A 87 49.29 32.56 -25.68
CA THR A 87 48.07 31.78 -25.59
C THR A 87 47.38 31.84 -26.95
N SER A 88 46.51 30.88 -27.23
CA SER A 88 45.78 30.86 -28.49
C SER A 88 44.48 30.12 -28.19
N GLY A 89 43.38 30.82 -28.26
CA GLY A 89 42.06 30.21 -27.98
C GLY A 89 42.15 29.64 -26.58
N ASN A 90 42.01 28.32 -26.42
CA ASN A 90 42.08 27.68 -25.15
C ASN A 90 43.43 27.06 -24.83
N LYS A 91 44.47 27.44 -25.58
CA LYS A 91 45.77 26.88 -25.31
C LYS A 91 46.78 27.87 -24.68
N LEU A 92 47.63 27.37 -23.82
CA LEU A 92 48.65 28.09 -23.14
C LEU A 92 50.00 27.43 -23.44
N ARG A 93 50.87 28.20 -24.09
CA ARG A 93 52.19 27.67 -24.45
C ARG A 93 53.27 28.22 -23.58
N LEU A 94 54.02 27.35 -22.91
CA LEU A 94 55.09 27.82 -22.04
C LEU A 94 56.45 27.35 -22.58
N GLN A 95 57.33 28.29 -22.87
CA GLN A 95 58.64 27.93 -23.40
C GLN A 95 59.72 28.09 -22.34
N GLN A 96 60.63 27.13 -22.23
CA GLN A 96 61.67 27.31 -21.22
C GLN A 96 62.67 28.38 -21.60
N LEU A 97 62.96 28.57 -22.89
CA LEU A 97 63.95 29.55 -23.33
C LEU A 97 63.44 30.34 -24.53
N ILE A 98 63.82 31.59 -24.60
CA ILE A 98 63.45 32.51 -25.65
C ILE A 98 64.77 33.19 -26.01
N ASN A 99 65.02 33.40 -27.28
CA ASN A 99 66.24 34.02 -27.76
C ASN A 99 67.45 33.60 -26.93
N ASN A 100 67.68 32.32 -26.68
CA ASN A 100 68.81 31.87 -25.88
C ASN A 100 68.82 32.23 -24.41
N GLN A 101 67.69 32.73 -23.86
CA GLN A 101 67.70 33.03 -22.45
C GLN A 101 66.68 32.17 -21.71
N LEU A 102 67.13 31.80 -20.51
CA LEU A 102 66.31 30.99 -19.62
C LEU A 102 65.11 31.82 -19.16
N VAL A 103 63.90 31.59 -19.61
CA VAL A 103 62.76 32.35 -19.14
C VAL A 103 61.94 31.57 -18.12
N SER A 104 61.80 30.25 -18.28
CA SER A 104 61.12 29.33 -17.39
C SER A 104 59.94 29.93 -16.63
N PRO A 105 58.88 30.27 -17.34
CA PRO A 105 57.72 30.92 -16.79
C PRO A 105 56.82 30.17 -15.81
N ARG A 106 56.26 30.92 -14.87
CA ARG A 106 55.29 30.45 -13.91
C ARG A 106 54.16 31.49 -13.98
N VAL A 107 52.96 31.05 -14.31
CA VAL A 107 51.78 31.86 -14.52
C VAL A 107 50.56 31.39 -13.75
N TYR A 108 49.58 32.26 -13.50
CA TYR A 108 48.40 32.00 -12.69
C TYR A 108 47.16 32.35 -13.48
N LEU A 109 46.02 31.71 -13.15
CA LEU A 109 44.79 31.99 -13.87
C LEU A 109 44.01 33.15 -13.21
N LEU A 110 43.66 34.17 -13.98
CA LEU A 110 42.91 35.31 -13.49
C LEU A 110 41.44 35.25 -13.90
N GLU A 111 40.59 35.82 -13.04
CA GLU A 111 39.17 35.91 -13.34
C GLU A 111 39.07 36.85 -14.53
N GLU A 112 37.96 36.86 -15.24
CA GLU A 112 37.80 37.75 -16.38
C GLU A 112 38.07 39.21 -16.06
N ASN A 113 37.80 39.74 -14.88
CA ASN A 113 38.07 41.11 -14.49
C ASN A 113 39.53 41.42 -14.26
N LYS A 114 40.40 40.43 -14.22
CA LYS A 114 41.83 40.60 -14.04
C LYS A 114 42.26 41.08 -12.67
N LYS A 115 41.35 41.38 -11.75
CA LYS A 115 41.70 41.86 -10.44
C LYS A 115 41.86 40.77 -9.39
N LYS A 116 41.39 39.56 -9.72
CA LYS A 116 41.54 38.49 -8.74
C LYS A 116 41.77 37.13 -9.40
N TYR A 117 42.45 36.27 -8.66
CA TYR A 117 42.70 34.94 -9.23
C TYR A 117 41.38 34.21 -9.32
N GLU A 118 41.22 33.35 -10.33
CA GLU A 118 40.01 32.52 -10.45
C GLU A 118 40.14 31.44 -9.37
N MET A 119 39.44 31.48 -8.26
CA MET A 119 39.57 30.49 -7.18
C MET A 119 38.84 29.22 -7.52
N LEU A 120 39.49 28.09 -7.56
CA LEU A 120 38.87 26.82 -7.91
C LEU A 120 38.62 26.03 -6.65
N HIS A 121 37.40 25.50 -6.56
CA HIS A 121 37.01 24.71 -5.38
C HIS A 121 36.90 23.31 -5.94
N LEU A 122 37.97 22.50 -5.90
CA LEU A 122 37.87 21.19 -6.54
C LEU A 122 37.34 20.04 -5.72
N THR A 123 37.27 20.08 -4.40
CA THR A 123 36.73 18.94 -3.69
C THR A 123 35.37 18.55 -4.26
N GLY A 124 35.15 17.28 -4.58
CA GLY A 124 33.86 16.83 -5.10
C GLY A 124 33.67 17.12 -6.56
N THR A 125 34.67 17.66 -7.26
CA THR A 125 34.53 17.99 -8.67
C THR A 125 35.57 17.31 -9.54
N GLU A 126 35.51 17.62 -10.82
CA GLU A 126 36.43 17.05 -11.80
C GLU A 126 37.21 18.11 -12.55
N PHE A 127 38.44 17.81 -12.89
CA PHE A 127 39.29 18.76 -13.63
C PHE A 127 39.99 18.04 -14.79
N SER A 128 39.85 18.59 -15.99
CA SER A 128 40.50 18.03 -17.14
C SER A 128 41.28 19.06 -17.97
N PHE A 129 42.42 18.60 -18.49
CA PHE A 129 43.20 19.42 -19.40
C PHE A 129 43.84 18.53 -20.46
N ASP A 130 44.18 19.11 -21.58
CA ASP A 130 44.87 18.45 -22.69
C ASP A 130 46.31 18.97 -22.60
N VAL A 131 47.26 18.11 -22.86
CA VAL A 131 48.66 18.55 -22.77
C VAL A 131 49.48 17.94 -23.88
N GLU A 132 50.53 18.66 -24.28
CA GLU A 132 51.45 18.28 -25.33
C GLU A 132 52.81 18.22 -24.68
N MET A 133 53.31 17.04 -24.38
CA MET A 133 54.56 16.80 -23.73
C MET A 133 55.72 16.35 -24.58
N GLU A 134 55.56 16.15 -25.88
CA GLU A 134 56.71 15.65 -26.63
C GLU A 134 58.01 16.40 -26.45
N LYS A 135 57.97 17.73 -26.35
CA LYS A 135 59.20 18.50 -26.20
C LYS A 135 59.77 18.63 -24.82
N LEU A 136 59.46 17.71 -23.90
CA LEU A 136 59.98 17.73 -22.56
C LEU A 136 60.69 16.41 -22.21
N PRO A 137 62.01 16.49 -22.27
CA PRO A 137 62.92 15.38 -22.00
C PRO A 137 63.19 15.19 -20.52
N CYS A 138 63.95 14.16 -20.20
CA CYS A 138 64.38 13.92 -18.83
C CYS A 138 64.85 15.25 -18.21
N GLY A 139 64.62 15.43 -16.90
CA GLY A 139 65.08 16.62 -16.21
C GLY A 139 64.14 17.82 -16.32
N MET A 140 63.24 17.86 -17.28
CA MET A 140 62.31 18.96 -17.42
C MET A 140 61.08 18.68 -16.52
N ASN A 141 60.36 19.74 -16.17
CA ASN A 141 59.16 19.68 -15.39
C ASN A 141 58.15 20.69 -15.96
N GLY A 142 57.09 20.23 -16.58
CA GLY A 142 55.98 20.99 -17.13
C GLY A 142 54.87 20.77 -16.05
N ALA A 143 54.53 21.80 -15.26
CA ALA A 143 53.60 21.63 -14.16
C ALA A 143 52.32 22.41 -14.21
N LEU A 144 51.26 21.72 -13.78
CA LEU A 144 49.89 22.28 -13.68
C LEU A 144 49.52 21.88 -12.25
N TYR A 145 49.36 22.92 -11.42
CA TYR A 145 49.05 22.64 -10.03
C TYR A 145 48.24 23.77 -9.40
N LEU A 146 47.92 23.61 -8.12
CA LEU A 146 47.15 24.57 -7.39
C LEU A 146 47.85 24.88 -6.07
N SER A 147 47.78 26.18 -5.76
CA SER A 147 48.34 26.69 -4.53
C SER A 147 47.30 27.56 -3.81
N GLU A 148 47.19 27.52 -2.49
CA GLU A 148 46.24 28.36 -1.76
C GLU A 148 46.81 29.73 -1.44
N MET A 149 46.92 30.49 -2.51
CA MET A 149 47.43 31.83 -2.59
C MET A 149 46.25 32.78 -2.33
N PRO A 150 46.53 33.96 -1.84
CA PRO A 150 45.50 34.96 -1.55
C PRO A 150 44.88 35.35 -2.89
N GLN A 151 43.56 35.41 -2.96
CA GLN A 151 42.87 35.75 -4.19
C GLN A 151 43.19 37.13 -4.75
N ASP A 152 43.56 38.05 -3.84
CA ASP A 152 43.87 39.42 -4.28
C ASP A 152 45.38 39.61 -4.29
N GLY A 153 46.15 38.50 -4.18
CA GLY A 153 47.61 38.61 -4.23
C GLY A 153 48.22 39.15 -2.96
N GLY A 154 47.46 39.20 -1.85
CA GLY A 154 47.93 39.67 -0.59
C GLY A 154 47.71 41.15 -0.33
N LYS A 155 47.09 41.86 -1.24
CA LYS A 155 46.80 43.28 -1.18
C LYS A 155 46.14 43.70 0.12
N SER A 156 45.12 42.96 0.56
CA SER A 156 44.40 43.31 1.77
C SER A 156 45.22 43.13 3.03
N THR A 157 46.37 42.44 2.99
CA THR A 157 47.14 42.24 4.21
C THR A 157 47.96 43.47 4.65
N SER A 158 48.12 44.47 3.78
CA SER A 158 48.94 45.62 4.20
C SER A 158 48.71 46.80 3.30
N ARG A 159 48.98 47.96 3.90
CA ARG A 159 48.81 49.22 3.11
C ARG A 159 49.92 49.33 2.08
N ASN A 160 51.03 48.65 2.29
CA ASN A 160 52.19 48.62 1.39
C ASN A 160 52.08 47.63 0.26
N SER A 161 51.14 46.70 0.27
CA SER A 161 50.93 45.71 -0.77
C SER A 161 50.15 46.33 -1.90
N LYS A 162 50.71 46.45 -3.09
CA LYS A 162 50.01 47.03 -4.22
C LYS A 162 49.91 46.16 -5.47
N ALA A 163 50.86 45.25 -5.67
CA ALA A 163 50.82 44.48 -6.94
C ALA A 163 49.50 43.76 -7.09
N GLY A 164 49.02 42.99 -6.13
CA GLY A 164 47.76 42.26 -6.28
C GLY A 164 47.96 41.09 -7.26
N ALA A 165 46.84 40.45 -7.59
CA ALA A 165 46.79 39.32 -8.50
C ALA A 165 47.03 39.78 -9.93
N TYR A 166 46.65 41.05 -10.19
CA TYR A 166 46.78 41.65 -11.51
C TYR A 166 48.22 41.59 -11.99
N TYR A 167 49.19 41.64 -11.09
CA TYR A 167 50.59 41.57 -11.40
C TYR A 167 51.28 40.33 -10.86
N GLY A 168 50.51 39.30 -10.55
CA GLY A 168 51.06 38.03 -10.09
C GLY A 168 51.72 37.98 -8.76
N ALA A 169 51.25 38.77 -7.79
CA ALA A 169 51.80 38.75 -6.46
C ALA A 169 51.14 37.62 -5.66
N GLY A 170 51.70 37.27 -4.51
CA GLY A 170 51.16 36.27 -3.68
C GLY A 170 51.45 34.80 -3.76
N TYR A 171 52.45 34.42 -4.56
CA TYR A 171 52.81 33.03 -4.71
C TYR A 171 53.22 32.40 -3.38
N CYS A 172 52.88 31.12 -3.25
CA CYS A 172 53.28 30.37 -2.08
C CYS A 172 53.18 28.89 -2.54
N ASP A 173 53.75 27.96 -1.82
CA ASP A 173 53.61 26.56 -2.15
C ASP A 173 54.04 25.80 -0.92
N ALA A 174 53.99 24.46 -0.97
CA ALA A 174 54.30 23.67 0.20
C ALA A 174 55.76 23.50 0.50
N GLN A 175 56.69 24.15 -0.23
CA GLN A 175 58.08 24.00 0.13
C GLN A 175 58.43 25.10 1.13
N CYS A 176 57.57 26.09 1.34
CA CYS A 176 57.84 27.17 2.30
C CYS A 176 59.18 27.86 2.03
N TYR A 177 59.49 28.14 0.77
CA TYR A 177 60.75 28.81 0.44
C TYR A 177 60.74 30.29 0.86
N VAL A 178 61.89 30.78 1.25
CA VAL A 178 62.05 32.17 1.61
C VAL A 178 62.12 32.97 0.29
N THR A 179 61.14 33.79 -0.04
CA THR A 179 61.19 34.64 -1.22
C THR A 179 61.28 36.08 -0.72
N PRO A 180 61.94 36.95 -1.45
CA PRO A 180 62.15 38.35 -1.14
C PRO A 180 60.84 39.13 -0.93
N PHE A 181 59.78 38.74 -1.59
CA PHE A 181 58.46 39.35 -1.46
C PHE A 181 57.51 38.24 -0.99
N ILE A 182 56.57 38.61 -0.13
CA ILE A 182 55.55 37.82 0.46
C ILE A 182 54.27 38.64 0.52
N ASN A 183 53.15 38.13 -0.03
CA ASN A 183 51.90 38.84 -0.04
C ASN A 183 52.05 40.21 -0.67
N GLY A 184 52.90 40.44 -1.67
CA GLY A 184 53.03 41.74 -2.28
C GLY A 184 53.77 42.76 -1.44
N VAL A 185 54.48 42.36 -0.39
CA VAL A 185 55.26 43.23 0.45
C VAL A 185 56.63 42.60 0.71
N GLY A 186 57.63 43.44 1.01
CA GLY A 186 58.98 43.01 1.28
C GLY A 186 59.00 42.02 2.44
N ASN A 187 59.65 40.87 2.23
CA ASN A 187 59.73 39.85 3.28
C ASN A 187 60.86 40.14 4.24
N ILE A 188 60.78 41.27 4.95
CA ILE A 188 61.77 41.71 5.89
C ILE A 188 62.18 40.66 6.90
N LYS A 189 61.30 39.80 7.37
CA LYS A 189 61.72 38.81 8.36
C LYS A 189 62.31 37.56 7.73
N GLY A 190 62.36 37.44 6.42
CA GLY A 190 62.89 36.23 5.81
C GLY A 190 62.06 35.01 6.18
N GLN A 191 60.74 35.09 6.09
CA GLN A 191 59.94 33.93 6.45
C GLN A 191 59.81 33.00 5.24
N GLY A 192 59.51 31.74 5.51
CA GLY A 192 59.29 30.82 4.38
C GLY A 192 57.84 31.11 3.98
N VAL A 193 57.52 31.13 2.72
CA VAL A 193 56.19 31.41 2.23
C VAL A 193 55.45 30.10 1.96
N CYS A 194 54.67 29.63 2.92
CA CYS A 194 53.92 28.42 2.80
C CYS A 194 52.41 28.48 2.50
N CYS A 195 51.94 27.37 1.91
CA CYS A 195 50.55 27.14 1.65
C CYS A 195 50.30 25.74 1.05
N ASN A 196 49.09 25.29 1.37
CA ASN A 196 48.60 24.03 0.88
C ASN A 196 48.79 23.99 -0.64
N GLU A 197 49.09 22.79 -1.13
CA GLU A 197 49.31 22.72 -2.59
C GLU A 197 48.84 21.38 -3.15
N LEU A 198 48.24 21.39 -4.33
CA LEU A 198 47.79 20.21 -5.00
C LEU A 198 48.48 20.09 -6.37
N ASP A 199 49.48 19.20 -6.47
CA ASP A 199 50.14 19.07 -7.79
C ASP A 199 49.39 18.05 -8.60
N ILE A 200 48.63 18.53 -9.55
CA ILE A 200 47.82 17.64 -10.35
C ILE A 200 48.70 16.96 -11.41
N TRP A 201 49.61 17.74 -11.94
CA TRP A 201 50.50 17.34 -13.00
C TRP A 201 51.93 17.85 -12.89
N GLU A 202 52.88 16.96 -12.64
CA GLU A 202 54.30 17.32 -12.65
C GLU A 202 54.93 16.24 -13.58
N ALA A 203 55.30 16.68 -14.79
CA ALA A 203 55.83 15.72 -15.75
C ALA A 203 56.80 16.25 -16.80
N ASN A 204 57.25 15.26 -17.56
CA ASN A 204 58.10 15.39 -18.73
C ASN A 204 57.66 14.24 -19.64
N SER A 205 58.22 14.05 -20.82
CA SER A 205 57.76 12.97 -21.72
C SER A 205 58.13 11.59 -21.28
N ARG A 206 58.97 11.45 -20.27
CA ARG A 206 59.45 10.22 -19.70
C ARG A 206 58.78 9.77 -18.40
N ALA A 207 58.22 10.66 -17.59
CA ALA A 207 57.58 10.28 -16.33
C ALA A 207 56.54 11.32 -15.87
N THR A 208 55.49 10.89 -15.19
CA THR A 208 54.47 11.77 -14.68
C THR A 208 54.25 11.53 -13.17
N HIS A 209 53.87 12.63 -12.49
CA HIS A 209 53.68 12.58 -11.04
C HIS A 209 52.46 13.35 -10.60
N ILE A 210 51.78 12.86 -9.57
CA ILE A 210 50.63 13.47 -8.98
C ILE A 210 50.99 13.63 -7.49
N ALA A 211 50.62 14.76 -6.85
CA ALA A 211 50.90 14.86 -5.44
C ALA A 211 50.28 16.00 -4.66
N PRO A 212 49.33 15.65 -3.81
CA PRO A 212 48.66 16.55 -2.88
C PRO A 212 49.67 16.86 -1.79
N HIS A 213 49.84 18.10 -1.37
CA HIS A 213 50.72 18.44 -0.29
C HIS A 213 50.00 19.33 0.75
N PRO A 214 49.46 18.74 1.78
CA PRO A 214 48.76 19.39 2.84
C PRO A 214 49.63 20.23 3.75
N CYS A 215 49.03 21.26 4.32
CA CYS A 215 49.75 22.08 5.31
C CYS A 215 48.77 22.28 6.49
N SER A 216 49.26 22.31 7.73
CA SER A 216 48.35 22.51 8.85
C SER A 216 47.90 23.96 9.04
N LYS A 217 48.31 24.92 8.24
CA LYS A 217 47.87 26.30 8.36
C LYS A 217 47.16 26.66 7.07
N PRO A 218 45.98 27.21 7.17
CA PRO A 218 45.16 27.62 6.04
C PRO A 218 45.72 28.85 5.36
N GLY A 219 45.43 29.00 4.07
CA GLY A 219 45.93 30.18 3.35
C GLY A 219 47.46 30.26 3.40
N LEU A 220 47.98 31.45 3.12
CA LEU A 220 49.39 31.72 3.09
C LEU A 220 49.92 32.04 4.45
N TYR A 221 50.91 31.24 4.87
CA TYR A 221 51.52 31.43 6.17
C TYR A 221 53.02 31.63 6.09
N GLY A 222 53.48 32.72 6.68
CA GLY A 222 54.88 33.07 6.77
C GLY A 222 55.45 32.27 7.94
N CYS A 223 56.21 31.20 7.65
CA CYS A 223 56.74 30.34 8.69
C CYS A 223 58.07 30.86 9.17
N THR A 224 58.41 30.49 10.37
CA THR A 224 59.69 30.85 10.99
C THR A 224 60.35 29.62 11.57
N GLY A 225 61.65 29.55 11.52
CA GLY A 225 62.43 28.43 12.05
C GLY A 225 61.93 27.08 11.56
N ASP A 226 61.76 26.14 12.46
CA ASP A 226 61.29 24.81 12.21
C ASP A 226 59.90 24.67 11.63
N GLU A 227 59.16 25.77 11.61
CA GLU A 227 57.82 25.68 11.00
C GLU A 227 58.04 25.44 9.50
N CYS A 228 59.16 25.93 8.97
CA CYS A 228 59.51 25.78 7.59
C CYS A 228 60.16 24.45 7.18
N GLY A 229 60.55 23.59 8.09
CA GLY A 229 61.26 22.37 7.76
C GLY A 229 60.40 21.13 7.50
N SER A 230 61.07 19.98 7.42
CA SER A 230 60.53 18.66 7.19
C SER A 230 59.41 18.30 8.17
N SER A 231 59.61 18.63 9.44
CA SER A 231 58.62 18.40 10.49
C SER A 231 57.85 19.67 10.82
N GLY A 232 57.78 20.61 9.91
CA GLY A 232 57.10 21.87 10.10
C GLY A 232 55.64 21.82 9.70
N ILE A 233 55.12 22.92 9.17
CA ILE A 233 53.71 22.97 8.81
C ILE A 233 53.27 22.49 7.47
N CYS A 234 54.20 22.32 6.52
CA CYS A 234 53.83 21.85 5.20
C CYS A 234 54.49 20.53 4.83
N ASP A 235 53.77 19.70 4.09
CA ASP A 235 54.32 18.40 3.67
C ASP A 235 55.12 18.64 2.40
N LYS A 236 56.44 18.76 2.51
CA LYS A 236 57.30 19.02 1.36
C LYS A 236 57.24 17.90 0.31
N ALA A 237 57.31 16.64 0.79
CA ALA A 237 57.34 15.50 -0.13
C ALA A 237 56.00 15.25 -0.79
N GLY A 238 54.90 15.37 -0.02
CA GLY A 238 53.63 15.11 -0.69
C GLY A 238 53.35 13.60 -0.70
N CYS A 239 52.14 13.22 -1.09
CA CYS A 239 51.77 11.84 -1.21
C CYS A 239 51.80 11.59 -2.71
N GLY A 240 52.88 11.04 -3.25
CA GLY A 240 52.97 10.91 -4.68
C GLY A 240 52.37 9.69 -5.32
N TRP A 241 52.02 9.81 -6.58
CA TRP A 241 51.52 8.80 -7.46
C TRP A 241 52.23 8.99 -8.83
N ASN A 242 53.11 8.04 -9.06
CA ASN A 242 53.92 7.94 -10.30
C ASN A 242 53.87 6.46 -10.67
N HIS A 243 53.27 6.13 -11.79
CA HIS A 243 53.16 4.77 -12.25
C HIS A 243 54.45 3.98 -12.17
N ASN A 244 55.62 4.57 -12.41
CA ASN A 244 56.86 3.84 -12.30
C ASN A 244 57.14 3.41 -10.89
N ARG A 245 56.87 4.24 -9.93
CA ARG A 245 57.10 3.93 -8.51
C ARG A 245 56.19 2.82 -8.01
N ILE A 246 55.05 2.55 -8.60
CA ILE A 246 54.22 1.47 -8.11
C ILE A 246 54.35 0.28 -9.07
N ASN A 247 55.47 0.30 -9.80
CA ASN A 247 55.86 -0.73 -10.72
C ASN A 247 54.97 -1.02 -11.90
N VAL A 248 54.61 0.01 -12.65
CA VAL A 248 53.83 -0.13 -13.87
C VAL A 248 54.55 0.77 -14.88
N THR A 249 55.76 0.39 -15.27
CA THR A 249 56.64 1.12 -16.16
C THR A 249 56.25 1.23 -17.60
N ASP A 250 55.21 0.66 -18.12
CA ASP A 250 54.75 0.73 -19.49
C ASP A 250 53.49 1.59 -19.61
N PHE A 251 53.10 2.17 -18.47
CA PHE A 251 51.86 3.00 -18.50
C PHE A 251 52.07 4.27 -19.28
N TYR A 252 53.10 5.07 -18.93
CA TYR A 252 53.33 6.33 -19.66
C TYR A 252 54.74 6.53 -20.17
N GLY A 253 54.94 6.98 -21.41
CA GLY A 253 56.31 7.17 -21.89
C GLY A 253 56.26 7.55 -23.37
N ARG A 254 57.44 7.70 -23.97
CA ARG A 254 57.45 8.11 -25.38
C ARG A 254 57.24 6.89 -26.29
N GLY A 255 56.32 6.93 -27.21
CA GLY A 255 56.03 5.92 -28.15
C GLY A 255 54.92 4.91 -27.94
N LYS A 256 54.90 3.93 -28.87
CA LYS A 256 53.90 2.88 -28.88
C LYS A 256 54.03 1.87 -27.78
N GLN A 257 55.17 1.72 -27.11
CA GLN A 257 55.20 0.72 -26.04
C GLN A 257 54.55 1.14 -24.72
N TYR A 258 53.89 2.29 -24.66
CA TYR A 258 53.26 2.80 -23.46
C TYR A 258 51.77 2.97 -23.66
N LYS A 259 51.01 2.75 -22.61
CA LYS A 259 49.53 2.96 -22.73
C LYS A 259 49.20 4.40 -23.04
N VAL A 260 49.90 5.34 -22.40
CA VAL A 260 49.62 6.76 -22.71
C VAL A 260 50.92 7.18 -23.40
N ASP A 261 50.87 7.56 -24.66
CA ASP A 261 52.06 7.96 -25.41
C ASP A 261 52.34 9.46 -25.31
N SER A 262 53.37 9.80 -24.54
CA SER A 262 53.80 11.14 -24.29
C SER A 262 54.30 11.92 -25.48
N THR A 263 54.42 11.34 -26.67
CA THR A 263 54.87 12.10 -27.83
C THR A 263 53.65 12.65 -28.55
N ARG A 264 52.45 12.31 -28.10
CA ARG A 264 51.26 12.82 -28.79
C ARG A 264 50.28 13.41 -27.80
N LYS A 265 49.44 14.36 -28.22
CA LYS A 265 48.46 14.96 -27.34
C LYS A 265 47.59 13.91 -26.63
N PHE A 266 47.24 14.22 -25.39
CA PHE A 266 46.36 13.39 -24.60
C PHE A 266 45.62 14.24 -23.57
N THR A 267 44.53 13.70 -23.04
CA THR A 267 43.71 14.33 -22.05
C THR A 267 44.00 13.68 -20.69
N VAL A 268 44.04 14.55 -19.69
CA VAL A 268 44.27 14.18 -18.32
C VAL A 268 43.05 14.63 -17.49
N THR A 269 42.31 13.67 -16.96
CA THR A 269 41.11 13.89 -16.16
C THR A 269 41.38 13.48 -14.73
N SER A 270 41.13 14.39 -13.79
CA SER A 270 41.35 14.12 -12.37
C SER A 270 40.02 14.26 -11.62
N GLN A 271 39.68 13.34 -10.74
CA GLN A 271 38.41 13.37 -10.01
C GLN A 271 38.70 13.33 -8.52
N PHE A 272 38.18 14.35 -7.85
CA PHE A 272 38.40 14.54 -6.41
C PHE A 272 37.13 14.15 -5.66
N VAL A 273 37.02 12.92 -5.28
CA VAL A 273 35.87 12.34 -4.61
C VAL A 273 35.75 12.66 -3.15
N ALA A 274 34.54 13.14 -2.82
CA ALA A 274 34.30 13.46 -1.41
C ALA A 274 33.36 12.41 -0.78
N ASN A 275 33.45 12.26 0.53
CA ASN A 275 32.57 11.35 1.24
C ASN A 275 31.25 12.10 1.51
N LYS A 276 30.35 11.47 2.27
CA LYS A 276 29.06 12.08 2.64
C LYS A 276 29.22 13.43 3.34
N GLN A 277 30.23 13.60 4.20
CA GLN A 277 30.48 14.83 4.89
C GLN A 277 31.06 15.92 3.98
N GLY A 278 31.35 15.66 2.72
CA GLY A 278 31.91 16.68 1.84
C GLY A 278 33.45 16.73 2.02
N ASP A 279 34.03 15.78 2.73
CA ASP A 279 35.47 15.76 2.91
C ASP A 279 36.12 15.02 1.74
N LEU A 280 37.32 15.41 1.35
CA LEU A 280 38.01 14.73 0.25
C LEU A 280 38.45 13.35 0.73
N ILE A 281 38.20 12.29 -0.05
CA ILE A 281 38.66 11.00 0.43
C ILE A 281 39.57 10.33 -0.61
N GLU A 282 39.34 10.52 -1.89
CA GLU A 282 40.09 9.86 -2.93
C GLU A 282 40.47 10.67 -4.16
N LEU A 283 41.72 10.54 -4.62
CA LEU A 283 42.04 11.33 -5.86
C LEU A 283 42.11 10.37 -7.03
N HIS A 284 41.25 10.44 -8.04
CA HIS A 284 41.26 9.53 -9.15
C HIS A 284 41.80 10.21 -10.41
N ARG A 285 42.41 9.39 -11.28
CA ARG A 285 42.98 9.86 -12.51
C ARG A 285 42.73 8.90 -13.68
N HIS A 286 42.41 9.44 -14.85
CA HIS A 286 42.26 8.62 -16.04
C HIS A 286 42.68 9.50 -17.20
N TYR A 287 43.03 8.83 -18.31
CA TYR A 287 43.51 9.58 -19.48
C TYR A 287 42.64 9.29 -20.69
N ILE A 288 42.71 10.14 -21.71
CA ILE A 288 42.00 9.90 -22.94
C ILE A 288 43.01 10.17 -24.08
N GLN A 289 43.30 9.16 -24.87
CA GLN A 289 44.22 9.25 -25.99
C GLN A 289 43.58 8.45 -27.12
N ASP A 290 43.50 9.06 -28.29
CA ASP A 290 42.91 8.42 -29.46
C ASP A 290 41.47 8.08 -29.16
N ASN A 291 40.70 8.94 -28.51
CA ASN A 291 39.32 8.62 -28.21
C ASN A 291 39.09 7.36 -27.42
N LYS A 292 39.97 7.03 -26.48
CA LYS A 292 39.86 5.86 -25.64
C LYS A 292 40.15 6.26 -24.20
N VAL A 293 39.40 5.74 -23.24
CA VAL A 293 39.68 6.05 -21.85
C VAL A 293 40.77 5.09 -21.44
N ILE A 294 41.86 5.56 -20.88
CA ILE A 294 42.92 4.70 -20.40
C ILE A 294 42.83 4.91 -18.89
N GLU A 295 42.51 3.91 -18.13
CA GLU A 295 42.40 4.04 -16.69
C GLU A 295 43.79 3.90 -16.08
N SER A 296 43.94 4.43 -14.87
CA SER A 296 45.22 4.31 -14.20
C SER A 296 45.38 2.83 -13.85
N ALA A 297 46.59 2.39 -13.63
CA ALA A 297 46.84 1.02 -13.28
C ALA A 297 46.84 0.84 -11.77
N VAL A 298 46.45 -0.35 -11.33
CA VAL A 298 46.44 -0.66 -9.91
C VAL A 298 47.85 -0.78 -9.39
N VAL A 299 48.07 -0.54 -8.11
CA VAL A 299 49.42 -0.65 -7.53
C VAL A 299 49.99 -1.99 -7.90
N ASN A 300 51.26 -2.05 -8.29
CA ASN A 300 51.91 -3.28 -8.72
C ASN A 300 53.14 -3.59 -7.89
N ILE A 301 53.10 -3.17 -6.65
CA ILE A 301 54.15 -3.44 -5.68
C ILE A 301 53.40 -3.94 -4.42
N SER A 302 54.10 -4.59 -3.53
CA SER A 302 53.41 -5.12 -2.36
C SER A 302 53.50 -4.06 -1.29
N GLY A 303 52.45 -3.91 -0.49
CA GLY A 303 52.41 -2.90 0.57
C GLY A 303 51.08 -2.16 0.53
N PRO A 304 50.97 -1.23 -0.39
CA PRO A 304 49.79 -0.42 -0.62
C PRO A 304 48.62 -1.26 -1.08
N PRO A 305 47.42 -0.73 -0.90
CA PRO A 305 46.18 -1.38 -1.30
C PRO A 305 46.22 -1.54 -2.81
N LYS A 306 45.46 -2.44 -3.37
CA LYS A 306 45.44 -2.69 -4.79
C LYS A 306 44.41 -1.79 -5.43
N ILE A 307 44.78 -0.51 -5.52
CA ILE A 307 43.83 0.46 -6.09
C ILE A 307 44.58 1.29 -7.12
N ASN A 308 43.85 2.01 -7.95
CA ASN A 308 44.55 2.85 -8.94
C ASN A 308 44.36 4.35 -8.62
N PHE A 309 44.24 4.71 -7.34
CA PHE A 309 44.00 6.09 -6.95
C PHE A 309 44.58 6.44 -5.61
N ILE A 310 44.67 7.72 -5.27
CA ILE A 310 45.24 8.12 -3.99
C ILE A 310 44.21 8.15 -2.86
N ASN A 311 44.62 7.70 -1.68
CA ASN A 311 43.73 7.75 -0.52
C ASN A 311 44.63 7.70 0.70
N ASP A 312 44.10 7.89 1.89
CA ASP A 312 44.96 7.88 3.08
C ASP A 312 45.62 6.53 3.26
N LYS A 313 44.91 5.44 3.02
CA LYS A 313 45.49 4.10 3.19
C LYS A 313 46.72 4.00 2.28
N TYR A 314 46.52 4.32 1.00
CA TYR A 314 47.65 4.30 0.10
C TYR A 314 48.83 5.16 0.56
N CYS A 315 48.57 6.42 0.91
CA CYS A 315 49.58 7.35 1.33
C CYS A 315 50.37 6.89 2.54
N ALA A 316 49.62 6.35 3.50
CA ALA A 316 50.28 5.84 4.72
C ALA A 316 51.10 4.62 4.33
N ALA A 317 50.56 3.79 3.45
CA ALA A 317 51.28 2.57 3.05
C ALA A 317 52.51 2.92 2.20
N THR A 318 52.58 4.10 1.59
CA THR A 318 53.76 4.38 0.79
C THR A 318 54.72 5.29 1.54
N GLY A 319 54.58 5.47 2.85
CA GLY A 319 55.52 6.30 3.56
C GLY A 319 55.34 7.80 3.46
N ALA A 320 54.16 8.33 3.14
CA ALA A 320 54.01 9.79 3.12
C ALA A 320 53.72 10.13 4.58
N ASN A 321 54.69 10.18 5.45
CA ASN A 321 54.46 10.37 6.86
C ASN A 321 54.04 11.78 7.24
N GLU A 322 54.65 12.75 6.61
CA GLU A 322 54.30 14.15 6.89
C GLU A 322 52.89 14.45 6.41
N TYR A 323 52.55 13.85 5.28
CA TYR A 323 51.25 13.97 4.67
C TYR A 323 50.20 13.52 5.71
N MET A 324 50.37 12.32 6.24
CA MET A 324 49.47 11.77 7.25
C MET A 324 49.50 12.62 8.50
N ARG A 325 50.68 13.00 8.94
CA ARG A 325 50.86 13.80 10.13
C ARG A 325 50.15 15.15 10.03
N LEU A 326 50.13 15.82 8.90
CA LEU A 326 49.49 17.10 8.70
C LEU A 326 48.02 17.05 8.35
N GLY A 327 47.38 15.91 8.50
CA GLY A 327 45.97 15.79 8.23
C GLY A 327 45.55 15.05 6.99
N GLY A 328 46.50 14.53 6.23
CA GLY A 328 46.20 13.78 5.03
C GLY A 328 45.27 14.29 3.98
N THR A 329 44.51 13.40 3.36
CA THR A 329 43.58 13.78 2.29
C THR A 329 42.50 14.77 2.73
N LYS A 330 41.96 14.61 3.94
CA LYS A 330 40.95 15.55 4.40
C LYS A 330 41.53 16.96 4.50
N GLN A 331 42.71 17.13 5.10
CA GLN A 331 43.35 18.43 5.22
C GLN A 331 43.56 19.05 3.85
N MET A 332 43.92 18.22 2.87
CA MET A 332 44.15 18.71 1.50
C MET A 332 42.81 19.15 0.96
N GLY A 333 41.78 18.35 1.13
CA GLY A 333 40.45 18.75 0.61
C GLY A 333 39.92 20.03 1.29
N ASP A 334 40.25 20.33 2.55
CA ASP A 334 39.78 21.59 3.15
C ASP A 334 40.35 22.79 2.45
N ALA A 335 41.63 22.75 2.07
CA ALA A 335 42.25 23.82 1.32
C ALA A 335 41.57 23.89 -0.04
N MET A 336 41.33 22.75 -0.67
CA MET A 336 40.66 22.78 -1.97
C MET A 336 39.24 23.35 -1.84
N SER A 337 38.52 22.99 -0.78
CA SER A 337 37.15 23.52 -0.60
C SER A 337 37.22 25.04 -0.34
N ARG A 338 38.20 25.54 0.44
CA ARG A 338 38.28 26.98 0.58
C ARG A 338 38.57 27.66 -0.74
N GLY A 339 39.18 27.02 -1.74
CA GLY A 339 39.45 27.69 -3.01
C GLY A 339 40.96 27.89 -3.22
N MET A 340 41.46 27.52 -4.41
CA MET A 340 42.89 27.66 -4.65
C MET A 340 43.24 28.23 -6.02
N VAL A 341 44.46 28.71 -6.20
CA VAL A 341 44.86 29.28 -7.48
C VAL A 341 45.56 28.25 -8.37
N LEU A 342 45.21 28.32 -9.64
CA LEU A 342 45.80 27.49 -10.68
C LEU A 342 47.10 28.09 -11.18
N ALA A 343 48.20 27.34 -11.02
CA ALA A 343 49.52 27.74 -11.47
C ALA A 343 49.99 26.82 -12.59
N MET A 344 50.66 27.38 -13.59
CA MET A 344 51.22 26.55 -14.67
C MET A 344 52.68 27.00 -14.87
N SER A 345 53.58 26.03 -14.98
CA SER A 345 54.97 26.40 -15.19
C SER A 345 55.82 25.39 -15.94
N VAL A 346 57.02 25.84 -16.33
CA VAL A 346 58.01 25.01 -16.98
C VAL A 346 59.36 25.35 -16.29
N TRP A 347 60.04 24.30 -15.89
CA TRP A 347 61.32 24.48 -15.24
C TRP A 347 62.22 23.23 -15.26
N TRP A 348 63.46 23.45 -14.87
CA TRP A 348 64.44 22.39 -14.79
C TRP A 348 65.18 22.59 -13.46
N SER A 349 66.04 21.69 -13.09
CA SER A 349 66.77 21.83 -11.86
C SER A 349 68.25 21.50 -11.99
N GLU A 350 69.03 22.55 -11.89
CA GLU A 350 70.49 22.51 -11.91
C GLU A 350 70.98 21.73 -10.71
N GLY A 351 70.17 21.60 -9.65
CA GLY A 351 70.50 20.94 -8.45
C GLY A 351 70.20 19.51 -8.23
N ASP A 352 69.21 18.89 -8.83
CA ASP A 352 68.94 17.48 -8.58
C ASP A 352 68.47 16.86 -9.89
N PHE A 353 68.33 17.69 -10.91
CA PHE A 353 67.96 17.29 -12.25
C PHE A 353 66.58 16.64 -12.35
N MET A 354 65.69 16.93 -11.38
CA MET A 354 64.37 16.36 -11.34
C MET A 354 64.49 14.82 -11.21
N ALA A 355 65.51 14.29 -10.55
CA ALA A 355 65.67 12.85 -10.39
C ALA A 355 64.46 12.17 -9.72
N TRP A 356 63.81 12.86 -8.77
CA TRP A 356 62.67 12.39 -8.03
C TRP A 356 61.48 12.15 -8.96
N LEU A 357 61.45 12.75 -10.13
CA LEU A 357 60.40 12.56 -11.09
C LEU A 357 60.68 11.51 -12.16
N ASP A 358 61.91 11.42 -12.70
CA ASP A 358 62.17 10.48 -13.77
C ASP A 358 63.37 9.57 -13.74
N GLN A 359 64.01 9.25 -12.66
CA GLN A 359 65.16 8.38 -12.52
C GLN A 359 64.93 7.27 -11.50
N GLY A 360 65.72 6.20 -11.63
CA GLY A 360 65.68 5.07 -10.72
C GLY A 360 64.28 4.49 -10.73
N VAL A 361 63.65 4.39 -9.56
CA VAL A 361 62.29 3.90 -9.52
C VAL A 361 61.29 4.90 -10.06
N ALA A 362 61.65 6.18 -10.26
CA ALA A 362 60.64 7.11 -10.76
C ALA A 362 60.59 7.14 -12.28
N GLY A 363 61.56 6.55 -12.94
CA GLY A 363 61.51 6.58 -14.41
C GLY A 363 62.79 6.10 -15.08
N PRO A 364 62.85 6.27 -16.37
CA PRO A 364 63.89 5.76 -17.23
C PRO A 364 65.12 6.60 -17.54
N CYS A 365 65.30 7.74 -16.92
CA CYS A 365 66.40 8.61 -17.16
C CYS A 365 67.67 8.25 -16.41
N ASP A 366 68.80 8.49 -17.09
CA ASP A 366 70.05 8.17 -16.37
C ASP A 366 70.31 9.34 -15.40
N ALA A 367 71.46 9.32 -14.78
CA ALA A 367 71.81 10.33 -13.81
C ALA A 367 72.36 11.62 -14.39
N THR A 368 72.51 11.80 -15.68
CA THR A 368 73.07 13.03 -16.16
C THR A 368 72.30 13.57 -17.35
N GLU A 369 71.51 12.80 -18.09
CA GLU A 369 70.85 13.43 -19.24
C GLU A 369 69.94 14.59 -18.85
N GLY A 370 69.43 14.61 -17.64
CA GLY A 370 68.52 15.61 -17.16
C GLY A 370 69.20 16.89 -16.73
N ASP A 371 70.53 16.88 -16.82
CA ASP A 371 71.29 18.08 -16.49
C ASP A 371 70.88 19.04 -17.61
N PRO A 372 70.60 20.27 -17.22
CA PRO A 372 70.19 21.37 -18.11
C PRO A 372 71.11 21.53 -19.30
N LYS A 373 72.39 21.35 -19.14
CA LYS A 373 73.43 21.34 -20.16
C LYS A 373 73.16 20.22 -21.21
N ASN A 374 72.75 19.06 -20.71
CA ASN A 374 72.42 17.93 -21.61
C ASN A 374 71.02 18.10 -22.15
N ILE A 375 70.12 18.63 -21.30
CA ILE A 375 68.73 18.83 -21.76
C ILE A 375 68.71 19.58 -23.06
N VAL A 376 69.47 20.69 -23.14
CA VAL A 376 69.47 21.46 -24.39
C VAL A 376 70.05 20.71 -25.56
N LYS A 377 70.83 19.66 -25.32
CA LYS A 377 71.38 18.84 -26.40
C LYS A 377 70.28 17.95 -26.93
N VAL A 378 69.55 17.34 -25.98
CA VAL A 378 68.42 16.50 -26.43
C VAL A 378 67.37 17.36 -27.09
N GLN A 379 67.00 18.47 -26.45
CA GLN A 379 65.94 19.30 -27.05
C GLN A 379 66.30 20.74 -26.76
N PRO A 380 66.66 21.42 -27.83
CA PRO A 380 67.12 22.80 -27.80
C PRO A 380 66.08 23.75 -27.23
N ASN A 381 64.79 23.56 -27.50
CA ASN A 381 63.77 24.44 -26.95
C ASN A 381 62.68 23.69 -26.22
N PRO A 382 62.98 23.27 -25.01
CA PRO A 382 62.01 22.56 -24.21
C PRO A 382 60.77 23.45 -24.06
N GLU A 383 59.58 22.86 -24.22
CA GLU A 383 58.36 23.62 -24.08
C GLU A 383 57.19 22.67 -23.78
N VAL A 384 56.07 23.24 -23.35
CA VAL A 384 54.87 22.46 -23.04
C VAL A 384 53.64 23.30 -23.32
N THR A 385 52.59 22.71 -23.85
CA THR A 385 51.34 23.42 -24.12
C THR A 385 50.23 22.76 -23.30
N PHE A 386 49.57 23.51 -22.43
CA PHE A 386 48.45 23.01 -21.66
C PHE A 386 47.22 23.65 -22.34
N SER A 387 46.15 22.90 -22.57
CA SER A 387 45.01 23.54 -23.21
C SER A 387 43.72 22.88 -22.77
N ASN A 388 42.63 23.43 -23.28
CA ASN A 388 41.32 22.90 -22.99
C ASN A 388 41.03 22.58 -21.55
N ILE A 389 41.22 23.55 -20.66
CA ILE A 389 40.95 23.34 -19.24
C ILE A 389 39.43 23.39 -19.03
N ARG A 390 38.91 22.33 -18.42
CA ARG A 390 37.50 22.11 -18.17
C ARG A 390 37.27 21.72 -16.72
N ILE A 391 36.48 22.46 -15.98
CA ILE A 391 36.22 22.16 -14.57
C ILE A 391 34.73 21.91 -14.38
N GLY A 392 34.33 20.93 -13.56
CA GLY A 392 32.88 20.71 -13.47
C GLY A 392 32.50 19.41 -12.81
N GLU A 393 31.21 19.04 -12.95
CA GLU A 393 30.82 17.82 -12.25
C GLU A 393 31.56 16.58 -12.78
N ILE A 394 31.77 15.69 -11.83
CA ILE A 394 32.46 14.43 -12.11
C ILE A 394 31.64 13.74 -13.20
N GLY A 395 32.28 13.39 -14.28
CA GLY A 395 31.62 12.72 -15.40
C GLY A 395 31.29 13.70 -16.51
N SER A 396 31.57 14.98 -16.32
CA SER A 396 31.18 15.88 -17.40
C SER A 396 32.29 16.64 -18.09
N THR A 397 33.55 16.54 -17.64
CA THR A 397 34.56 17.35 -18.33
C THR A 397 35.28 16.71 -19.49
N SER A 398 35.22 15.40 -19.70
CA SER A 398 35.96 14.80 -20.82
C SER A 398 35.16 13.68 -21.47
N THR B 2 -9.74 42.17 17.45
CA THR B 2 -10.50 43.05 16.60
C THR B 2 -10.08 42.91 15.14
N PRO B 3 -11.07 42.56 14.35
CA PRO B 3 -10.91 42.34 12.94
C PRO B 3 -10.49 43.64 12.27
N ASP B 4 -9.69 43.54 11.25
CA ASP B 4 -9.27 44.70 10.47
C ASP B 4 -10.39 44.88 9.44
N LYS B 5 -10.16 45.71 8.45
CA LYS B 5 -11.20 45.94 7.48
C LYS B 5 -10.96 45.21 6.18
N ALA B 6 -10.00 44.30 6.11
CA ALA B 6 -9.74 43.53 4.89
C ALA B 6 -10.93 42.62 4.56
N LYS B 7 -11.20 42.41 3.30
CA LYS B 7 -12.34 41.57 2.94
C LYS B 7 -12.16 40.09 3.31
N GLU B 8 -13.25 39.51 3.79
CA GLU B 8 -13.27 38.10 4.17
C GLU B 8 -14.00 37.42 3.03
N GLN B 9 -13.34 36.51 2.33
CA GLN B 9 -14.09 35.87 1.21
C GLN B 9 -14.23 34.40 1.55
N HIS B 10 -15.26 34.07 2.30
CA HIS B 10 -15.44 32.68 2.71
C HIS B 10 -15.79 31.81 1.49
N PRO B 11 -15.13 30.70 1.36
CA PRO B 11 -15.43 29.71 0.33
C PRO B 11 -16.87 29.25 0.50
N LYS B 12 -17.59 29.11 -0.60
CA LYS B 12 -18.96 28.66 -0.62
C LYS B 12 -19.00 27.12 -0.60
N LEU B 13 -20.00 26.51 0.00
CA LEU B 13 -20.10 25.06 0.02
C LEU B 13 -21.57 24.66 -0.04
N GLU B 14 -21.87 23.88 -1.05
CA GLU B 14 -23.24 23.37 -1.21
C GLU B 14 -23.43 22.19 -0.25
N THR B 15 -24.53 22.16 0.51
CA THR B 15 -24.88 21.12 1.43
C THR B 15 -26.35 20.76 1.25
N TYR B 16 -26.92 19.69 1.80
CA TYR B 16 -28.29 19.30 1.55
C TYR B 16 -29.08 18.98 2.80
N ARG B 17 -30.39 19.20 2.73
CA ARG B 17 -31.30 18.87 3.84
C ARG B 17 -32.24 17.84 3.19
N CYS B 18 -32.46 16.71 3.83
CA CYS B 18 -33.23 15.67 3.20
C CYS B 18 -34.35 15.03 3.99
N THR B 19 -35.39 14.65 3.27
CA THR B 19 -36.51 13.93 3.90
C THR B 19 -36.86 12.75 2.99
N LYS B 20 -37.41 11.69 3.52
CA LYS B 20 -37.80 10.54 2.71
C LYS B 20 -38.84 10.98 1.69
N ALA B 21 -39.78 11.83 2.07
CA ALA B 21 -40.82 12.31 1.17
C ALA B 21 -40.35 13.27 0.10
N SER B 22 -39.47 14.23 0.40
CA SER B 22 -39.07 15.15 -0.66
C SER B 22 -37.65 14.99 -1.15
N GLY B 23 -36.87 14.06 -0.60
CA GLY B 23 -35.50 13.96 -1.11
C GLY B 23 -34.56 15.00 -0.49
N CYS B 24 -33.44 15.25 -1.15
CA CYS B 24 -32.43 16.17 -0.69
C CYS B 24 -32.49 17.51 -1.41
N LYS B 25 -32.64 18.58 -0.63
CA LYS B 25 -32.72 19.91 -1.20
C LYS B 25 -31.40 20.59 -0.96
N LYS B 26 -30.87 21.19 -1.98
CA LYS B 26 -29.62 21.91 -1.93
C LYS B 26 -29.70 23.17 -1.06
N GLN B 27 -28.65 23.60 -0.41
CA GLN B 27 -28.57 24.79 0.41
C GLN B 27 -27.18 25.41 0.29
N THR B 28 -27.13 26.71 0.36
CA THR B 28 -25.87 27.39 0.34
C THR B 28 -25.39 27.64 1.77
N ASN B 29 -24.16 27.21 2.03
CA ASN B 29 -23.47 27.40 3.28
C ASN B 29 -22.10 28.01 2.92
N TYR B 30 -21.35 28.45 3.94
CA TYR B 30 -20.05 29.03 3.76
C TYR B 30 -19.10 28.36 4.75
N ILE B 31 -17.80 28.38 4.41
CA ILE B 31 -16.79 27.77 5.26
C ILE B 31 -15.96 28.89 5.87
N VAL B 32 -15.64 28.79 7.16
CA VAL B 32 -14.85 29.84 7.77
C VAL B 32 -13.66 29.20 8.48
N ALA B 33 -12.47 29.79 8.28
CA ALA B 33 -11.27 29.26 8.92
C ALA B 33 -11.29 29.63 10.40
N ASP B 34 -10.62 28.87 11.26
CA ASP B 34 -10.60 29.24 12.66
C ASP B 34 -10.06 30.68 12.81
N ALA B 35 -10.39 31.35 13.90
CA ALA B 35 -9.94 32.70 14.15
C ALA B 35 -8.40 32.80 14.06
N GLY B 36 -7.69 31.93 14.74
CA GLY B 36 -6.23 31.86 14.74
C GLY B 36 -5.58 31.81 13.35
N ILE B 37 -6.13 31.10 12.40
CA ILE B 37 -5.62 30.98 11.05
C ILE B 37 -5.69 32.28 10.34
N HIS B 38 -6.65 33.15 10.67
CA HIS B 38 -6.79 34.46 10.06
C HIS B 38 -5.52 35.27 10.34
N GLY B 39 -4.92 35.04 11.48
CA GLY B 39 -3.72 35.77 11.85
C GLY B 39 -4.16 36.89 12.86
N ILE B 40 -3.72 36.75 14.07
CA ILE B 40 -4.03 37.66 15.15
C ILE B 40 -2.71 38.26 15.65
N ARG B 41 -2.48 39.55 15.40
CA ARG B 41 -1.21 40.13 15.83
C ARG B 41 -1.30 41.56 16.37
N GLN B 42 -0.24 41.87 17.12
CA GLN B 42 -0.02 43.21 17.63
C GLN B 42 0.45 44.06 16.46
N LYS B 43 0.58 45.35 16.68
CA LYS B 43 0.97 46.33 15.68
C LYS B 43 2.46 46.23 15.37
N ASN B 44 3.26 45.71 16.28
CA ASN B 44 4.69 45.58 15.97
C ASN B 44 4.97 44.17 15.40
N GLY B 45 3.90 43.58 14.85
CA GLY B 45 3.96 42.27 14.26
C GLY B 45 4.09 41.16 15.27
N ALA B 46 4.29 41.35 16.56
CA ALA B 46 4.33 40.20 17.45
C ALA B 46 2.92 39.53 17.48
N GLY B 47 2.87 38.31 18.03
CA GLY B 47 1.62 37.58 18.10
C GLY B 47 0.93 37.82 19.44
N CYS B 48 -0.30 37.33 19.58
CA CYS B 48 -0.99 37.53 20.85
C CYS B 48 -1.00 36.34 21.76
N GLY B 49 -0.19 35.33 21.46
CA GLY B 49 -0.12 34.20 22.38
C GLY B 49 -0.26 32.89 21.62
N ASP B 50 0.36 31.86 22.17
CA ASP B 50 0.37 30.55 21.60
C ASP B 50 -0.58 29.57 22.28
N TRP B 51 -0.95 28.60 21.42
CA TRP B 51 -1.82 27.53 21.86
C TRP B 51 -1.31 27.01 23.17
N GLY B 52 -2.16 26.70 24.13
CA GLY B 52 -1.72 26.16 25.41
C GLY B 52 -1.47 27.20 26.46
N GLN B 53 -1.52 28.49 26.12
CA GLN B 53 -1.24 29.56 27.05
C GLN B 53 -2.25 30.72 27.05
N LYS B 54 -2.05 31.57 28.08
CA LYS B 54 -2.85 32.81 28.12
C LYS B 54 -2.24 33.72 27.06
N PRO B 55 -3.01 34.75 26.73
CA PRO B 55 -2.61 35.72 25.69
C PRO B 55 -1.47 36.57 26.21
N ASN B 56 -0.78 37.24 25.33
CA ASN B 56 0.35 38.11 25.57
C ASN B 56 0.01 39.07 26.71
N ALA B 57 0.76 38.88 27.81
CA ALA B 57 0.57 39.70 28.99
C ALA B 57 0.80 41.18 28.75
N THR B 58 1.51 41.60 27.72
CA THR B 58 1.68 43.03 27.53
C THR B 58 0.57 43.58 26.67
N ALA B 59 0.12 42.86 25.65
CA ALA B 59 -0.93 43.31 24.76
C ALA B 59 -2.29 43.03 25.40
N CYS B 60 -2.33 42.10 26.35
CA CYS B 60 -3.55 41.69 27.01
C CYS B 60 -3.55 41.55 28.50
N PRO B 61 -3.33 42.66 29.22
CA PRO B 61 -3.35 42.70 30.67
C PRO B 61 -4.78 42.52 31.17
N ASP B 62 -5.75 42.83 30.31
CA ASP B 62 -7.15 42.74 30.53
C ASP B 62 -7.83 42.61 29.15
N GLU B 63 -9.14 42.28 29.13
CA GLU B 63 -9.86 42.08 27.90
C GLU B 63 -9.97 43.21 26.91
N ALA B 64 -10.17 44.41 27.47
CA ALA B 64 -10.36 45.58 26.63
C ALA B 64 -9.02 45.92 25.96
N SER B 65 -7.95 45.78 26.73
CA SER B 65 -6.61 46.07 26.14
C SER B 65 -6.35 44.99 25.09
N CYS B 66 -6.60 43.73 25.47
CA CYS B 66 -6.45 42.62 24.53
C CYS B 66 -7.16 42.83 23.23
N ALA B 67 -8.38 43.31 23.28
CA ALA B 67 -9.21 43.54 22.11
C ALA B 67 -8.64 44.68 21.28
N LYS B 68 -8.09 45.67 22.00
CA LYS B 68 -7.54 46.80 21.24
C LYS B 68 -6.22 46.44 20.56
N ASN B 69 -5.37 45.76 21.30
CA ASN B 69 -4.05 45.42 20.82
C ASN B 69 -3.92 44.24 19.87
N CYS B 70 -4.88 43.32 19.88
CA CYS B 70 -4.76 42.16 18.98
C CYS B 70 -5.70 42.28 17.80
N ILE B 71 -5.15 42.45 16.60
CA ILE B 71 -5.89 42.59 15.37
C ILE B 71 -5.94 41.24 14.64
N LEU B 72 -7.07 40.96 14.04
CA LEU B 72 -7.29 39.72 13.31
C LEU B 72 -7.47 40.16 11.89
N SER B 73 -6.68 39.53 10.99
CA SER B 73 -6.82 39.99 9.61
C SER B 73 -7.82 39.23 8.81
N GLY B 74 -8.64 39.91 8.07
CA GLY B 74 -9.63 39.26 7.22
C GLY B 74 -8.87 38.36 6.25
N MET B 75 -9.60 37.39 5.64
CA MET B 75 -8.98 36.46 4.70
C MET B 75 -9.68 36.48 3.35
N ASP B 76 -8.93 36.85 2.31
CA ASP B 76 -9.56 36.88 0.97
C ASP B 76 -9.48 35.46 0.41
N SER B 77 -9.93 35.18 -0.81
CA SER B 77 -9.88 33.79 -1.29
C SER B 77 -8.48 33.20 -1.27
N ASN B 78 -7.53 33.99 -1.69
CA ASN B 78 -6.13 33.70 -1.75
C ASN B 78 -5.58 33.31 -0.40
N ALA B 79 -6.00 34.03 0.63
CA ALA B 79 -5.57 33.73 1.99
C ALA B 79 -6.14 32.33 2.34
N TYR B 80 -7.36 32.07 1.90
CA TYR B 80 -7.98 30.77 2.17
C TYR B 80 -7.18 29.69 1.45
N LYS B 81 -7.01 29.90 0.15
CA LYS B 81 -6.20 28.98 -0.64
C LYS B 81 -4.84 28.76 -0.01
N ASN B 82 -4.15 29.82 0.47
CA ASN B 82 -2.87 29.62 1.09
C ASN B 82 -2.90 29.01 2.47
N ALA B 83 -4.10 28.92 3.04
CA ALA B 83 -4.33 28.34 4.35
C ALA B 83 -4.67 26.86 4.16
N GLY B 84 -4.78 26.40 2.93
CA GLY B 84 -5.05 25.03 2.58
C GLY B 84 -6.54 24.72 2.46
N ILE B 85 -7.33 25.76 2.20
CA ILE B 85 -8.77 25.59 2.15
C ILE B 85 -9.37 26.03 0.85
N THR B 86 -10.08 25.17 0.13
CA THR B 86 -10.69 25.55 -1.15
C THR B 86 -11.99 24.76 -1.22
N THR B 87 -12.95 25.16 -2.04
CA THR B 87 -14.19 24.42 -2.11
C THR B 87 -14.60 24.39 -3.58
N SER B 88 -15.41 23.43 -3.97
CA SER B 88 -15.89 23.37 -5.34
C SER B 88 -17.27 22.69 -5.26
N GLY B 89 -18.29 23.42 -5.62
CA GLY B 89 -19.66 22.87 -5.56
C GLY B 89 -19.88 22.39 -4.12
N ASN B 90 -20.10 21.10 -3.92
CA ASN B 90 -20.34 20.56 -2.61
C ASN B 90 -19.10 19.94 -1.96
N LYS B 91 -17.92 20.23 -2.50
CA LYS B 91 -16.71 19.65 -1.96
C LYS B 91 -15.81 20.65 -1.21
N LEU B 92 -15.18 20.21 -0.16
CA LEU B 92 -14.28 20.94 0.66
C LEU B 92 -12.93 20.22 0.70
N ARG B 93 -11.92 20.91 0.18
CA ARG B 93 -10.59 20.29 0.15
C ARG B 93 -9.69 20.90 1.19
N LEU B 94 -9.12 20.06 2.05
CA LEU B 94 -8.23 20.55 3.07
C LEU B 94 -6.83 20.00 2.84
N GLN B 95 -5.85 20.86 2.67
CA GLN B 95 -4.46 20.47 2.47
C GLN B 95 -3.62 20.68 3.70
N GLN B 96 -2.81 19.70 4.09
CA GLN B 96 -1.99 19.91 5.28
C GLN B 96 -0.87 20.94 5.04
N LEU B 97 -0.32 21.04 3.81
CA LEU B 97 0.79 21.95 3.53
C LEU B 97 0.56 22.64 2.21
N ILE B 98 1.01 23.88 2.15
CA ILE B 98 0.89 24.74 0.96
C ILE B 98 2.29 25.33 0.82
N ASN B 99 2.79 25.43 -0.41
CA ASN B 99 4.12 25.95 -0.70
C ASN B 99 5.12 25.60 0.39
N ASN B 100 5.23 24.33 0.82
CA ASN B 100 6.14 23.91 1.86
C ASN B 100 5.87 24.41 3.27
N GLN B 101 4.69 24.98 3.54
CA GLN B 101 4.42 25.35 4.92
C GLN B 101 3.23 24.58 5.49
N LEU B 102 3.43 24.25 6.75
CA LEU B 102 2.40 23.57 7.52
C LEU B 102 1.17 24.48 7.68
N VAL B 103 0.08 24.28 6.97
CA VAL B 103 -1.10 25.11 7.18
C VAL B 103 -2.14 24.41 8.07
N SER B 104 -2.31 23.08 7.99
CA SER B 104 -3.22 22.25 8.77
C SER B 104 -4.50 22.93 9.21
N PRO B 105 -5.37 23.27 8.29
CA PRO B 105 -6.58 23.98 8.54
C PRO B 105 -7.67 23.33 9.38
N ARG B 106 -8.40 24.17 10.12
CA ARG B 106 -9.58 23.80 10.88
C ARG B 106 -10.63 24.85 10.51
N VAL B 107 -11.75 24.41 9.95
CA VAL B 107 -12.82 25.25 9.47
C VAL B 107 -14.19 24.86 10.02
N TYR B 108 -15.16 25.80 9.99
CA TYR B 108 -16.48 25.64 10.55
C TYR B 108 -17.52 25.95 9.49
N LEU B 109 -18.73 25.39 9.61
CA LEU B 109 -19.78 25.64 8.66
C LEU B 109 -20.62 26.85 9.04
N LEU B 110 -20.75 27.83 8.18
CA LEU B 110 -21.54 29.02 8.41
C LEU B 110 -22.91 28.98 7.72
N GLU B 111 -23.89 29.62 8.34
CA GLU B 111 -25.22 29.74 7.74
C GLU B 111 -25.01 30.59 6.49
N GLU B 112 -25.96 30.57 5.55
CA GLU B 112 -25.83 31.37 4.37
C GLU B 112 -25.57 32.85 4.66
N ASN B 113 -26.04 33.47 5.70
CA ASN B 113 -25.82 34.86 6.05
C ASN B 113 -24.41 35.15 6.54
N LYS B 114 -23.61 34.14 6.81
CA LYS B 114 -22.26 34.25 7.28
C LYS B 114 -22.10 34.83 8.67
N LYS B 115 -23.14 35.22 9.37
CA LYS B 115 -23.05 35.82 10.70
C LYS B 115 -23.14 34.79 11.81
N LYS B 116 -23.58 33.59 11.47
CA LYS B 116 -23.69 32.60 12.52
C LYS B 116 -23.38 31.18 12.02
N TYR B 117 -22.91 30.35 12.94
CA TYR B 117 -22.63 28.99 12.55
C TYR B 117 -23.94 28.27 12.26
N GLU B 118 -23.95 27.34 11.31
CA GLU B 118 -25.10 26.55 10.98
C GLU B 118 -25.24 25.56 12.13
N MET B 119 -26.17 25.69 13.05
CA MET B 119 -26.29 24.79 14.20
C MET B 119 -27.00 23.53 13.79
N LEU B 120 -26.40 22.37 14.00
CA LEU B 120 -27.00 21.10 13.62
C LEU B 120 -27.53 20.41 14.86
N HIS B 121 -28.76 19.94 14.73
CA HIS B 121 -29.42 19.25 15.86
C HIS B 121 -29.48 17.80 15.40
N LEU B 122 -28.48 17.00 15.70
CA LEU B 122 -28.48 15.64 15.17
C LEU B 122 -29.23 14.55 15.90
N THR B 123 -29.56 14.69 17.18
CA THR B 123 -30.29 13.60 17.84
C THR B 123 -31.54 13.22 17.06
N GLY B 124 -31.73 11.92 16.77
CA GLY B 124 -32.89 11.46 16.02
C GLY B 124 -32.76 11.66 14.54
N THR B 125 -31.62 12.11 14.02
CA THR B 125 -31.49 12.35 12.60
C THR B 125 -30.31 11.58 12.00
N GLU B 126 -30.11 11.78 10.72
CA GLU B 126 -29.02 11.11 10.00
C GLU B 126 -28.07 12.12 9.35
N PHE B 127 -26.80 11.76 9.27
CA PHE B 127 -25.79 12.62 8.66
C PHE B 127 -24.88 11.82 7.74
N SER B 128 -24.76 12.26 6.49
CA SER B 128 -23.91 11.60 5.55
C SER B 128 -22.94 12.55 4.85
N PHE B 129 -21.74 12.01 4.58
CA PHE B 129 -20.76 12.74 3.79
C PHE B 129 -19.96 11.73 2.95
N ASP B 130 -19.38 12.23 1.87
CA ASP B 130 -18.51 11.44 1.00
C ASP B 130 -17.11 11.95 1.36
N VAL B 131 -16.15 11.05 1.35
CA VAL B 131 -14.78 11.41 1.71
C VAL B 131 -13.76 10.73 0.81
N GLU B 132 -12.63 11.37 0.60
CA GLU B 132 -11.53 10.91 -0.22
C GLU B 132 -10.32 10.85 0.70
N MET B 133 -9.98 9.68 1.15
CA MET B 133 -8.90 9.46 2.07
C MET B 133 -7.61 8.92 1.51
N GLU B 134 -7.50 8.63 0.22
CA GLU B 134 -6.25 8.04 -0.25
C GLU B 134 -4.98 8.76 0.18
N LYS B 135 -4.96 10.09 0.15
CA LYS B 135 -3.79 10.85 0.51
C LYS B 135 -3.52 11.08 1.96
N LEU B 136 -4.01 10.22 2.85
CA LEU B 136 -3.77 10.31 4.25
C LEU B 136 -3.20 9.02 4.81
N PRO B 137 -1.89 9.01 5.01
CA PRO B 137 -1.12 7.92 5.56
C PRO B 137 -1.16 7.87 7.07
N CYS B 138 -0.53 6.84 7.64
CA CYS B 138 -0.38 6.69 9.06
C CYS B 138 0.00 8.04 9.69
N GLY B 139 -0.52 8.30 10.89
CA GLY B 139 -0.14 9.55 11.56
C GLY B 139 -0.96 10.78 11.19
N MET B 140 -1.66 10.78 10.08
CA MET B 140 -2.49 11.91 9.68
C MET B 140 -3.88 11.69 10.30
N ASN B 141 -4.60 12.81 10.45
CA ASN B 141 -5.96 12.83 10.95
C ASN B 141 -6.77 13.83 10.13
N GLY B 142 -7.70 13.35 9.36
CA GLY B 142 -8.65 14.09 8.53
C GLY B 142 -9.95 13.98 9.38
N ALA B 143 -10.41 15.07 10.02
CA ALA B 143 -11.55 15.02 10.89
C ALA B 143 -12.78 15.85 10.53
N LEU B 144 -13.91 15.23 10.74
CA LEU B 144 -15.24 15.80 10.54
C LEU B 144 -15.91 15.54 11.92
N TYR B 145 -16.19 16.62 12.62
CA TYR B 145 -16.78 16.48 13.95
C TYR B 145 -17.63 17.70 14.32
N LEU B 146 -18.21 17.62 15.50
CA LEU B 146 -19.10 18.67 15.98
C LEU B 146 -18.67 19.08 17.37
N SER B 147 -18.75 20.38 17.58
CA SER B 147 -18.43 20.95 18.89
C SER B 147 -19.56 21.91 19.30
N GLU B 148 -19.94 21.98 20.56
CA GLU B 148 -21.00 22.87 21.01
C GLU B 148 -20.40 24.28 21.36
N MET B 149 -20.06 24.94 20.28
CA MET B 149 -19.48 26.26 20.22
C MET B 149 -20.64 27.27 20.17
N PRO B 150 -20.42 28.48 20.62
CA PRO B 150 -21.44 29.53 20.62
C PRO B 150 -21.76 29.84 19.17
N GLN B 151 -23.02 29.91 18.83
CA GLN B 151 -23.44 30.16 17.44
C GLN B 151 -22.96 31.48 16.88
N ASP B 152 -22.75 32.46 17.75
CA ASP B 152 -22.29 33.79 17.27
C ASP B 152 -20.81 33.92 17.56
N GLY B 153 -20.10 32.84 17.90
CA GLY B 153 -18.67 32.90 18.17
C GLY B 153 -18.33 33.52 19.50
N GLY B 154 -19.32 33.73 20.40
CA GLY B 154 -19.06 34.26 21.72
C GLY B 154 -19.28 35.76 21.85
N LYS B 155 -19.64 36.40 20.76
CA LYS B 155 -19.89 37.81 20.64
C LYS B 155 -20.83 38.38 21.72
N SER B 156 -21.93 37.71 22.00
CA SER B 156 -22.86 38.18 23.03
C SER B 156 -22.31 38.07 24.43
N THR B 157 -21.23 37.33 24.72
CA THR B 157 -20.75 37.22 26.08
C THR B 157 -20.03 38.47 26.59
N SER B 158 -19.65 39.39 25.70
CA SER B 158 -18.87 40.50 26.18
C SER B 158 -18.85 41.62 25.17
N ARG B 159 -18.60 42.81 25.71
CA ARG B 159 -18.56 43.98 24.82
C ARG B 159 -17.23 44.02 24.07
N ASN B 160 -16.20 43.31 24.54
CA ASN B 160 -14.92 43.21 23.90
C ASN B 160 -14.84 42.11 22.84
N SER B 161 -15.84 41.22 22.72
CA SER B 161 -15.85 40.13 21.74
C SER B 161 -16.35 40.67 20.44
N LYS B 162 -15.56 40.67 19.38
CA LYS B 162 -16.00 41.21 18.11
C LYS B 162 -15.85 40.27 16.91
N ALA B 163 -14.94 39.29 16.99
CA ALA B 163 -14.75 38.44 15.78
C ALA B 163 -16.01 37.73 15.40
N GLY B 164 -16.73 37.06 16.30
CA GLY B 164 -17.94 36.36 15.96
C GLY B 164 -17.63 35.11 15.13
N ALA B 165 -18.67 34.48 14.61
CA ALA B 165 -18.58 33.29 13.80
C ALA B 165 -18.04 33.64 12.42
N TYR B 166 -18.31 34.88 12.00
CA TYR B 166 -17.90 35.38 10.71
C TYR B 166 -16.39 35.23 10.53
N TYR B 167 -15.61 35.35 11.57
CA TYR B 167 -14.17 35.22 11.59
C TYR B 167 -13.67 33.99 12.33
N GLY B 168 -14.52 33.00 12.56
CA GLY B 168 -14.11 31.77 13.20
C GLY B 168 -13.76 31.80 14.64
N ALA B 169 -14.38 32.71 15.41
CA ALA B 169 -14.11 32.72 16.87
C ALA B 169 -14.95 31.67 17.59
N GLY B 170 -14.64 31.40 18.84
CA GLY B 170 -15.42 30.50 19.64
C GLY B 170 -15.17 29.01 19.71
N TYR B 171 -14.03 28.56 19.20
CA TYR B 171 -13.73 27.16 19.20
C TYR B 171 -13.64 26.61 20.61
N CYS B 172 -14.07 25.35 20.75
CA CYS B 172 -13.95 24.68 22.02
C CYS B 172 -14.02 23.19 21.66
N ASP B 173 -13.63 22.31 22.56
CA ASP B 173 -13.77 20.87 22.27
C ASP B 173 -13.62 20.18 23.61
N ALA B 174 -13.75 18.86 23.64
CA ALA B 174 -13.70 18.15 24.92
C ALA B 174 -12.33 17.97 25.51
N GLN B 175 -11.27 18.50 24.92
CA GLN B 175 -9.96 18.37 25.59
C GLN B 175 -9.78 19.53 26.57
N CYS B 176 -10.62 20.55 26.54
CA CYS B 176 -10.50 21.68 27.48
C CYS B 176 -9.13 22.34 27.44
N TYR B 177 -8.53 22.51 26.26
CA TYR B 177 -7.23 23.11 26.12
C TYR B 177 -7.27 24.61 26.46
N VAL B 178 -6.15 25.11 27.02
CA VAL B 178 -6.04 26.52 27.30
C VAL B 178 -5.65 27.21 26.00
N THR B 179 -6.51 28.05 25.43
CA THR B 179 -6.17 28.79 24.21
C THR B 179 -6.15 30.28 24.62
N PRO B 180 -5.35 31.06 23.95
CA PRO B 180 -5.14 32.45 24.21
C PRO B 180 -6.40 33.28 24.12
N PHE B 181 -7.33 32.89 23.26
CA PHE B 181 -8.61 33.54 23.09
C PHE B 181 -9.68 32.50 23.43
N ILE B 182 -10.75 32.96 24.01
CA ILE B 182 -11.92 32.24 24.46
C ILE B 182 -13.15 33.11 24.21
N ASN B 183 -14.14 32.58 23.49
CA ASN B 183 -15.34 33.32 23.17
C ASN B 183 -15.01 34.64 22.50
N GLY B 184 -13.95 34.77 21.70
CA GLY B 184 -13.66 36.01 21.00
C GLY B 184 -13.05 37.06 21.89
N VAL B 185 -12.62 36.72 23.11
CA VAL B 185 -11.96 37.64 24.02
C VAL B 185 -10.70 36.99 24.59
N GLY B 186 -9.77 37.83 25.07
CA GLY B 186 -8.52 37.38 25.63
C GLY B 186 -8.78 36.47 26.81
N ASN B 187 -8.16 35.29 26.86
CA ASN B 187 -8.35 34.37 27.96
C ASN B 187 -7.42 34.68 29.10
N ILE B 188 -7.59 35.87 29.66
CA ILE B 188 -6.78 36.36 30.78
C ILE B 188 -6.60 35.39 31.92
N LYS B 189 -7.62 34.60 32.28
CA LYS B 189 -7.44 33.66 33.36
C LYS B 189 -6.79 32.34 32.97
N GLY B 190 -6.48 32.13 31.71
CA GLY B 190 -5.90 30.85 31.30
C GLY B 190 -6.83 29.69 31.60
N GLN B 191 -8.11 29.80 31.24
CA GLN B 191 -9.01 28.67 31.52
C GLN B 191 -8.93 27.68 30.33
N GLY B 192 -9.35 26.46 30.61
CA GLY B 192 -9.36 25.47 29.54
C GLY B 192 -10.68 25.76 28.84
N VAL B 193 -10.74 25.69 27.54
CA VAL B 193 -11.96 25.97 26.79
C VAL B 193 -12.66 24.65 26.43
N CYS B 194 -13.65 24.29 27.25
CA CYS B 194 -14.41 23.10 27.07
C CYS B 194 -15.82 23.14 26.50
N CYS B 195 -16.20 22.02 25.89
CA CYS B 195 -17.53 21.83 25.35
C CYS B 195 -17.70 20.40 24.78
N ASN B 196 -18.95 19.99 24.88
CA ASN B 196 -19.39 18.71 24.39
C ASN B 196 -18.88 18.56 22.95
N GLU B 197 -18.55 17.31 22.62
CA GLU B 197 -18.04 17.12 21.24
C GLU B 197 -18.43 15.75 20.69
N LEU B 198 -18.81 15.70 19.44
CA LEU B 198 -19.18 14.50 18.74
C LEU B 198 -18.23 14.25 17.57
N ASP B 199 -17.25 13.38 17.73
CA ASP B 199 -16.34 13.09 16.60
C ASP B 199 -16.95 12.02 15.73
N ILE B 200 -17.52 12.44 14.63
CA ILE B 200 -18.16 11.51 13.72
C ILE B 200 -17.11 10.73 12.91
N TRP B 201 -16.08 11.46 12.53
CA TRP B 201 -15.00 10.93 11.71
C TRP B 201 -13.61 11.40 12.05
N GLU B 202 -12.78 10.52 12.56
CA GLU B 202 -11.36 10.82 12.81
C GLU B 202 -10.58 9.68 12.11
N ALA B 203 -9.97 9.99 10.98
CA ALA B 203 -9.30 8.97 10.21
C ALA B 203 -8.12 9.39 9.35
N ASN B 204 -7.56 8.32 8.77
CA ASN B 204 -6.51 8.37 7.77
C ASN B 204 -6.81 7.16 6.87
N SER B 205 -6.05 6.85 5.84
CA SER B 205 -6.35 5.72 4.95
C SER B 205 -6.13 4.36 5.57
N ARG B 206 -5.52 4.28 6.73
CA ARG B 206 -5.25 3.04 7.44
C ARG B 206 -6.15 2.76 8.62
N ALA B 207 -6.81 3.71 9.24
CA ALA B 207 -7.71 3.46 10.37
C ALA B 207 -8.77 4.57 10.53
N THR B 208 -9.96 4.20 11.00
CA THR B 208 -11.02 5.15 11.25
C THR B 208 -11.54 5.04 12.70
N HIS B 209 -11.97 6.20 13.21
CA HIS B 209 -12.47 6.26 14.58
C HIS B 209 -13.73 7.11 14.74
N ILE B 210 -14.63 6.70 15.62
CA ILE B 210 -15.86 7.37 15.93
C ILE B 210 -15.80 7.64 17.43
N ALA B 211 -16.26 8.81 17.89
CA ALA B 211 -16.26 9.02 19.33
C ALA B 211 -16.97 10.25 19.89
N PRO B 212 -18.10 9.98 20.52
CA PRO B 212 -18.90 10.98 21.23
C PRO B 212 -18.13 11.35 22.50
N HIS B 213 -17.96 12.59 22.86
CA HIS B 213 -17.30 12.99 24.07
C HIS B 213 -18.18 13.98 24.88
N PRO B 214 -18.96 13.47 25.80
CA PRO B 214 -19.85 14.23 26.65
C PRO B 214 -19.13 15.10 27.66
N CYS B 215 -19.82 16.21 28.02
CA CYS B 215 -19.27 17.09 29.07
C CYS B 215 -20.43 17.40 30.02
N SER B 216 -20.17 17.52 31.32
CA SER B 216 -21.31 17.82 32.21
C SER B 216 -21.74 19.29 32.21
N LYS B 217 -21.15 20.18 31.46
CA LYS B 217 -21.54 21.57 31.39
C LYS B 217 -21.94 21.86 29.93
N PRO B 218 -23.08 22.47 29.78
CA PRO B 218 -23.65 22.82 28.48
C PRO B 218 -22.94 23.98 27.83
N GLY B 219 -22.94 24.01 26.50
CA GLY B 219 -22.25 25.11 25.82
C GLY B 219 -20.77 25.15 26.20
N LEU B 220 -20.15 26.31 25.94
CA LEU B 220 -18.74 26.55 26.19
C LEU B 220 -18.48 26.95 27.62
N TYR B 221 -17.62 26.17 28.28
CA TYR B 221 -17.31 26.42 29.66
C TYR B 221 -15.81 26.56 29.89
N GLY B 222 -15.45 27.71 30.47
CA GLY B 222 -14.06 27.99 30.81
C GLY B 222 -13.80 27.25 32.12
N CYS B 223 -13.04 26.16 32.07
CA CYS B 223 -12.76 25.39 33.26
C CYS B 223 -11.51 25.90 33.96
N THR B 224 -11.45 25.60 35.24
CA THR B 224 -10.31 25.96 36.08
C THR B 224 -9.83 24.76 36.88
N GLY B 225 -8.53 24.66 37.07
CA GLY B 225 -7.95 23.56 37.83
C GLY B 225 -8.42 22.20 37.32
N ASP B 226 -8.81 21.33 38.25
CA ASP B 226 -9.26 19.98 38.01
C ASP B 226 -10.49 19.85 37.15
N GLU B 227 -11.18 20.97 36.91
CA GLU B 227 -12.37 20.89 36.05
C GLU B 227 -11.86 20.52 34.64
N CYS B 228 -10.64 20.93 34.30
CA CYS B 228 -10.01 20.67 33.04
C CYS B 228 -9.33 19.31 32.87
N GLY B 229 -9.19 18.48 33.89
CA GLY B 229 -8.48 17.22 33.78
C GLY B 229 -9.31 16.01 33.47
N SER B 230 -8.70 14.83 33.62
CA SER B 230 -9.25 13.52 33.38
C SER B 230 -10.53 13.26 34.12
N SER B 231 -10.58 13.68 35.38
CA SER B 231 -11.77 13.55 36.21
C SER B 231 -12.56 14.87 36.31
N GLY B 232 -12.38 15.75 35.32
CA GLY B 232 -13.04 17.03 35.28
C GLY B 232 -14.38 16.98 34.58
N ILE B 233 -14.74 18.04 33.89
CA ILE B 233 -16.06 18.09 33.26
C ILE B 233 -16.21 17.52 31.89
N CYS B 234 -15.12 17.28 31.15
CA CYS B 234 -15.26 16.70 29.81
C CYS B 234 -14.61 15.35 29.70
N ASP B 235 -15.20 14.49 28.88
CA ASP B 235 -14.62 13.14 28.68
C ASP B 235 -13.55 13.27 27.60
N LYS B 236 -12.28 13.38 27.96
CA LYS B 236 -11.21 13.51 26.97
C LYS B 236 -11.10 12.31 26.05
N ALA B 237 -11.17 11.11 26.62
CA ALA B 237 -11.01 9.89 25.79
C ALA B 237 -12.21 9.62 24.89
N GLY B 238 -13.41 9.81 25.39
CA GLY B 238 -14.56 9.55 24.53
C GLY B 238 -14.87 8.06 24.53
N CYS B 239 -16.02 7.70 23.96
CA CYS B 239 -16.39 6.29 23.86
C CYS B 239 -16.07 5.92 22.40
N GLY B 240 -14.90 5.35 22.15
CA GLY B 240 -14.51 5.09 20.76
C GLY B 240 -15.04 3.84 20.10
N TRP B 241 -15.11 3.84 18.78
CA TRP B 241 -15.49 2.81 17.88
C TRP B 241 -14.53 2.88 16.67
N ASN B 242 -13.62 1.88 16.72
CA ASN B 242 -12.61 1.68 15.69
C ASN B 242 -12.65 0.18 15.40
N HIS B 243 -13.06 -0.23 14.22
CA HIS B 243 -13.12 -1.64 13.85
C HIS B 243 -11.90 -2.44 14.21
N ASN B 244 -10.68 -1.90 14.16
CA ASN B 244 -9.49 -2.65 14.59
C ASN B 244 -9.54 -2.99 16.05
N ARG B 245 -9.96 -2.06 16.89
CA ARG B 245 -10.03 -2.28 18.33
C ARG B 245 -11.07 -3.32 18.72
N ILE B 246 -12.10 -3.57 17.92
CA ILE B 246 -13.05 -4.62 18.32
C ILE B 246 -12.79 -5.90 17.49
N ASN B 247 -11.56 -6.02 16.98
CA ASN B 247 -11.02 -7.11 16.24
C ASN B 247 -11.60 -7.44 14.88
N VAL B 248 -11.81 -6.43 14.07
CA VAL B 248 -12.33 -6.66 12.71
C VAL B 248 -11.38 -5.85 11.81
N THR B 249 -10.12 -6.29 11.72
CA THR B 249 -9.08 -5.63 10.98
C THR B 249 -9.16 -5.61 9.47
N ASP B 250 -10.12 -6.19 8.81
CA ASP B 250 -10.28 -6.22 7.36
C ASP B 250 -11.44 -5.37 6.92
N PHE B 251 -12.04 -4.70 7.90
CA PHE B 251 -13.19 -3.81 7.59
C PHE B 251 -12.74 -2.60 6.79
N TYR B 252 -11.77 -1.83 7.29
CA TYR B 252 -11.37 -0.62 6.55
C TYR B 252 -9.87 -0.50 6.29
N GLY B 253 -9.44 -0.13 5.06
CA GLY B 253 -7.97 -0.03 4.90
C GLY B 253 -7.69 0.23 3.42
N ARG B 254 -6.40 0.32 3.08
CA ARG B 254 -6.11 0.61 1.65
C ARG B 254 -6.16 -0.66 0.80
N GLY B 255 -6.88 -0.69 -0.29
CA GLY B 255 -7.03 -1.75 -1.18
C GLY B 255 -8.21 -2.69 -1.19
N LYS B 256 -8.08 -3.76 -2.00
CA LYS B 256 -9.12 -4.76 -2.13
C LYS B 256 -9.24 -5.68 -0.95
N GLN B 257 -8.27 -5.80 -0.04
CA GLN B 257 -8.50 -6.73 1.08
C GLN B 257 -9.40 -6.23 2.20
N TYR B 258 -9.99 -5.05 2.04
CA TYR B 258 -10.82 -4.41 3.03
C TYR B 258 -12.23 -4.22 2.52
N LYS B 259 -13.22 -4.33 3.41
CA LYS B 259 -14.60 -4.11 2.97
C LYS B 259 -14.82 -2.68 2.49
N VAL B 260 -14.22 -1.73 3.21
CA VAL B 260 -14.36 -0.31 2.74
C VAL B 260 -12.94 0.03 2.31
N ASP B 261 -12.73 0.33 1.07
CA ASP B 261 -11.39 0.63 0.52
C ASP B 261 -11.06 2.10 0.63
N SER B 262 -10.16 2.45 1.53
CA SER B 262 -9.76 3.81 1.78
C SER B 262 -9.02 4.47 0.64
N THR B 263 -8.69 3.79 -0.46
CA THR B 263 -7.97 4.43 -1.55
C THR B 263 -8.98 4.98 -2.53
N ARG B 264 -10.26 4.73 -2.30
CA ARG B 264 -11.26 5.21 -3.25
C ARG B 264 -12.41 5.93 -2.54
N LYS B 265 -13.08 6.85 -3.20
CA LYS B 265 -14.20 7.53 -2.58
C LYS B 265 -15.24 6.58 -1.98
N PHE B 266 -15.81 7.00 -0.88
CA PHE B 266 -16.87 6.26 -0.23
C PHE B 266 -17.77 7.21 0.57
N THR B 267 -18.97 6.72 0.91
CA THR B 267 -19.95 7.43 1.67
C THR B 267 -19.99 6.88 3.10
N VAL B 268 -20.09 7.81 4.02
CA VAL B 268 -20.15 7.59 5.46
C VAL B 268 -21.49 8.11 5.99
N THR B 269 -22.38 7.23 6.39
CA THR B 269 -23.70 7.52 6.90
C THR B 269 -23.73 7.22 8.40
N SER B 270 -24.17 8.17 9.21
CA SER B 270 -24.23 8.03 10.65
C SER B 270 -25.68 8.28 11.11
N GLN B 271 -26.23 7.43 11.95
CA GLN B 271 -27.61 7.56 12.39
C GLN B 271 -27.61 7.60 13.91
N PHE B 272 -28.20 8.67 14.41
CA PHE B 272 -28.29 8.96 15.83
C PHE B 272 -29.72 8.71 16.32
N VAL B 273 -29.95 7.48 16.75
CA VAL B 273 -31.23 6.97 17.21
C VAL B 273 -31.63 7.43 18.59
N ALA B 274 -32.85 7.97 18.64
CA ALA B 274 -33.36 8.42 19.95
C ALA B 274 -34.46 7.46 20.43
N ASN B 275 -34.65 7.41 21.75
CA ASN B 275 -35.71 6.56 22.30
C ASN B 275 -37.01 7.38 22.27
N LYS B 276 -38.06 6.82 22.87
CA LYS B 276 -39.37 7.49 22.92
C LYS B 276 -39.33 8.87 23.57
N GLN B 277 -38.52 9.06 24.61
CA GLN B 277 -38.32 10.35 25.23
C GLN B 277 -37.53 11.35 24.39
N GLY B 278 -37.02 11.02 23.19
CA GLY B 278 -36.23 11.93 22.39
C GLY B 278 -34.77 11.95 22.88
N ASP B 279 -34.38 11.02 23.76
CA ASP B 279 -33.00 11.01 24.23
C ASP B 279 -32.18 10.14 23.28
N LEU B 280 -30.89 10.47 23.12
CA LEU B 280 -30.03 9.69 22.25
C LEU B 280 -29.78 8.33 22.90
N ILE B 281 -29.92 7.23 22.17
CA ILE B 281 -29.57 5.97 22.84
C ILE B 281 -28.51 5.20 22.02
N GLU B 282 -28.47 5.34 20.69
CA GLU B 282 -27.56 4.55 19.88
C GLU B 282 -26.89 5.25 18.73
N LEU B 283 -25.57 5.09 18.55
CA LEU B 283 -24.98 5.75 17.35
C LEU B 283 -24.74 4.70 16.28
N HIS B 284 -25.37 4.73 15.12
CA HIS B 284 -25.17 3.73 14.09
C HIS B 284 -24.35 4.26 12.92
N ARG B 285 -23.63 3.38 12.27
CA ARG B 285 -22.76 3.75 11.13
C ARG B 285 -22.80 2.71 10.00
N HIS B 286 -22.87 3.17 8.77
CA HIS B 286 -22.82 2.24 7.64
C HIS B 286 -22.13 3.02 6.51
N TYR B 287 -21.60 2.27 5.55
CA TYR B 287 -20.87 2.92 4.46
C TYR B 287 -21.47 2.53 3.13
N ILE B 288 -21.17 3.29 2.08
CA ILE B 288 -21.62 3.02 0.75
C ILE B 288 -20.39 3.18 -0.19
N GLN B 289 -20.01 2.07 -0.81
CA GLN B 289 -18.88 2.07 -1.74
C GLN B 289 -19.31 1.21 -2.92
N ASP B 290 -19.12 1.72 -4.13
CA ASP B 290 -19.49 1.01 -5.33
C ASP B 290 -20.97 0.68 -5.31
N ASN B 291 -21.81 1.63 -4.89
CA ASN B 291 -23.25 1.40 -4.84
C ASN B 291 -23.69 0.20 -4.02
N LYS B 292 -23.04 -0.07 -2.91
CA LYS B 292 -23.35 -1.16 -2.03
C LYS B 292 -23.35 -0.66 -0.59
N VAL B 293 -24.29 -1.13 0.20
CA VAL B 293 -24.31 -0.72 1.61
C VAL B 293 -23.35 -1.66 2.32
N ILE B 294 -22.40 -1.17 3.06
CA ILE B 294 -21.47 -2.02 3.79
C ILE B 294 -21.83 -1.68 5.23
N GLU B 295 -22.36 -2.63 5.96
CA GLU B 295 -22.75 -2.37 7.34
C GLU B 295 -21.53 -2.51 8.23
N SER B 296 -21.61 -1.90 9.40
CA SER B 296 -20.49 -2.00 10.32
C SER B 296 -20.47 -3.46 10.80
N ALA B 297 -19.33 -3.91 11.29
CA ALA B 297 -19.25 -5.27 11.77
C ALA B 297 -19.51 -5.33 13.27
N VAL B 298 -20.04 -6.46 13.70
CA VAL B 298 -20.37 -6.67 15.12
C VAL B 298 -19.10 -6.77 15.92
N VAL B 299 -19.14 -6.42 17.21
CA VAL B 299 -17.94 -6.53 18.05
C VAL B 299 -17.38 -7.94 17.90
N ASN B 300 -16.05 -8.06 17.77
CA ASN B 300 -15.41 -9.33 17.58
C ASN B 300 -14.38 -9.64 18.66
N ILE B 301 -14.65 -9.12 19.84
CA ILE B 301 -13.86 -9.35 21.02
C ILE B 301 -14.86 -9.74 22.11
N SER B 302 -14.35 -10.33 23.18
CA SER B 302 -15.30 -10.75 24.24
C SER B 302 -15.38 -9.61 25.24
N GLY B 303 -16.59 -9.39 25.76
CA GLY B 303 -16.83 -8.32 26.72
C GLY B 303 -18.09 -7.53 26.32
N PRO B 304 -17.92 -6.69 25.31
CA PRO B 304 -18.97 -5.83 24.82
C PRO B 304 -20.08 -6.64 24.21
N PRO B 305 -21.26 -6.06 24.12
CA PRO B 305 -22.41 -6.72 23.53
C PRO B 305 -22.05 -7.01 22.09
N LYS B 306 -22.73 -7.92 21.42
CA LYS B 306 -22.46 -8.26 20.03
C LYS B 306 -23.33 -7.37 19.15
N ILE B 307 -22.90 -6.13 19.05
CA ILE B 307 -23.67 -5.18 18.22
C ILE B 307 -22.67 -4.45 17.34
N ASN B 308 -23.18 -3.76 16.32
CA ASN B 308 -22.27 -3.01 15.45
C ASN B 308 -22.46 -1.50 15.59
N PHE B 309 -22.86 -1.06 16.80
CA PHE B 309 -23.10 0.37 17.04
C PHE B 309 -22.78 0.80 18.44
N ILE B 310 -22.68 2.12 18.69
CA ILE B 310 -22.36 2.57 20.06
C ILE B 310 -23.62 2.72 20.92
N ASN B 311 -23.47 2.35 22.19
CA ASN B 311 -24.58 2.52 23.15
C ASN B 311 -23.93 2.55 24.53
N ASP B 312 -24.68 2.85 25.56
CA ASP B 312 -24.09 2.89 26.91
C ASP B 312 -23.56 1.53 27.33
N LYS B 313 -24.29 0.45 27.02
CA LYS B 313 -23.78 -0.89 27.38
C LYS B 313 -22.40 -1.08 26.76
N TYR B 314 -22.32 -0.85 25.43
CA TYR B 314 -21.00 -1.00 24.79
C TYR B 314 -19.92 -0.14 25.43
N CYS B 315 -20.20 1.15 25.64
CA CYS B 315 -19.25 2.11 26.18
C CYS B 315 -18.74 1.72 27.56
N ALA B 316 -19.69 1.28 28.39
CA ALA B 316 -19.30 0.84 29.73
C ALA B 316 -18.47 -0.44 29.60
N ALA B 317 -18.88 -1.33 28.68
CA ALA B 317 -18.13 -2.58 28.52
C ALA B 317 -16.75 -2.33 27.94
N THR B 318 -16.51 -1.21 27.27
CA THR B 318 -15.17 -1.03 26.71
C THR B 318 -14.34 -0.11 27.59
N GLY B 319 -14.75 0.16 28.82
CA GLY B 319 -13.92 1.04 29.67
C GLY B 319 -14.03 2.54 29.43
N ALA B 320 -15.10 3.06 28.82
CA ALA B 320 -15.16 4.54 28.67
C ALA B 320 -15.75 4.99 30.01
N ASN B 321 -14.95 5.06 31.05
CA ASN B 321 -15.48 5.39 32.37
C ASN B 321 -15.88 6.83 32.53
N GLU B 322 -15.10 7.74 31.99
CA GLU B 322 -15.46 9.18 32.10
C GLU B 322 -16.72 9.46 31.32
N TYR B 323 -16.84 8.80 30.18
CA TYR B 323 -18.01 8.88 29.30
C TYR B 323 -19.24 8.56 30.13
N MET B 324 -19.26 7.40 30.77
CA MET B 324 -20.36 6.96 31.61
C MET B 324 -20.58 7.90 32.80
N ARG B 325 -19.49 8.29 33.44
CA ARG B 325 -19.52 9.18 34.59
C ARG B 325 -20.13 10.51 34.23
N LEU B 326 -19.88 11.08 33.07
CA LEU B 326 -20.40 12.37 32.70
C LEU B 326 -21.77 12.36 32.06
N GLY B 327 -22.50 11.25 32.16
CA GLY B 327 -23.82 11.14 31.60
C GLY B 327 -24.00 10.32 30.35
N GLY B 328 -22.92 9.72 29.81
CA GLY B 328 -23.00 8.90 28.64
C GLY B 328 -23.70 9.37 27.39
N THR B 329 -24.36 8.43 26.69
CA THR B 329 -25.04 8.75 25.42
C THR B 329 -26.14 9.78 25.57
N LYS B 330 -26.91 9.75 26.66
CA LYS B 330 -27.97 10.75 26.85
C LYS B 330 -27.37 12.17 26.99
N GLN B 331 -26.32 12.32 27.79
CA GLN B 331 -25.68 13.61 27.93
C GLN B 331 -25.17 14.12 26.59
N MET B 332 -24.62 13.20 25.76
CA MET B 332 -24.09 13.61 24.45
C MET B 332 -25.27 14.00 23.60
N GLY B 333 -26.36 13.25 23.65
CA GLY B 333 -27.52 13.66 22.81
C GLY B 333 -28.12 15.01 23.27
N ASP B 334 -28.04 15.40 24.54
CA ASP B 334 -28.62 16.70 24.93
C ASP B 334 -27.85 17.84 24.29
N ALA B 335 -26.52 17.71 24.20
CA ALA B 335 -25.71 18.74 23.52
C ALA B 335 -26.06 18.72 22.05
N MET B 336 -26.26 17.53 21.46
CA MET B 336 -26.64 17.46 20.04
C MET B 336 -28.02 18.08 19.85
N SER B 337 -28.97 17.84 20.78
CA SER B 337 -30.30 18.42 20.63
C SER B 337 -30.20 19.95 20.77
N ARG B 338 -29.40 20.47 21.69
CA ARG B 338 -29.28 21.92 21.76
C ARG B 338 -28.71 22.50 20.48
N GLY B 339 -27.92 21.75 19.68
CA GLY B 339 -27.38 22.35 18.45
C GLY B 339 -25.86 22.48 18.54
N MET B 340 -25.15 22.03 17.49
CA MET B 340 -23.70 22.06 17.55
C MET B 340 -23.05 22.53 16.24
N VAL B 341 -21.80 22.93 16.29
CA VAL B 341 -21.09 23.42 15.12
C VAL B 341 -20.26 22.31 14.44
N LEU B 342 -20.36 22.29 13.13
CA LEU B 342 -19.63 21.35 12.30
C LEU B 342 -18.21 21.89 12.02
N ALA B 343 -17.23 21.11 12.45
CA ALA B 343 -15.83 21.46 12.24
C ALA B 343 -15.17 20.41 11.34
N MET B 344 -14.27 20.87 10.44
CA MET B 344 -13.56 19.95 9.58
C MET B 344 -12.08 20.36 9.64
N SER B 345 -11.21 19.34 9.78
CA SER B 345 -9.79 19.68 9.85
C SER B 345 -8.85 18.59 9.35
N VAL B 346 -7.60 18.97 9.18
CA VAL B 346 -6.51 18.09 8.80
C VAL B 346 -5.33 18.40 9.76
N TRP B 347 -4.78 17.38 10.35
CA TRP B 347 -3.65 17.58 11.23
C TRP B 347 -2.84 16.30 11.47
N TRP B 348 -1.69 16.54 12.12
CA TRP B 348 -0.79 15.41 12.44
C TRP B 348 -0.30 15.72 13.86
N SER B 349 0.41 14.78 14.45
CA SER B 349 0.88 15.01 15.80
C SER B 349 2.34 14.64 16.03
N GLU B 350 3.14 15.68 16.21
CA GLU B 350 4.57 15.58 16.48
C GLU B 350 4.73 14.88 17.80
N GLY B 351 3.76 14.92 18.72
CA GLY B 351 3.81 14.33 20.03
C GLY B 351 3.39 12.91 20.26
N ASP B 352 2.52 12.28 19.46
CA ASP B 352 2.18 10.88 19.78
C ASP B 352 1.95 10.17 18.45
N PHE B 353 2.07 10.93 17.36
CA PHE B 353 1.94 10.44 16.00
C PHE B 353 0.57 9.85 15.66
N MET B 354 -0.48 10.21 16.39
CA MET B 354 -1.82 9.67 16.19
C MET B 354 -1.81 8.18 16.46
N ALA B 355 -0.96 7.66 17.37
CA ALA B 355 -0.90 6.23 17.66
C ALA B 355 -2.24 5.66 18.10
N TRP B 356 -3.04 6.42 18.82
CA TRP B 356 -4.32 6.00 19.36
C TRP B 356 -5.29 5.70 18.24
N LEU B 357 -5.06 6.24 17.05
CA LEU B 357 -5.90 6.04 15.91
C LEU B 357 -5.46 4.87 14.98
N ASP B 358 -4.17 4.71 14.73
CA ASP B 358 -3.74 3.70 13.78
C ASP B 358 -2.60 2.76 14.13
N GLN B 359 -2.21 2.48 15.33
CA GLN B 359 -1.14 1.60 15.77
C GLN B 359 -1.64 0.59 16.80
N GLY B 360 -0.87 -0.49 16.89
CA GLY B 360 -1.15 -1.56 17.86
C GLY B 360 -2.52 -2.10 17.61
N VAL B 361 -3.39 -2.10 18.62
CA VAL B 361 -4.75 -2.55 18.42
C VAL B 361 -5.60 -1.55 17.62
N ALA B 362 -5.13 -0.32 17.40
CA ALA B 362 -5.97 0.63 16.64
C ALA B 362 -5.71 0.54 15.16
N GLY B 363 -4.64 -0.12 14.74
CA GLY B 363 -4.40 -0.21 13.30
C GLY B 363 -3.06 -0.81 12.94
N PRO B 364 -2.72 -0.72 11.68
CA PRO B 364 -1.56 -1.32 11.08
C PRO B 364 -0.28 -0.54 10.97
N CYS B 365 -0.18 0.63 11.59
CA CYS B 365 1.01 1.45 11.48
C CYS B 365 2.08 1.11 12.50
N ASP B 366 3.34 1.27 12.05
CA ASP B 366 4.40 0.96 13.04
C ASP B 366 4.50 2.19 13.95
N ALA B 367 5.50 2.20 14.81
CA ALA B 367 5.72 3.27 15.75
C ALA B 367 6.40 4.49 15.21
N THR B 368 6.83 4.55 13.95
CA THR B 368 7.53 5.74 13.50
C THR B 368 7.06 6.21 12.16
N GLU B 369 6.42 5.39 11.34
CA GLU B 369 6.02 5.96 10.03
C GLU B 369 5.07 7.14 10.13
N GLY B 370 4.31 7.29 11.22
CA GLY B 370 3.37 8.38 11.44
C GLY B 370 4.03 9.67 11.89
N ASP B 371 5.36 9.61 12.06
CA ASP B 371 6.11 10.79 12.46
C ASP B 371 5.95 11.70 11.26
N PRO B 372 5.65 12.97 11.47
CA PRO B 372 5.47 13.98 10.46
C PRO B 372 6.62 14.00 9.48
N LYS B 373 7.85 13.78 9.92
CA LYS B 373 9.05 13.69 9.12
C LYS B 373 8.93 12.52 8.11
N ASN B 374 8.39 11.39 8.59
CA ASN B 374 8.21 10.22 7.72
C ASN B 374 6.95 10.37 6.90
N ILE B 375 5.91 11.00 7.51
CA ILE B 375 4.65 11.21 6.76
C ILE B 375 4.95 11.86 5.43
N VAL B 376 5.72 12.96 5.42
CA VAL B 376 6.01 13.64 4.15
C VAL B 376 6.81 12.77 3.19
N LYS B 377 7.50 11.73 3.67
CA LYS B 377 8.21 10.81 2.78
C LYS B 377 7.17 9.94 2.10
N VAL B 378 6.25 9.37 2.91
CA VAL B 378 5.22 8.56 2.28
C VAL B 378 4.35 9.41 1.39
N GLN B 379 3.89 10.58 1.88
CA GLN B 379 3.02 11.37 0.96
C GLN B 379 3.36 12.84 1.25
N PRO B 380 3.94 13.44 0.23
CA PRO B 380 4.46 14.80 0.25
C PRO B 380 3.39 15.82 0.55
N ASN B 381 2.18 15.62 0.04
CA ASN B 381 1.10 16.56 0.28
C ASN B 381 -0.15 15.93 0.84
N PRO B 382 -0.10 15.55 2.11
CA PRO B 382 -1.27 14.93 2.75
C PRO B 382 -2.46 15.87 2.57
N GLU B 383 -3.61 15.31 2.22
CA GLU B 383 -4.81 16.11 2.04
C GLU B 383 -6.06 15.24 2.16
N VAL B 384 -7.22 15.87 2.30
CA VAL B 384 -8.47 15.16 2.42
C VAL B 384 -9.56 16.02 1.83
N THR B 385 -10.53 15.45 1.16
CA THR B 385 -11.66 16.14 0.59
C THR B 385 -12.97 15.58 1.20
N PHE B 386 -13.75 16.41 1.86
CA PHE B 386 -15.03 15.99 2.43
C PHE B 386 -16.07 16.61 1.50
N SER B 387 -17.07 15.89 1.07
CA SER B 387 -18.02 16.51 0.18
C SER B 387 -19.43 15.93 0.39
N ASN B 388 -20.37 16.45 -0.37
CA ASN B 388 -21.74 15.98 -0.33
C ASN B 388 -22.34 15.79 1.04
N ILE B 389 -22.28 16.83 1.87
CA ILE B 389 -22.82 16.72 3.23
C ILE B 389 -24.34 16.82 3.14
N ARG B 390 -25.01 15.82 3.69
CA ARG B 390 -26.44 15.68 3.66
C ARG B 390 -26.98 15.42 5.05
N ILE B 391 -27.90 16.24 5.55
CA ILE B 391 -28.44 16.03 6.90
C ILE B 391 -29.94 15.84 6.78
N GLY B 392 -30.55 14.93 7.55
CA GLY B 392 -32.00 14.75 7.34
C GLY B 392 -32.57 13.54 8.03
N GLU B 393 -33.79 13.17 7.66
CA GLU B 393 -34.39 12.02 8.35
C GLU B 393 -33.62 10.74 8.07
N ILE B 394 -33.64 9.92 9.10
CA ILE B 394 -32.98 8.64 9.06
C ILE B 394 -33.60 7.87 7.87
N GLY B 395 -32.74 7.42 6.96
CA GLY B 395 -33.20 6.68 5.80
C GLY B 395 -33.29 7.60 4.59
N SER B 396 -32.96 8.88 4.72
CA SER B 396 -33.09 9.71 3.53
C SER B 396 -31.82 10.37 3.04
N THR B 397 -30.68 10.28 3.74
CA THR B 397 -29.52 11.00 3.21
C THR B 397 -28.63 10.24 2.23
N SER B 398 -28.76 8.92 2.16
CA SER B 398 -27.86 8.19 1.29
C SER B 398 -28.63 7.42 0.24
N THR C 2 9.99 -41.11 -18.52
CA THR C 2 9.61 -41.36 -19.92
C THR C 2 8.27 -40.70 -20.24
N PRO C 3 8.30 -39.86 -21.24
CA PRO C 3 7.15 -39.11 -21.67
C PRO C 3 6.11 -40.07 -22.22
N ASP C 4 4.85 -39.74 -22.06
CA ASP C 4 3.74 -40.53 -22.56
C ASP C 4 3.55 -40.01 -23.97
N LYS C 5 2.47 -40.39 -24.61
CA LYS C 5 2.26 -39.95 -25.98
C LYS C 5 1.28 -38.82 -26.11
N ALA C 6 0.85 -38.22 -25.00
CA ALA C 6 -0.07 -37.08 -25.04
C ALA C 6 0.57 -35.88 -25.74
N LYS C 7 -0.22 -35.09 -26.45
CA LYS C 7 0.37 -33.96 -27.17
C LYS C 7 0.86 -32.84 -26.25
N GLU C 8 2.02 -32.29 -26.61
CA GLU C 8 2.62 -31.20 -25.86
C GLU C 8 2.33 -29.96 -26.70
N GLN C 9 1.58 -29.01 -26.13
CA GLN C 9 1.30 -27.81 -26.95
C GLN C 9 1.96 -26.64 -26.29
N HIS C 10 3.23 -26.42 -26.62
CA HIS C 10 3.94 -25.32 -25.99
C HIS C 10 3.39 -24.00 -26.45
N PRO C 11 3.17 -23.09 -25.55
CA PRO C 11 2.77 -21.73 -25.84
C PRO C 11 3.81 -21.07 -26.71
N LYS C 12 3.37 -20.32 -27.71
CA LYS C 12 4.30 -19.62 -28.61
C LYS C 12 4.67 -18.27 -28.00
N LEU C 13 5.84 -17.74 -28.30
CA LEU C 13 6.24 -16.45 -27.72
C LEU C 13 7.15 -15.75 -28.72
N GLU C 14 6.72 -14.61 -29.22
CA GLU C 14 7.54 -13.81 -30.14
C GLU C 14 8.64 -13.13 -29.31
N THR C 15 9.88 -13.11 -29.77
CA THR C 15 11.03 -12.50 -29.14
C THR C 15 11.82 -11.79 -30.22
N TYR C 16 12.78 -10.92 -29.94
CA TYR C 16 13.50 -10.17 -30.98
C TYR C 16 15.02 -10.24 -30.87
N ARG C 17 15.68 -10.14 -32.02
CA ARG C 17 17.15 -10.09 -32.04
C ARG C 17 17.42 -8.72 -32.68
N CYS C 18 18.31 -7.94 -32.10
CA CYS C 18 18.51 -6.59 -32.59
C CYS C 18 19.91 -6.11 -32.79
N THR C 19 20.03 -5.22 -33.77
CA THR C 19 21.34 -4.60 -34.03
C THR C 19 21.09 -3.10 -34.22
N LYS C 20 22.07 -2.26 -33.96
CA LYS C 20 21.90 -0.83 -34.18
C LYS C 20 21.59 -0.57 -35.66
N ALA C 21 22.27 -1.27 -36.57
CA ALA C 21 22.06 -1.07 -37.99
C ALA C 21 20.75 -1.60 -38.51
N SER C 22 20.28 -2.76 -38.09
CA SER C 22 19.02 -3.23 -38.66
C SER C 22 17.83 -3.22 -37.73
N GLY C 23 18.01 -2.82 -36.48
CA GLY C 23 16.81 -2.82 -35.63
C GLY C 23 16.53 -4.19 -35.06
N CYS C 24 15.30 -4.38 -34.60
CA CYS C 24 14.86 -5.60 -33.95
C CYS C 24 14.04 -6.45 -34.89
N LYS C 25 14.51 -7.69 -35.08
CA LYS C 25 13.84 -8.63 -35.97
C LYS C 25 13.09 -9.63 -35.14
N LYS C 26 11.85 -9.87 -35.57
CA LYS C 26 11.01 -10.78 -34.77
C LYS C 26 11.30 -12.25 -35.04
N GLN C 27 11.25 -13.06 -33.99
CA GLN C 27 11.54 -14.47 -34.04
C GLN C 27 10.51 -15.28 -33.25
N THR C 28 10.27 -16.48 -33.71
CA THR C 28 9.34 -17.35 -33.00
C THR C 28 10.12 -18.29 -32.08
N ASN C 29 9.69 -18.29 -30.82
CA ASN C 29 10.24 -19.14 -29.78
C ASN C 29 9.05 -19.83 -29.14
N TYR C 30 9.29 -20.80 -28.26
CA TYR C 30 8.25 -21.54 -27.57
C TYR C 30 8.61 -21.57 -26.10
N ILE C 31 7.61 -21.77 -25.26
CA ILE C 31 7.81 -21.78 -23.82
C ILE C 31 7.56 -23.19 -23.37
N VAL C 32 8.40 -23.71 -22.45
CA VAL C 32 8.18 -25.07 -21.99
C VAL C 32 8.16 -25.07 -20.47
N ALA C 33 7.17 -25.75 -19.88
CA ALA C 33 7.11 -25.80 -18.43
C ALA C 33 8.18 -26.74 -17.90
N ASP C 34 8.62 -26.60 -16.66
CA ASP C 34 9.62 -27.52 -16.11
C ASP C 34 9.12 -28.96 -16.25
N ALA C 35 10.00 -29.94 -16.24
CA ALA C 35 9.63 -31.33 -16.36
C ALA C 35 8.65 -31.72 -15.24
N GLY C 36 8.95 -31.39 -14.02
CA GLY C 36 8.11 -31.67 -12.86
C GLY C 36 6.67 -31.19 -12.97
N ILE C 37 6.42 -30.04 -13.56
CA ILE C 37 5.08 -29.48 -13.74
C ILE C 37 4.27 -30.29 -14.68
N HIS C 38 4.91 -31.00 -15.63
CA HIS C 38 4.22 -31.86 -16.57
C HIS C 38 3.52 -32.97 -15.76
N GLY C 39 4.11 -33.39 -14.66
CA GLY C 39 3.54 -34.46 -13.87
C GLY C 39 4.33 -35.74 -14.22
N ILE C 40 5.06 -36.25 -13.25
CA ILE C 40 5.86 -37.43 -13.37
C ILE C 40 5.35 -38.46 -12.35
N ARG C 41 4.72 -39.53 -12.84
CA ARG C 41 4.20 -40.51 -11.87
C ARG C 41 4.36 -41.98 -12.27
N GLN C 42 4.25 -42.80 -11.23
CA GLN C 42 4.26 -44.25 -11.40
C GLN C 42 2.87 -44.60 -11.93
N LYS C 43 2.69 -45.88 -12.25
CA LYS C 43 1.47 -46.43 -12.82
C LYS C 43 0.37 -46.54 -11.77
N ASN C 44 0.72 -46.64 -10.48
CA ASN C 44 -0.33 -46.69 -9.46
C ASN C 44 -0.64 -45.28 -8.95
N GLY C 45 -0.31 -44.28 -9.79
CA GLY C 45 -0.50 -42.88 -9.49
C GLY C 45 0.47 -42.35 -8.45
N ALA C 46 1.31 -43.11 -7.76
CA ALA C 46 2.23 -42.49 -6.81
C ALA C 46 3.21 -41.60 -7.60
N GLY C 47 3.92 -40.73 -6.86
CA GLY C 47 4.88 -39.82 -7.53
C GLY C 47 6.27 -40.47 -7.54
N CYS C 48 7.20 -39.80 -8.24
CA CYS C 48 8.56 -40.35 -8.28
C CYS C 48 9.53 -39.66 -7.36
N GLY C 49 9.05 -38.85 -6.44
CA GLY C 49 9.94 -38.24 -5.47
C GLY C 49 9.72 -36.73 -5.37
N ASP C 50 10.00 -36.22 -4.20
CA ASP C 50 9.87 -34.82 -3.94
C ASP C 50 11.19 -34.01 -3.97
N TRP C 51 10.97 -32.72 -4.25
CA TRP C 51 12.04 -31.75 -4.28
C TRP C 51 12.88 -31.92 -3.03
N GLY C 52 14.20 -31.86 -3.14
CA GLY C 52 15.05 -32.04 -1.96
C GLY C 52 15.47 -33.46 -1.68
N GLN C 53 14.99 -34.43 -2.45
CA GLN C 53 15.28 -35.84 -2.25
C GLN C 53 15.62 -36.65 -3.52
N LYS C 54 16.10 -37.86 -3.23
CA LYS C 54 16.36 -38.80 -4.31
C LYS C 54 14.98 -39.29 -4.74
N PRO C 55 14.93 -39.84 -5.94
CA PRO C 55 13.69 -40.36 -6.50
C PRO C 55 13.24 -41.58 -5.71
N ASN C 56 11.94 -41.86 -5.94
CA ASN C 56 11.35 -43.01 -5.23
C ASN C 56 12.23 -44.26 -5.33
N ALA C 57 12.66 -44.82 -4.19
CA ALA C 57 13.51 -45.98 -4.11
C ALA C 57 12.91 -47.25 -4.66
N THR C 58 11.59 -47.36 -4.79
CA THR C 58 11.00 -48.56 -5.32
C THR C 58 10.86 -48.45 -6.82
N ALA C 59 10.48 -47.30 -7.34
CA ALA C 59 10.31 -47.11 -8.76
C ALA C 59 11.66 -46.82 -9.42
N CYS C 60 12.63 -46.38 -8.63
CA CYS C 60 13.95 -45.99 -9.08
C CYS C 60 15.14 -46.50 -8.30
N PRO C 61 15.32 -47.82 -8.25
CA PRO C 61 16.47 -48.44 -7.62
C PRO C 61 17.73 -48.15 -8.45
N ASP C 62 17.56 -47.84 -9.73
CA ASP C 62 18.60 -47.54 -10.68
C ASP C 62 17.93 -46.72 -11.80
N GLU C 63 18.75 -46.12 -12.67
CA GLU C 63 18.25 -45.30 -13.74
C GLU C 63 17.31 -45.89 -14.77
N ALA C 64 17.62 -47.15 -15.16
CA ALA C 64 16.81 -47.77 -16.19
C ALA C 64 15.42 -48.06 -15.61
N SER C 65 15.40 -48.52 -14.36
CA SER C 65 14.15 -48.82 -13.68
C SER C 65 13.38 -47.51 -13.53
N CYS C 66 14.10 -46.49 -13.03
CA CYS C 66 13.50 -45.18 -12.88
C CYS C 66 12.87 -44.66 -14.16
N ALA C 67 13.55 -44.79 -15.28
CA ALA C 67 13.04 -44.32 -16.55
C ALA C 67 11.82 -45.13 -16.99
N LYS C 68 11.81 -46.41 -16.60
CA LYS C 68 10.68 -47.24 -17.03
C LYS C 68 9.45 -46.92 -16.18
N ASN C 69 9.66 -46.86 -14.87
CA ASN C 69 8.59 -46.64 -13.93
C ASN C 69 8.05 -45.22 -13.78
N CYS C 70 8.83 -44.19 -14.17
CA CYS C 70 8.31 -42.82 -14.01
C CYS C 70 7.92 -42.23 -15.33
N ILE C 71 6.63 -41.99 -15.53
CA ILE C 71 6.06 -41.45 -16.75
C ILE C 71 5.83 -39.94 -16.57
N LEU C 72 6.09 -39.20 -17.60
CA LEU C 72 5.91 -37.77 -17.59
C LEU C 72 4.78 -37.52 -18.60
N SER C 73 3.78 -36.75 -18.16
CA SER C 73 2.67 -36.56 -19.09
C SER C 73 2.83 -35.34 -19.93
N GLY C 74 2.58 -35.45 -21.20
CA GLY C 74 2.65 -34.29 -22.09
C GLY C 74 1.61 -33.26 -21.57
N MET C 75 1.77 -32.03 -22.04
CA MET C 75 0.90 -30.94 -21.62
C MET C 75 0.25 -30.27 -22.81
N ASP C 76 -1.10 -30.32 -22.83
CA ASP C 76 -1.77 -29.62 -23.97
C ASP C 76 -1.93 -28.15 -23.59
N SER C 77 -2.54 -27.29 -24.40
CA SER C 77 -2.66 -25.88 -24.00
C SER C 77 -3.36 -25.70 -22.66
N ASN C 78 -4.40 -26.44 -22.44
CA ASN C 78 -5.20 -26.47 -21.24
C ASN C 78 -4.38 -26.77 -20.02
N ALA C 79 -3.48 -27.73 -20.19
CA ALA C 79 -2.61 -28.15 -19.08
C ALA C 79 -1.71 -26.95 -18.77
N TYR C 80 -1.28 -26.26 -19.81
CA TYR C 80 -0.41 -25.11 -19.62
C TYR C 80 -1.23 -24.03 -18.89
N LYS C 81 -2.39 -23.72 -19.47
CA LYS C 81 -3.28 -22.75 -18.83
C LYS C 81 -3.53 -23.10 -17.37
N ASN C 82 -3.78 -24.38 -17.04
CA ASN C 82 -4.02 -24.73 -15.66
C ASN C 82 -2.77 -24.77 -14.80
N ALA C 83 -1.61 -24.66 -15.44
CA ALA C 83 -0.33 -24.68 -14.77
C ALA C 83 0.06 -23.21 -14.48
N GLY C 84 -0.74 -22.26 -14.99
CA GLY C 84 -0.54 -20.85 -14.77
C GLY C 84 0.27 -20.19 -15.84
N ILE C 85 0.29 -20.82 -17.01
CA ILE C 85 1.15 -20.31 -18.09
C ILE C 85 0.39 -20.03 -19.35
N THR C 86 0.42 -18.82 -19.90
CA THR C 86 -0.27 -18.51 -21.12
C THR C 86 0.61 -17.52 -21.84
N THR C 87 0.45 -17.31 -23.13
CA THR C 87 1.28 -16.32 -23.81
C THR C 87 0.35 -15.60 -24.82
N SER C 88 0.76 -14.44 -25.28
CA SER C 88 0.00 -13.70 -26.26
C SER C 88 1.01 -12.82 -26.98
N GLY C 89 1.18 -13.11 -28.27
CA GLY C 89 2.12 -12.29 -29.06
C GLY C 89 3.46 -12.42 -28.36
N ASN C 90 4.05 -11.31 -27.92
CA ASN C 90 5.32 -11.33 -27.24
C ASN C 90 5.23 -11.32 -25.73
N LYS C 91 4.06 -11.66 -25.18
CA LYS C 91 3.91 -11.64 -23.74
C LYS C 91 3.75 -13.01 -23.11
N LEU C 92 4.30 -13.16 -21.91
CA LEU C 92 4.26 -14.37 -21.15
C LEU C 92 3.64 -14.05 -19.80
N ARG C 93 2.50 -14.70 -19.52
CA ARG C 93 1.83 -14.41 -18.25
C ARG C 93 1.98 -15.58 -17.31
N LEU C 94 2.47 -15.33 -16.11
CA LEU C 94 2.65 -16.40 -15.14
C LEU C 94 1.79 -16.13 -13.94
N GLN C 95 0.93 -17.10 -13.60
CA GLN C 95 0.04 -16.92 -12.47
C GLN C 95 0.45 -17.81 -11.31
N GLN C 96 0.46 -17.26 -10.09
CA GLN C 96 0.86 -18.13 -8.99
C GLN C 96 -0.20 -19.19 -8.67
N LEU C 97 -1.50 -18.86 -8.85
CA LEU C 97 -2.55 -19.81 -8.49
C LEU C 97 -3.62 -19.82 -9.57
N ILE C 98 -4.21 -21.00 -9.78
CA ILE C 98 -5.26 -21.22 -10.76
C ILE C 98 -6.30 -22.01 -9.98
N ASN C 99 -7.57 -21.70 -10.21
CA ASN C 99 -8.69 -22.35 -9.51
C ASN C 99 -8.35 -22.69 -8.07
N ASN C 100 -7.80 -21.78 -7.29
CA ASN C 100 -7.43 -22.05 -5.91
C ASN C 100 -6.25 -22.99 -5.66
N GLN C 101 -5.50 -23.35 -6.71
CA GLN C 101 -4.36 -24.21 -6.45
C GLN C 101 -3.03 -23.50 -6.78
N LEU C 102 -2.11 -23.78 -5.89
CA LEU C 102 -0.76 -23.25 -6.05
C LEU C 102 -0.10 -23.86 -7.29
N VAL C 103 0.06 -23.16 -8.38
CA VAL C 103 0.70 -23.70 -9.57
C VAL C 103 2.16 -23.22 -9.69
N SER C 104 2.48 -21.99 -9.31
CA SER C 104 3.81 -21.37 -9.29
C SER C 104 4.76 -21.86 -10.36
N PRO C 105 4.48 -21.57 -11.62
CA PRO C 105 5.22 -22.06 -12.73
C PRO C 105 6.66 -21.60 -12.92
N ARG C 106 7.46 -22.49 -13.51
CA ARG C 106 8.83 -22.19 -13.90
C ARG C 106 8.93 -22.74 -15.33
N VAL C 107 9.23 -21.90 -16.29
CA VAL C 107 9.30 -22.21 -17.71
C VAL C 107 10.63 -21.77 -18.32
N TYR C 108 10.98 -22.35 -19.49
CA TYR C 108 12.24 -22.13 -20.19
C TYR C 108 11.95 -21.74 -21.63
N LEU C 109 12.85 -21.03 -22.28
CA LEU C 109 12.64 -20.62 -23.66
C LEU C 109 13.22 -21.68 -24.63
N LEU C 110 12.40 -22.14 -25.56
CA LEU C 110 12.77 -23.13 -26.56
C LEU C 110 13.03 -22.51 -27.93
N GLU C 111 13.97 -23.12 -28.66
CA GLU C 111 14.25 -22.68 -30.01
C GLU C 111 12.97 -22.93 -30.82
N GLU C 112 12.81 -22.34 -32.00
CA GLU C 112 11.61 -22.56 -32.79
C GLU C 112 11.35 -24.04 -33.06
N ASN C 113 12.34 -24.91 -33.17
CA ASN C 113 12.15 -26.34 -33.42
C ASN C 113 11.63 -27.10 -32.23
N LYS C 114 11.59 -26.50 -31.06
CA LYS C 114 11.14 -27.13 -29.84
C LYS C 114 12.02 -28.25 -29.29
N LYS C 115 13.11 -28.63 -29.94
CA LYS C 115 13.95 -29.72 -29.50
C LYS C 115 15.11 -29.26 -28.62
N LYS C 116 15.35 -27.95 -28.64
CA LYS C 116 16.47 -27.50 -27.80
C LYS C 116 16.22 -26.11 -27.22
N TYR C 117 16.82 -25.87 -26.06
CA TYR C 117 16.66 -24.56 -25.45
C TYR C 117 17.34 -23.52 -26.31
N GLU C 118 16.83 -22.32 -26.38
CA GLU C 118 17.43 -21.23 -27.11
C GLU C 118 18.61 -20.80 -26.26
N MET C 119 19.84 -21.11 -26.58
CA MET C 119 20.98 -20.73 -25.77
C MET C 119 21.37 -19.28 -26.00
N LEU C 120 21.44 -18.50 -24.93
CA LEU C 120 21.76 -17.08 -25.06
C LEU C 120 23.20 -16.88 -24.62
N HIS C 121 23.93 -16.11 -25.42
CA HIS C 121 25.34 -15.82 -25.14
C HIS C 121 25.34 -14.34 -24.80
N LEU C 122 25.18 -13.97 -23.55
CA LEU C 122 25.05 -12.54 -23.25
C LEU C 122 26.29 -11.75 -23.03
N THR C 123 27.44 -12.32 -22.74
CA THR C 123 28.62 -11.47 -22.53
C THR C 123 28.82 -10.54 -23.72
N GLY C 124 29.01 -9.25 -23.49
CA GLY C 124 29.21 -8.28 -24.54
C GLY C 124 27.93 -7.86 -25.22
N THR C 125 26.76 -8.30 -24.76
CA THR C 125 25.51 -7.93 -25.41
C THR C 125 24.54 -7.26 -24.45
N GLU C 126 23.36 -6.97 -24.97
CA GLU C 126 22.31 -6.32 -24.16
C GLU C 126 21.03 -7.12 -24.16
N PHE C 127 20.30 -7.05 -23.06
CA PHE C 127 19.05 -7.80 -22.90
C PHE C 127 17.97 -6.91 -22.30
N SER C 128 16.84 -6.80 -22.96
CA SER C 128 15.74 -6.02 -22.47
C SER C 128 14.41 -6.77 -22.45
N PHE C 129 13.62 -6.45 -21.44
CA PHE C 129 12.28 -7.00 -21.34
C PHE C 129 11.36 -5.94 -20.68
N ASP C 130 10.07 -6.07 -20.91
CA ASP C 130 9.05 -5.21 -20.33
C ASP C 130 8.39 -6.11 -19.29
N VAL C 131 8.05 -5.53 -18.16
CA VAL C 131 7.44 -6.32 -17.09
C VAL C 131 6.30 -5.56 -16.42
N GLU C 132 5.34 -6.26 -15.92
CA GLU C 132 4.15 -5.77 -15.24
C GLU C 132 4.18 -6.39 -13.85
N MET C 133 4.61 -5.61 -12.88
CA MET C 133 4.71 -6.05 -11.51
C MET C 133 3.64 -5.63 -10.55
N GLU C 134 2.63 -4.84 -10.94
CA GLU C 134 1.67 -4.41 -9.91
C GLU C 134 1.11 -5.49 -9.05
N LYS C 135 0.79 -6.68 -9.61
CA LYS C 135 0.21 -7.76 -8.83
C LYS C 135 1.12 -8.61 -8.02
N LEU C 136 2.29 -8.12 -7.65
CA LEU C 136 3.21 -8.86 -6.84
C LEU C 136 3.63 -8.07 -5.59
N PRO C 137 3.03 -8.46 -4.49
CA PRO C 137 3.23 -7.89 -3.18
C PRO C 137 4.44 -8.47 -2.47
N CYS C 138 4.73 -7.94 -1.28
CA CYS C 138 5.77 -8.42 -0.43
C CYS C 138 5.73 -9.95 -0.41
N GLY C 139 6.91 -10.59 -0.37
CA GLY C 139 6.97 -12.04 -0.27
C GLY C 139 6.87 -12.77 -1.59
N MET C 140 6.42 -12.14 -2.65
CA MET C 140 6.37 -12.79 -3.96
C MET C 140 7.72 -12.58 -4.68
N ASN C 141 7.99 -13.45 -5.65
CA ASN C 141 9.19 -13.37 -6.48
C ASN C 141 8.79 -13.71 -7.91
N GLY C 142 8.84 -12.77 -8.79
CA GLY C 142 8.59 -12.86 -10.23
C GLY C 142 10.04 -12.83 -10.79
N ALA C 143 10.55 -13.97 -11.30
CA ALA C 143 11.92 -14.01 -11.78
C ALA C 143 12.16 -14.32 -13.23
N LEU C 144 13.15 -13.61 -13.77
CA LEU C 144 13.65 -13.73 -15.13
C LEU C 144 15.16 -13.92 -14.93
N TYR C 145 15.64 -15.11 -15.26
CA TYR C 145 17.04 -15.41 -15.05
C TYR C 145 17.59 -16.41 -16.06
N LEU C 146 18.89 -16.70 -15.92
CA LEU C 146 19.53 -17.65 -16.82
C LEU C 146 20.28 -18.69 -15.99
N SER C 147 20.19 -19.90 -16.49
CA SER C 147 20.87 -21.03 -15.88
C SER C 147 21.67 -21.79 -16.94
N GLU C 148 22.87 -22.29 -16.69
CA GLU C 148 23.64 -23.05 -17.64
C GLU C 148 23.25 -24.54 -17.63
N MET C 149 22.05 -24.76 -18.15
CA MET C 149 21.39 -26.04 -18.29
C MET C 149 21.81 -26.64 -19.61
N PRO C 150 21.77 -27.95 -19.74
CA PRO C 150 22.13 -28.64 -20.97
C PRO C 150 21.11 -28.23 -22.02
N GLN C 151 21.56 -27.90 -23.23
CA GLN C 151 20.67 -27.46 -24.28
C GLN C 151 19.67 -28.50 -24.72
N ASP C 152 19.98 -29.76 -24.56
CA ASP C 152 19.09 -30.84 -24.98
C ASP C 152 18.42 -31.41 -23.75
N GLY C 153 18.51 -30.74 -22.60
CA GLY C 153 17.87 -31.24 -21.38
C GLY C 153 18.56 -32.41 -20.75
N GLY C 154 19.78 -32.75 -21.19
CA GLY C 154 20.54 -33.82 -20.57
C GLY C 154 20.45 -35.15 -21.31
N LYS C 155 19.72 -35.18 -22.39
CA LYS C 155 19.45 -36.33 -23.22
C LYS C 155 20.71 -37.05 -23.66
N SER C 156 21.73 -36.34 -24.10
CA SER C 156 22.97 -36.94 -24.52
C SER C 156 23.77 -37.53 -23.39
N THR C 157 23.51 -37.27 -22.12
CA THR C 157 24.34 -37.85 -21.06
C THR C 157 24.01 -39.31 -20.76
N SER C 158 22.87 -39.83 -21.26
CA SER C 158 22.53 -41.20 -20.89
C SER C 158 21.50 -41.79 -21.81
N ARG C 159 21.55 -43.11 -21.91
CA ARG C 159 20.58 -43.82 -22.77
C ARG C 159 19.19 -43.79 -22.12
N ASN C 160 19.10 -43.61 -20.81
CA ASN C 160 17.88 -43.51 -20.03
C ASN C 160 17.27 -42.13 -20.01
N SER C 161 17.92 -41.07 -20.49
CA SER C 161 17.41 -39.71 -20.48
C SER C 161 16.58 -39.52 -21.74
N LYS C 162 15.28 -39.28 -21.60
CA LYS C 162 14.40 -39.13 -22.75
C LYS C 162 13.62 -37.83 -22.83
N ALA C 163 13.35 -37.21 -21.67
CA ALA C 163 12.49 -36.01 -21.73
C ALA C 163 13.07 -34.95 -22.62
N GLY C 164 14.35 -34.57 -22.45
CA GLY C 164 14.93 -33.52 -23.28
C GLY C 164 14.37 -32.14 -22.90
N ALA C 165 14.75 -31.14 -23.68
CA ALA C 165 14.31 -29.76 -23.51
C ALA C 165 12.83 -29.64 -23.88
N TYR C 166 12.39 -30.50 -24.81
CA TYR C 166 11.04 -30.50 -25.30
C TYR C 166 10.05 -30.60 -24.15
N TYR C 167 10.38 -31.32 -23.07
CA TYR C 167 9.58 -31.52 -21.91
C TYR C 167 10.14 -30.89 -20.66
N GLY C 168 11.01 -29.90 -20.80
CA GLY C 168 11.58 -29.18 -19.68
C GLY C 168 12.49 -29.87 -18.74
N ALA C 169 13.26 -30.86 -19.21
CA ALA C 169 14.21 -31.53 -18.32
C ALA C 169 15.49 -30.73 -18.24
N GLY C 170 16.36 -31.10 -17.32
CA GLY C 170 17.63 -30.44 -17.18
C GLY C 170 17.85 -29.21 -16.31
N TYR C 171 16.88 -28.84 -15.48
CA TYR C 171 17.01 -27.68 -14.65
C TYR C 171 18.18 -27.81 -13.69
N CYS C 172 18.83 -26.66 -13.44
CA CYS C 172 19.90 -26.62 -12.45
C CYS C 172 19.97 -25.12 -12.06
N ASP C 173 20.63 -24.80 -10.97
CA ASP C 173 20.80 -23.38 -10.61
C ASP C 173 21.93 -23.38 -9.58
N ALA C 174 22.33 -22.20 -9.13
CA ALA C 174 23.45 -22.10 -8.19
C ALA C 174 23.14 -22.50 -6.77
N GLN C 175 21.95 -22.99 -6.42
CA GLN C 175 21.75 -23.41 -5.04
C GLN C 175 22.16 -24.87 -4.93
N CYS C 176 22.38 -25.59 -6.05
CA CYS C 176 22.78 -27.01 -5.98
C CYS C 176 21.80 -27.86 -5.19
N TYR C 177 20.50 -27.67 -5.35
CA TYR C 177 19.52 -28.43 -4.62
C TYR C 177 19.44 -29.87 -5.13
N VAL C 178 19.15 -30.78 -4.22
CA VAL C 178 18.96 -32.18 -4.58
C VAL C 178 17.57 -32.33 -5.20
N THR C 179 17.45 -32.64 -6.48
CA THR C 179 16.16 -32.86 -7.09
C THR C 179 16.12 -34.34 -7.50
N PRO C 180 14.96 -34.96 -7.48
CA PRO C 180 14.72 -36.34 -7.80
C PRO C 180 15.22 -36.74 -9.17
N PHE C 181 15.17 -35.85 -10.13
CA PHE C 181 15.64 -36.05 -11.49
C PHE C 181 16.78 -35.05 -11.73
N ILE C 182 17.76 -35.48 -12.51
CA ILE C 182 18.95 -34.73 -12.88
C ILE C 182 19.30 -35.13 -14.33
N ASN C 183 19.41 -34.14 -15.20
CA ASN C 183 19.70 -34.40 -16.61
C ASN C 183 18.67 -35.35 -17.22
N GLY C 184 17.41 -35.35 -16.83
CA GLY C 184 16.41 -36.24 -17.41
C GLY C 184 16.52 -37.69 -16.96
N VAL C 185 17.25 -38.04 -15.91
CA VAL C 185 17.43 -39.34 -15.38
C VAL C 185 17.30 -39.27 -13.85
N GLY C 186 16.94 -40.38 -13.24
CA GLY C 186 16.74 -40.52 -11.82
C GLY C 186 18.02 -40.16 -11.09
N ASN C 187 17.93 -39.26 -10.09
CA ASN C 187 19.10 -38.85 -9.33
C ASN C 187 19.38 -39.81 -8.21
N ILE C 188 19.67 -41.07 -8.56
CA ILE C 188 19.96 -42.14 -7.63
C ILE C 188 20.95 -41.79 -6.55
N LYS C 189 21.99 -41.03 -6.84
CA LYS C 189 22.97 -40.69 -5.80
C LYS C 189 22.56 -39.51 -4.94
N GLY C 190 21.43 -38.86 -5.21
CA GLY C 190 21.03 -37.69 -4.41
C GLY C 190 22.07 -36.57 -4.52
N GLN C 191 22.52 -36.26 -5.73
CA GLN C 191 23.51 -35.19 -5.83
C GLN C 191 22.77 -33.84 -5.89
N GLY C 192 23.50 -32.78 -5.57
CA GLY C 192 22.89 -31.44 -5.67
C GLY C 192 23.05 -31.12 -7.16
N VAL C 193 22.09 -30.49 -7.79
CA VAL C 193 22.13 -30.16 -9.19
C VAL C 193 22.56 -28.71 -9.35
N CYS C 194 23.86 -28.50 -9.62
CA CYS C 194 24.42 -27.20 -9.79
C CYS C 194 24.75 -26.69 -11.19
N CYS C 195 24.76 -25.37 -11.28
CA CYS C 195 25.18 -24.67 -12.49
C CYS C 195 25.17 -23.15 -12.30
N ASN C 196 26.09 -22.56 -13.07
CA ASN C 196 26.25 -21.12 -13.09
C ASN C 196 24.87 -20.49 -13.33
N GLU C 197 24.67 -19.32 -12.70
CA GLU C 197 23.34 -18.71 -12.85
C GLU C 197 23.44 -17.19 -12.84
N LEU C 198 22.68 -16.53 -13.70
CA LEU C 198 22.63 -15.08 -13.81
C LEU C 198 21.21 -14.60 -13.52
N ASP C 199 20.98 -14.09 -12.30
CA ASP C 199 19.61 -13.59 -11.99
C ASP C 199 19.51 -12.17 -12.47
N ILE C 200 18.87 -11.98 -13.61
CA ILE C 200 18.76 -10.62 -14.14
C ILE C 200 17.69 -9.82 -13.37
N TRP C 201 16.62 -10.53 -13.06
CA TRP C 201 15.49 -9.95 -12.38
C TRP C 201 14.85 -10.83 -11.33
N GLU C 202 14.88 -10.42 -10.08
CA GLU C 202 14.20 -11.14 -8.99
C GLU C 202 13.47 -10.00 -8.22
N ALA C 203 12.16 -9.96 -8.39
CA ALA C 203 11.41 -8.88 -7.81
C ALA C 203 9.95 -9.16 -7.47
N ASN C 204 9.40 -8.10 -6.89
CA ASN C 204 8.00 -7.95 -6.51
C ASN C 204 7.74 -6.46 -6.67
N SER C 205 6.54 -5.94 -6.41
CA SER C 205 6.28 -4.51 -6.60
C SER C 205 6.95 -3.61 -5.59
N ARG C 206 7.49 -4.16 -4.53
CA ARG C 206 8.16 -3.46 -3.47
C ARG C 206 9.68 -3.45 -3.51
N ALA C 207 10.36 -4.40 -4.13
CA ALA C 207 11.80 -4.46 -4.21
C ALA C 207 12.30 -5.24 -5.42
N THR C 208 13.44 -4.87 -5.98
CA THR C 208 14.04 -5.57 -7.10
C THR C 208 15.51 -5.94 -6.80
N HIS C 209 15.92 -7.06 -7.37
CA HIS C 209 17.28 -7.59 -7.13
C HIS C 209 17.94 -8.12 -8.39
N ILE C 210 19.24 -7.95 -8.51
CA ILE C 210 20.05 -8.39 -9.61
C ILE C 210 21.12 -9.27 -8.94
N ALA C 211 21.49 -10.39 -9.56
CA ALA C 211 22.56 -11.19 -8.98
C ALA C 211 23.16 -12.33 -9.79
N PRO C 212 24.38 -12.11 -10.27
CA PRO C 212 25.18 -13.11 -10.98
C PRO C 212 25.60 -14.13 -9.92
N HIS C 213 25.52 -15.43 -10.17
CA HIS C 213 25.99 -16.43 -9.25
C HIS C 213 26.94 -17.43 -9.96
N PRO C 214 28.24 -17.19 -9.90
CA PRO C 214 29.27 -18.00 -10.51
C PRO C 214 29.43 -19.37 -9.86
N CYS C 215 29.85 -20.34 -10.68
CA CYS C 215 30.15 -21.67 -10.13
C CYS C 215 31.53 -22.05 -10.73
N SER C 216 32.37 -22.77 -9.98
CA SER C 216 33.66 -23.16 -10.57
C SER C 216 33.59 -24.37 -11.49
N LYS C 217 32.46 -24.96 -11.77
CA LYS C 217 32.33 -26.07 -12.68
C LYS C 217 31.39 -25.62 -13.80
N PRO C 218 31.78 -25.85 -15.03
CA PRO C 218 31.03 -25.50 -16.21
C PRO C 218 29.83 -26.42 -16.40
N GLY C 219 28.80 -25.91 -17.08
CA GLY C 219 27.63 -26.73 -17.31
C GLY C 219 27.03 -27.23 -15.99
N LEU C 220 26.23 -28.30 -16.11
CA LEU C 220 25.54 -28.92 -15.00
C LEU C 220 26.42 -29.92 -14.30
N TYR C 221 26.59 -29.66 -13.01
CA TYR C 221 27.42 -30.56 -12.22
C TYR C 221 26.68 -31.12 -11.01
N GLY C 222 26.69 -32.45 -10.92
CA GLY C 222 26.10 -33.16 -9.81
C GLY C 222 27.11 -33.11 -8.67
N CYS C 223 26.83 -32.30 -7.63
CA CYS C 223 27.77 -32.15 -6.53
C CYS C 223 27.49 -33.16 -5.46
N THR C 224 28.51 -33.44 -4.66
CA THR C 224 28.41 -34.38 -3.57
C THR C 224 29.03 -33.75 -2.32
N GLY C 225 28.47 -34.04 -1.18
CA GLY C 225 28.93 -33.52 0.09
C GLY C 225 29.13 -32.02 0.10
N ASP C 226 30.24 -31.53 0.57
CA ASP C 226 30.64 -30.15 0.67
C ASP C 226 30.73 -29.42 -0.66
N GLU C 227 30.69 -30.14 -1.77
CA GLU C 227 30.74 -29.43 -3.06
C GLU C 227 29.43 -28.63 -3.15
N CYS C 228 28.35 -29.14 -2.55
CA CYS C 228 27.06 -28.51 -2.55
C CYS C 228 26.83 -27.41 -1.53
N GLY C 229 27.71 -27.14 -0.57
CA GLY C 229 27.49 -26.14 0.44
C GLY C 229 28.00 -24.75 0.14
N SER C 230 28.04 -23.92 1.17
CA SER C 230 28.45 -22.54 1.18
C SER C 230 29.86 -22.32 0.63
N SER C 231 30.75 -23.22 1.01
CA SER C 231 32.13 -23.17 0.51
C SER C 231 32.37 -24.20 -0.59
N GLY C 232 31.32 -24.58 -1.31
CA GLY C 232 31.39 -25.58 -2.35
C GLY C 232 31.63 -24.95 -3.69
N ILE C 233 31.08 -25.49 -4.75
CA ILE C 233 31.34 -24.99 -6.09
C ILE C 233 30.48 -23.88 -6.62
N CYS C 234 29.35 -23.60 -5.98
CA CYS C 234 28.49 -22.53 -6.47
C CYS C 234 28.30 -21.42 -5.48
N ASP C 235 28.23 -20.20 -5.97
CA ASP C 235 28.00 -19.05 -5.06
C ASP C 235 26.50 -18.95 -4.77
N LYS C 236 26.03 -19.49 -3.66
CA LYS C 236 24.59 -19.43 -3.34
C LYS C 236 24.07 -18.00 -3.21
N ALA C 237 24.79 -17.15 -2.47
CA ALA C 237 24.35 -15.78 -2.25
C ALA C 237 24.39 -14.90 -3.48
N GLY C 238 25.49 -14.99 -4.25
CA GLY C 238 25.51 -14.17 -5.45
C GLY C 238 26.04 -12.78 -5.06
N CYS C 239 26.36 -11.98 -6.08
CA CYS C 239 26.79 -10.62 -5.84
C CYS C 239 25.55 -9.77 -6.13
N GLY C 240 24.79 -9.39 -5.10
CA GLY C 240 23.55 -8.68 -5.37
C GLY C 240 23.61 -7.19 -5.56
N TRP C 241 22.63 -6.66 -6.24
CA TRP C 241 22.37 -5.27 -6.49
C TRP C 241 20.82 -5.04 -6.33
N ASN C 242 20.57 -4.41 -5.20
CA ASN C 242 19.22 -4.00 -4.81
C ASN C 242 19.35 -2.56 -4.35
N HIS C 243 18.76 -1.63 -5.04
CA HIS C 243 18.82 -0.21 -4.67
C HIS C 243 18.58 0.05 -3.19
N ASN C 244 17.69 -0.66 -2.51
CA ASN C 244 17.50 -0.41 -1.08
C ASN C 244 18.73 -0.72 -0.27
N ARG C 245 19.43 -1.80 -0.60
CA ARG C 245 20.65 -2.20 0.09
C ARG C 245 21.80 -1.21 -0.10
N ILE C 246 21.84 -0.42 -1.15
CA ILE C 246 22.91 0.57 -1.29
C ILE C 246 22.38 1.96 -0.91
N ASN C 247 21.30 1.95 -0.10
CA ASN C 247 20.59 3.07 0.45
C ASN C 247 19.97 4.06 -0.49
N VAL C 248 19.26 3.64 -1.52
CA VAL C 248 18.57 4.51 -2.46
C VAL C 248 17.12 3.94 -2.50
N THR C 249 16.42 4.09 -1.40
CA THR C 249 15.07 3.61 -1.19
C THR C 249 13.95 4.24 -1.96
N ASP C 250 14.10 5.25 -2.76
CA ASP C 250 13.06 5.88 -3.56
C ASP C 250 13.21 5.58 -5.03
N PHE C 251 14.17 4.70 -5.33
CA PHE C 251 14.43 4.33 -6.72
C PHE C 251 13.27 3.50 -7.27
N TYR C 252 12.91 2.41 -6.62
CA TYR C 252 11.85 1.54 -7.14
C TYR C 252 10.76 1.19 -6.14
N GLY C 253 9.49 1.25 -6.51
CA GLY C 253 8.46 0.92 -5.50
C GLY C 253 7.07 1.25 -6.09
N ARG C 254 6.04 1.05 -5.31
CA ARG C 254 4.70 1.32 -5.83
C ARG C 254 4.34 2.82 -5.75
N GLY C 255 3.95 3.43 -6.84
CA GLY C 255 3.54 4.79 -6.90
C GLY C 255 4.44 5.88 -7.41
N LYS C 256 3.96 7.12 -7.25
CA LYS C 256 4.67 8.30 -7.70
C LYS C 256 5.88 8.65 -6.87
N GLN C 257 6.04 8.17 -5.65
CA GLN C 257 7.25 8.58 -4.91
C GLN C 257 8.51 7.83 -5.29
N TYR C 258 8.51 7.00 -6.31
CA TYR C 258 9.62 6.20 -6.76
C TYR C 258 10.00 6.58 -8.19
N LYS C 259 11.29 6.55 -8.49
CA LYS C 259 11.73 6.83 -9.88
C LYS C 259 11.17 5.82 -10.86
N VAL C 260 11.15 4.53 -10.46
CA VAL C 260 10.58 3.51 -11.37
C VAL C 260 9.34 3.07 -10.61
N ASP C 261 8.17 3.28 -11.14
CA ASP C 261 6.89 2.95 -10.47
C ASP C 261 6.46 1.54 -10.81
N SER C 262 6.57 0.65 -9.85
CA SER C 262 6.22 -0.74 -9.98
C SER C 262 4.75 -1.03 -10.18
N THR C 263 3.85 -0.06 -10.15
CA THR C 263 2.44 -0.32 -10.36
C THR C 263 2.15 -0.16 -11.85
N ARG C 264 3.12 0.25 -12.65
CA ARG C 264 2.86 0.45 -14.08
C ARG C 264 3.95 -0.21 -14.92
N LYS C 265 3.61 -0.61 -16.16
CA LYS C 265 4.62 -1.22 -17.01
C LYS C 265 5.89 -0.40 -17.13
N PHE C 266 7.01 -1.10 -17.24
CA PHE C 266 8.30 -0.46 -17.46
C PHE C 266 9.23 -1.46 -18.20
N THR C 267 10.29 -0.89 -18.76
CA THR C 267 11.31 -1.62 -19.48
C THR C 267 12.56 -1.73 -18.61
N VAL C 268 13.14 -2.93 -18.67
CA VAL C 268 14.35 -3.28 -17.94
C VAL C 268 15.42 -3.65 -18.95
N THR C 269 16.46 -2.86 -19.05
CA THR C 269 17.58 -3.06 -19.97
C THR C 269 18.84 -3.37 -19.18
N SER C 270 19.47 -4.49 -19.55
CA SER C 270 20.69 -4.91 -18.86
C SER C 270 21.84 -5.00 -19.88
N GLN C 271 23.00 -4.47 -19.54
CA GLN C 271 24.13 -4.48 -20.47
C GLN C 271 25.31 -5.16 -19.78
N PHE C 272 25.81 -6.16 -20.48
CA PHE C 272 26.91 -7.00 -19.98
C PHE C 272 28.18 -6.67 -20.76
N VAL C 273 28.92 -5.69 -20.25
CA VAL C 273 30.13 -5.16 -20.83
C VAL C 273 31.35 -6.06 -20.65
N ALA C 274 32.01 -6.29 -21.81
CA ALA C 274 33.22 -7.09 -21.80
C ALA C 274 34.45 -6.22 -22.02
N ASN C 275 35.60 -6.65 -21.53
CA ASN C 275 36.84 -5.92 -21.74
C ASN C 275 37.41 -6.33 -23.11
N LYS C 276 38.62 -5.86 -23.42
CA LYS C 276 39.25 -6.19 -24.70
C LYS C 276 39.41 -7.69 -24.93
N GLN C 277 39.74 -8.47 -23.88
CA GLN C 277 39.81 -9.91 -24.00
C GLN C 277 38.47 -10.61 -24.18
N GLY C 278 37.31 -9.95 -24.18
CA GLY C 278 36.03 -10.61 -24.34
C GLY C 278 35.55 -11.15 -22.98
N ASP C 279 36.20 -10.78 -21.88
CA ASP C 279 35.78 -11.24 -20.57
C ASP C 279 34.73 -10.28 -20.01
N LEU C 280 33.79 -10.76 -19.22
CA LEU C 280 32.77 -9.92 -18.63
C LEU C 280 33.43 -9.05 -17.57
N ILE C 281 33.18 -7.74 -17.56
CA ILE C 281 33.78 -6.98 -16.46
C ILE C 281 32.70 -6.19 -15.70
N GLU C 282 31.62 -5.75 -16.33
CA GLU C 282 30.61 -4.96 -15.69
C GLU C 282 29.16 -5.23 -16.00
N LEU C 283 28.29 -5.31 -14.98
CA LEU C 283 26.86 -5.52 -15.36
C LEU C 283 26.10 -4.19 -15.23
N HIS C 284 25.56 -3.61 -16.27
CA HIS C 284 24.86 -2.34 -16.18
C HIS C 284 23.36 -2.51 -16.32
N ARG C 285 22.60 -1.62 -15.70
CA ARG C 285 21.15 -1.68 -15.71
C ARG C 285 20.50 -0.28 -15.81
N HIS C 286 19.47 -0.15 -16.63
CA HIS C 286 18.78 1.13 -16.75
C HIS C 286 17.33 0.74 -17.10
N TYR C 287 16.44 1.69 -16.80
CA TYR C 287 15.02 1.41 -17.02
C TYR C 287 14.41 2.44 -17.94
N ILE C 288 13.25 2.13 -18.49
CA ILE C 288 12.53 3.04 -19.35
C ILE C 288 11.07 3.01 -18.89
N GLN C 289 10.57 4.14 -18.43
CA GLN C 289 9.18 4.27 -17.99
C GLN C 289 8.70 5.62 -18.51
N ASP C 290 7.54 5.65 -19.13
CA ASP C 290 6.99 6.86 -19.70
C ASP C 290 7.95 7.44 -20.71
N ASN C 291 8.57 6.62 -21.56
CA ASN C 291 9.48 7.15 -22.57
C ASN C 291 10.63 7.95 -22.03
N LYS C 292 11.18 7.57 -20.90
CA LYS C 292 12.29 8.26 -20.30
C LYS C 292 13.30 7.22 -19.82
N VAL C 293 14.57 7.50 -19.98
CA VAL C 293 15.58 6.57 -19.51
C VAL C 293 15.79 6.90 -18.02
N ILE C 294 15.70 5.93 -17.13
CA ILE C 294 15.92 6.18 -15.72
C ILE C 294 17.18 5.36 -15.47
N GLU C 295 18.26 6.02 -15.14
CA GLU C 295 19.51 5.29 -14.91
C GLU C 295 19.50 4.76 -13.49
N SER C 296 20.33 3.75 -13.24
CA SER C 296 20.42 3.21 -11.90
C SER C 296 21.10 4.30 -11.08
N ALA C 297 20.96 4.23 -9.76
CA ALA C 297 21.56 5.22 -8.89
C ALA C 297 22.90 4.73 -8.39
N VAL C 298 23.79 5.67 -8.10
CA VAL C 298 25.12 5.34 -7.62
C VAL C 298 25.04 4.78 -6.22
N VAL C 299 25.98 3.96 -5.80
CA VAL C 299 25.98 3.44 -4.43
C VAL C 299 25.86 4.62 -3.46
N ASN C 300 25.02 4.48 -2.44
CA ASN C 300 24.76 5.56 -1.51
C ASN C 300 25.09 5.16 -0.08
N ILE C 301 26.03 4.26 0.07
CA ILE C 301 26.53 3.79 1.33
C ILE C 301 28.05 3.92 1.21
N SER C 302 28.73 3.91 2.34
CA SER C 302 30.20 4.04 2.28
C SER C 302 30.79 2.65 2.21
N GLY C 303 31.86 2.50 1.43
CA GLY C 303 32.50 1.20 1.24
C GLY C 303 32.73 0.94 -0.24
N PRO C 304 31.68 0.58 -0.96
CA PRO C 304 31.74 0.25 -2.36
C PRO C 304 32.09 1.48 -3.17
N PRO C 305 32.57 1.27 -4.37
CA PRO C 305 32.90 2.33 -5.28
C PRO C 305 31.62 3.11 -5.56
N LYS C 306 31.72 4.33 -6.02
CA LYS C 306 30.55 5.15 -6.30
C LYS C 306 30.16 4.95 -7.75
N ILE C 307 29.56 3.78 -7.99
CA ILE C 307 29.16 3.47 -9.37
C ILE C 307 27.72 2.97 -9.33
N ASN C 308 27.06 2.91 -10.48
CA ASN C 308 25.70 2.41 -10.49
C ASN C 308 25.60 1.04 -11.19
N PHE C 309 26.67 0.22 -11.12
CA PHE C 309 26.69 -1.07 -11.80
C PHE C 309 27.49 -2.09 -11.05
N ILE C 310 27.35 -3.38 -11.42
CA ILE C 310 28.13 -4.42 -10.74
C ILE C 310 29.51 -4.62 -11.35
N ASN C 311 30.50 -4.85 -10.50
CA ASN C 311 31.85 -5.16 -10.98
C ASN C 311 32.54 -5.91 -9.85
N ASP C 312 33.74 -6.46 -10.09
CA ASP C 312 34.41 -7.18 -9.01
C ASP C 312 34.71 -6.26 -7.82
N LYS C 313 35.12 -5.02 -8.07
CA LYS C 313 35.43 -4.10 -6.96
C LYS C 313 34.19 -3.96 -6.08
N TYR C 314 33.07 -3.65 -6.72
CA TYR C 314 31.82 -3.56 -5.95
C TYR C 314 31.50 -4.82 -5.18
N CYS C 315 31.53 -5.99 -5.85
CA CYS C 315 31.18 -7.24 -5.22
C CYS C 315 32.05 -7.58 -4.02
N ALA C 316 33.35 -7.32 -4.20
CA ALA C 316 34.29 -7.58 -3.09
C ALA C 316 33.97 -6.59 -1.96
N ALA C 317 33.71 -5.33 -2.34
CA ALA C 317 33.41 -4.32 -1.32
C ALA C 317 32.06 -4.60 -0.64
N THR C 318 31.16 -5.39 -1.23
CA THR C 318 29.90 -5.63 -0.53
C THR C 318 29.88 -6.98 0.16
N GLY C 319 31.01 -7.65 0.33
CA GLY C 319 31.00 -8.94 1.01
C GLY C 319 30.57 -10.13 0.20
N ALA C 320 30.59 -10.10 -1.14
CA ALA C 320 30.21 -11.33 -1.90
C ALA C 320 31.50 -12.15 -1.91
N ASN C 321 31.83 -12.82 -0.85
CA ASN C 321 33.10 -13.54 -0.75
C ASN C 321 33.15 -14.79 -1.60
N GLU C 322 32.07 -15.56 -1.61
CA GLU C 322 32.04 -16.77 -2.44
C GLU C 322 32.11 -16.43 -3.92
N TYR C 323 31.44 -15.32 -4.26
CA TYR C 323 31.41 -14.79 -5.60
C TYR C 323 32.86 -14.57 -6.07
N MET C 324 33.61 -13.80 -5.30
CA MET C 324 35.03 -13.52 -5.60
C MET C 324 35.86 -14.81 -5.55
N ARG C 325 35.62 -15.66 -4.57
CA ARG C 325 36.34 -16.90 -4.44
C ARG C 325 36.15 -17.82 -5.64
N LEU C 326 34.96 -17.89 -6.23
CA LEU C 326 34.68 -18.74 -7.36
C LEU C 326 34.99 -18.16 -8.72
N GLY C 327 35.74 -17.05 -8.76
CA GLY C 327 36.10 -16.45 -10.01
C GLY C 327 35.39 -15.20 -10.42
N GLY C 328 34.49 -14.68 -9.58
CA GLY C 328 33.80 -13.45 -9.84
C GLY C 328 33.14 -13.15 -11.14
N THR C 329 33.19 -11.91 -11.61
CA THR C 329 32.54 -11.52 -12.86
C THR C 329 33.06 -12.27 -14.08
N LYS C 330 34.38 -12.49 -14.15
CA LYS C 330 34.91 -13.22 -15.31
C LYS C 330 34.33 -14.65 -15.38
N GLN C 331 34.34 -15.37 -14.28
CA GLN C 331 33.80 -16.71 -14.24
C GLN C 331 32.33 -16.72 -14.65
N MET C 332 31.56 -15.68 -14.27
CA MET C 332 30.14 -15.59 -14.63
C MET C 332 30.08 -15.35 -16.10
N GLY C 333 30.91 -14.46 -16.64
CA GLY C 333 30.87 -14.22 -18.09
C GLY C 333 31.29 -15.44 -18.89
N ASP C 334 32.15 -16.35 -18.38
CA ASP C 334 32.51 -17.53 -19.18
C ASP C 334 31.30 -18.43 -19.36
N ALA C 335 30.48 -18.58 -18.32
CA ALA C 335 29.25 -19.41 -18.45
C ALA C 335 28.32 -18.68 -19.40
N MET C 336 28.27 -17.33 -19.35
CA MET C 336 27.38 -16.64 -20.27
C MET C 336 27.88 -16.80 -21.71
N SER C 337 29.20 -16.75 -21.91
CA SER C 337 29.76 -16.89 -23.25
C SER C 337 29.49 -18.32 -23.73
N ARG C 338 29.62 -19.33 -22.88
CA ARG C 338 29.29 -20.67 -23.39
C ARG C 338 27.83 -20.77 -23.78
N GLY C 339 26.90 -19.97 -23.23
CA GLY C 339 25.48 -20.12 -23.63
C GLY C 339 24.65 -20.58 -22.46
N MET C 340 23.52 -19.92 -22.21
CA MET C 340 22.69 -20.28 -21.06
C MET C 340 21.20 -20.32 -21.35
N VAL C 341 20.42 -21.01 -20.50
CA VAL C 341 18.98 -21.06 -20.74
C VAL C 341 18.22 -19.99 -19.95
N LEU C 342 17.24 -19.39 -20.62
CA LEU C 342 16.36 -18.38 -20.06
C LEU C 342 15.22 -19.04 -19.29
N ALA C 343 15.17 -18.74 -18.00
CA ALA C 343 14.09 -19.30 -17.15
C ALA C 343 13.22 -18.15 -16.61
N MET C 344 11.91 -18.38 -16.54
CA MET C 344 10.98 -17.38 -16.02
C MET C 344 10.08 -18.08 -15.01
N SER C 345 9.93 -17.46 -13.83
CA SER C 345 9.07 -18.08 -12.84
C SER C 345 8.36 -17.12 -11.87
N VAL C 346 7.39 -17.68 -11.11
CA VAL C 346 6.68 -16.99 -10.11
C VAL C 346 6.66 -17.90 -8.87
N TRP C 347 7.02 -17.36 -7.74
CA TRP C 347 6.98 -18.17 -6.52
C TRP C 347 6.99 -17.33 -5.24
N TRP C 348 6.78 -18.05 -4.14
CA TRP C 348 6.75 -17.42 -2.83
C TRP C 348 7.51 -18.38 -1.92
N SER C 349 7.73 -18.01 -0.67
CA SER C 349 8.48 -18.86 0.23
C SER C 349 7.91 -18.92 1.63
N GLU C 350 7.35 -20.09 1.90
CA GLU C 350 6.74 -20.46 3.17
C GLU C 350 7.83 -20.43 4.23
N GLY C 351 9.10 -20.57 3.87
CA GLY C 351 10.23 -20.62 4.76
C GLY C 351 10.99 -19.37 5.11
N ASP C 352 11.03 -18.30 4.32
CA ASP C 352 11.75 -17.12 4.76
C ASP C 352 10.98 -15.90 4.28
N PHE C 353 9.92 -16.12 3.56
CA PHE C 353 9.03 -15.10 3.02
C PHE C 353 9.69 -14.12 2.05
N MET C 354 10.79 -14.53 1.42
CA MET C 354 11.55 -13.67 0.53
C MET C 354 12.07 -12.46 1.29
N ALA C 355 12.40 -12.59 2.58
CA ALA C 355 12.91 -11.47 3.36
C ALA C 355 14.16 -10.82 2.78
N TRP C 356 15.03 -11.62 2.18
CA TRP C 356 16.28 -11.20 1.57
C TRP C 356 16.04 -10.26 0.39
N LEU C 357 14.86 -10.28 -0.20
CA LEU C 357 14.49 -9.44 -1.30
C LEU C 357 13.78 -8.12 -0.90
N ASP C 358 12.88 -8.17 0.09
CA ASP C 358 12.09 -6.99 0.41
C ASP C 358 11.90 -6.57 1.84
N GLN C 359 12.67 -6.92 2.81
CA GLN C 359 12.60 -6.56 4.20
C GLN C 359 13.91 -5.95 4.74
N GLY C 360 13.76 -5.21 5.85
CA GLY C 360 14.91 -4.60 6.51
C GLY C 360 15.65 -3.72 5.51
N VAL C 361 16.95 -3.95 5.33
CA VAL C 361 17.68 -3.17 4.36
C VAL C 361 17.33 -3.52 2.92
N ALA C 362 16.61 -4.63 2.67
CA ALA C 362 16.30 -4.96 1.27
C ALA C 362 15.02 -4.33 0.79
N GLY C 363 14.20 -3.81 1.73
CA GLY C 363 12.95 -3.20 1.26
C GLY C 363 12.00 -2.83 2.40
N PRO C 364 10.80 -2.44 2.03
CA PRO C 364 9.80 -1.92 2.92
C PRO C 364 8.79 -2.84 3.55
N CYS C 365 8.92 -4.15 3.42
CA CYS C 365 8.02 -5.12 3.96
C CYS C 365 8.24 -5.47 5.40
N ASP C 366 7.12 -5.71 6.11
CA ASP C 366 7.36 -6.06 7.54
C ASP C 366 7.75 -7.54 7.51
N ALA C 367 7.81 -8.13 8.68
CA ALA C 367 8.20 -9.51 8.85
C ALA C 367 7.09 -10.53 8.65
N THR C 368 5.86 -10.14 8.35
CA THR C 368 4.83 -11.17 8.20
C THR C 368 3.96 -10.92 6.99
N GLU C 369 3.87 -9.73 6.44
CA GLU C 369 2.96 -9.60 5.29
C GLU C 369 3.32 -10.48 4.11
N GLY C 370 4.56 -10.90 3.97
CA GLY C 370 5.06 -11.72 2.89
C GLY C 370 4.78 -13.20 3.08
N ASP C 371 4.14 -13.52 4.22
CA ASP C 371 3.75 -14.90 4.47
C ASP C 371 2.68 -15.13 3.41
N PRO C 372 2.76 -16.29 2.78
CA PRO C 372 1.84 -16.75 1.73
C PRO C 372 0.39 -16.63 2.12
N LYS C 373 0.07 -16.88 3.38
CA LYS C 373 -1.24 -16.72 4.00
C LYS C 373 -1.69 -15.24 3.94
N ASN C 374 -0.74 -14.34 4.17
CA ASN C 374 -1.09 -12.90 4.13
C ASN C 374 -1.02 -12.42 2.71
N ILE C 375 -0.08 -13.00 1.93
CA ILE C 375 0.04 -12.58 0.52
C ILE C 375 -1.32 -12.65 -0.13
N VAL C 376 -2.01 -13.80 0.04
CA VAL C 376 -3.33 -13.93 -0.61
C VAL C 376 -4.36 -12.95 -0.10
N LYS C 377 -4.15 -12.38 1.08
CA LYS C 377 -5.05 -11.33 1.62
C LYS C 377 -4.78 -10.04 0.86
N VAL C 378 -3.48 -9.70 0.75
CA VAL C 378 -3.18 -8.49 -0.02
C VAL C 378 -3.58 -8.66 -1.47
N GLN C 379 -3.20 -9.80 -2.08
CA GLN C 379 -3.54 -9.93 -3.52
C GLN C 379 -3.86 -11.41 -3.73
N PRO C 380 -5.14 -11.63 -3.98
CA PRO C 380 -5.70 -12.96 -4.15
C PRO C 380 -5.05 -13.72 -5.27
N ASN C 381 -4.73 -13.08 -6.39
CA ASN C 381 -4.10 -13.81 -7.50
C ASN C 381 -2.80 -13.19 -7.94
N PRO C 382 -1.75 -13.42 -7.18
CA PRO C 382 -0.43 -12.87 -7.53
C PRO C 382 -0.06 -13.33 -8.92
N GLU C 383 0.45 -12.44 -9.75
CA GLU C 383 0.84 -12.81 -11.09
C GLU C 383 1.85 -11.81 -11.66
N VAL C 384 2.50 -12.18 -12.76
CA VAL C 384 3.48 -11.30 -13.39
C VAL C 384 3.49 -11.57 -14.88
N THR C 385 3.65 -10.57 -15.70
CA THR C 385 3.72 -10.70 -17.14
C THR C 385 5.07 -10.16 -17.61
N PHE C 386 5.86 -11.00 -18.27
CA PHE C 386 7.14 -10.60 -18.84
C PHE C 386 6.86 -10.51 -20.35
N SER C 387 7.29 -9.47 -21.04
CA SER C 387 7.03 -9.44 -22.46
C SER C 387 8.13 -8.70 -23.18
N ASN C 388 7.98 -8.64 -24.50
CA ASN C 388 8.91 -7.94 -25.37
C ASN C 388 10.38 -8.20 -25.09
N ILE C 389 10.76 -9.49 -25.09
CA ILE C 389 12.16 -9.84 -24.86
C ILE C 389 12.97 -9.54 -26.12
N ARG C 390 14.01 -8.72 -26.00
CA ARG C 390 14.86 -8.28 -27.05
C ARG C 390 16.31 -8.48 -26.70
N ILE C 391 17.06 -9.24 -27.52
CA ILE C 391 18.48 -9.49 -27.22
C ILE C 391 19.33 -8.94 -28.37
N GLY C 392 20.48 -8.33 -28.11
CA GLY C 392 21.20 -7.78 -29.24
C GLY C 392 22.35 -6.84 -28.87
N GLU C 393 22.88 -6.10 -29.85
CA GLU C 393 23.99 -5.26 -29.50
C GLU C 393 23.58 -4.18 -28.49
N ILE C 394 24.58 -3.86 -27.69
CA ILE C 394 24.43 -2.84 -26.67
C ILE C 394 24.04 -1.56 -27.38
N GLY C 395 22.92 -0.98 -26.97
CA GLY C 395 22.43 0.27 -27.56
C GLY C 395 21.35 0.00 -28.56
N SER C 396 21.00 -1.27 -28.78
CA SER C 396 19.95 -1.49 -29.79
C SER C 396 18.69 -2.15 -29.32
N THR C 397 18.59 -2.62 -28.06
CA THR C 397 17.32 -3.28 -27.70
C THR C 397 16.23 -2.43 -27.11
N SER C 398 16.49 -1.22 -26.60
CA SER C 398 15.37 -0.50 -25.98
C SER C 398 15.32 0.96 -26.39
N THR D 2 -59.53 -47.54 1.92
CA THR D 2 -59.94 -47.64 0.54
C THR D 2 -61.25 -46.89 0.30
N PRO D 3 -61.17 -45.94 -0.61
CA PRO D 3 -62.31 -45.13 -0.96
C PRO D 3 -63.40 -45.99 -1.57
N ASP D 4 -64.64 -45.65 -1.33
CA ASP D 4 -65.78 -46.32 -1.90
C ASP D 4 -65.96 -45.67 -3.27
N LYS D 5 -67.07 -45.96 -3.92
CA LYS D 5 -67.27 -45.39 -5.24
C LYS D 5 -68.23 -44.19 -5.23
N ALA D 6 -68.59 -43.66 -4.08
CA ALA D 6 -69.48 -42.51 -4.00
C ALA D 6 -68.80 -41.28 -4.60
N LYS D 7 -69.57 -40.41 -5.22
CA LYS D 7 -68.95 -39.24 -5.82
C LYS D 7 -68.40 -38.24 -4.81
N GLU D 8 -67.23 -37.71 -5.13
CA GLU D 8 -66.55 -36.72 -4.32
C GLU D 8 -66.81 -35.38 -5.01
N GLN D 9 -67.53 -34.46 -4.37
CA GLN D 9 -67.77 -33.18 -5.07
C GLN D 9 -67.05 -32.09 -4.29
N HIS D 10 -65.78 -31.90 -4.60
CA HIS D 10 -65.01 -30.90 -3.89
C HIS D 10 -65.51 -29.50 -4.24
N PRO D 11 -65.70 -28.69 -3.24
CA PRO D 11 -66.06 -27.28 -3.40
C PRO D 11 -64.96 -26.58 -4.20
N LYS D 12 -65.34 -25.75 -5.16
CA LYS D 12 -64.44 -24.99 -5.99
C LYS D 12 -64.03 -23.71 -5.26
N LEU D 13 -62.84 -23.22 -5.50
CA LEU D 13 -62.38 -21.99 -4.82
C LEU D 13 -61.45 -21.24 -5.77
N GLU D 14 -61.88 -20.05 -6.16
CA GLU D 14 -61.01 -19.27 -7.04
C GLU D 14 -59.89 -18.67 -6.18
N THR D 15 -58.64 -18.63 -6.61
CA THR D 15 -57.46 -18.11 -5.95
C THR D 15 -56.65 -17.34 -6.96
N TYR D 16 -55.63 -16.54 -6.62
CA TYR D 16 -54.91 -15.71 -7.59
C TYR D 16 -53.41 -15.83 -7.53
N ARG D 17 -52.77 -15.65 -8.67
CA ARG D 17 -51.28 -15.68 -8.73
C ARG D 17 -50.97 -14.25 -9.22
N CYS D 18 -50.07 -13.55 -8.53
CA CYS D 18 -49.82 -12.17 -8.90
C CYS D 18 -48.39 -11.71 -9.10
N THR D 19 -48.23 -10.76 -10.00
CA THR D 19 -46.92 -10.18 -10.23
C THR D 19 -47.13 -8.65 -10.28
N LYS D 20 -46.10 -7.87 -9.95
CA LYS D 20 -46.22 -6.43 -10.04
C LYS D 20 -46.50 -6.01 -11.48
N ALA D 21 -45.87 -6.65 -12.46
CA ALA D 21 -46.08 -6.31 -13.85
C ALA D 21 -47.43 -6.71 -14.40
N SER D 22 -47.96 -7.88 -14.08
CA SER D 22 -49.23 -8.26 -14.70
C SER D 22 -50.41 -8.27 -13.73
N GLY D 23 -50.21 -8.00 -12.46
CA GLY D 23 -51.40 -8.08 -11.59
C GLY D 23 -51.70 -9.50 -11.16
N CYS D 24 -52.91 -9.70 -10.69
CA CYS D 24 -53.41 -10.93 -10.16
C CYS D 24 -54.28 -11.67 -11.15
N LYS D 25 -53.85 -12.88 -11.47
CA LYS D 25 -54.57 -13.71 -12.43
C LYS D 25 -55.35 -14.78 -11.67
N LYS D 26 -56.60 -14.94 -12.06
CA LYS D 26 -57.49 -15.88 -11.40
C LYS D 26 -57.15 -17.32 -11.78
N GLN D 27 -57.30 -18.21 -10.81
CA GLN D 27 -57.06 -19.62 -11.00
C GLN D 27 -58.12 -20.47 -10.31
N THR D 28 -58.41 -21.61 -10.88
CA THR D 28 -59.38 -22.51 -10.24
C THR D 28 -58.63 -23.56 -9.41
N ASN D 29 -59.01 -23.66 -8.15
CA ASN D 29 -58.49 -24.63 -7.22
C ASN D 29 -59.73 -25.33 -6.61
N TYR D 30 -59.51 -26.36 -5.83
CA TYR D 30 -60.56 -27.15 -5.20
C TYR D 30 -60.19 -27.33 -3.73
N ILE D 31 -61.17 -27.57 -2.89
CA ILE D 31 -60.96 -27.72 -1.47
C ILE D 31 -61.26 -29.18 -1.15
N VAL D 32 -60.48 -29.81 -0.31
CA VAL D 32 -60.73 -31.19 0.04
C VAL D 32 -60.71 -31.30 1.55
N ALA D 33 -61.70 -32.01 2.09
CA ALA D 33 -61.76 -32.19 3.56
C ALA D 33 -60.73 -33.23 3.96
N ASP D 34 -60.24 -33.20 5.20
CA ASP D 34 -59.28 -34.21 5.63
C ASP D 34 -59.86 -35.62 5.37
N ALA D 35 -59.00 -36.62 5.27
CA ALA D 35 -59.44 -38.01 5.03
C ALA D 35 -60.41 -38.48 6.11
N GLY D 36 -60.09 -38.28 7.38
CA GLY D 36 -60.92 -38.61 8.51
C GLY D 36 -62.34 -38.06 8.46
N ILE D 37 -62.59 -36.87 8.00
CA ILE D 37 -63.88 -36.23 7.89
C ILE D 37 -64.75 -36.92 6.87
N HIS D 38 -64.14 -37.55 5.87
CA HIS D 38 -64.87 -38.30 4.87
C HIS D 38 -65.61 -39.44 5.58
N GLY D 39 -65.03 -39.98 6.63
CA GLY D 39 -65.63 -41.11 7.31
C GLY D 39 -64.89 -42.39 6.83
N ILE D 40 -64.18 -43.01 7.73
CA ILE D 40 -63.43 -44.21 7.49
C ILE D 40 -63.99 -45.29 8.44
N ARG D 41 -64.64 -46.30 7.85
CA ARG D 41 -65.20 -47.34 8.71
C ARG D 41 -65.10 -48.77 8.18
N GLN D 42 -65.24 -49.67 9.15
CA GLN D 42 -65.29 -51.09 8.86
C GLN D 42 -66.69 -51.35 8.29
N LYS D 43 -66.92 -52.57 7.86
CA LYS D 43 -68.17 -53.01 7.27
C LYS D 43 -69.27 -53.19 8.33
N ASN D 44 -68.92 -53.43 9.58
CA ASN D 44 -69.94 -53.54 10.60
C ASN D 44 -70.19 -52.16 11.25
N GLY D 45 -69.82 -51.11 10.52
CA GLY D 45 -69.96 -49.75 10.96
C GLY D 45 -68.96 -49.36 12.01
N ALA D 46 -68.12 -50.20 12.60
CA ALA D 46 -67.17 -49.69 13.58
C ALA D 46 -66.17 -48.78 12.87
N GLY D 47 -65.41 -48.00 13.65
CA GLY D 47 -64.42 -47.08 13.09
C GLY D 47 -63.06 -47.78 12.99
N CYS D 48 -62.11 -47.10 12.35
CA CYS D 48 -60.78 -47.71 12.25
C CYS D 48 -59.76 -47.15 13.21
N GLY D 49 -60.20 -46.39 14.20
CA GLY D 49 -59.24 -45.91 15.19
C GLY D 49 -59.38 -44.42 15.43
N ASP D 50 -59.08 -44.02 16.64
CA ASP D 50 -59.17 -42.65 17.06
C ASP D 50 -57.84 -41.88 17.10
N TRP D 51 -58.05 -40.57 16.94
CA TRP D 51 -56.93 -39.65 16.98
C TRP D 51 -56.06 -39.97 18.19
N GLY D 52 -54.73 -39.96 18.07
CA GLY D 52 -53.89 -40.28 19.21
C GLY D 52 -53.52 -41.74 19.34
N GLN D 53 -54.05 -42.62 18.49
CA GLN D 53 -53.78 -44.04 18.56
C GLN D 53 -53.49 -44.73 17.23
N LYS D 54 -53.06 -45.98 17.37
CA LYS D 54 -52.88 -46.82 16.20
C LYS D 54 -54.28 -47.23 15.75
N PRO D 55 -54.37 -47.70 14.54
CA PRO D 55 -55.65 -48.10 13.94
C PRO D 55 -56.13 -49.34 14.65
N ASN D 56 -57.44 -49.58 14.60
CA ASN D 56 -58.13 -50.70 15.22
C ASN D 56 -57.36 -51.99 14.91
N ALA D 57 -56.82 -52.70 15.85
CA ALA D 57 -56.00 -53.88 15.75
C ALA D 57 -56.69 -55.06 15.08
N THR D 58 -58.01 -55.11 15.00
CA THR D 58 -58.66 -56.23 14.36
C THR D 58 -58.82 -55.99 12.86
N ALA D 59 -59.15 -54.79 12.49
CA ALA D 59 -59.31 -54.40 11.09
C ALA D 59 -57.95 -54.12 10.45
N CYS D 60 -56.96 -53.79 11.27
CA CYS D 60 -55.64 -53.43 10.85
C CYS D 60 -54.45 -54.06 11.52
N PRO D 61 -54.32 -55.39 11.43
CA PRO D 61 -53.20 -56.12 11.98
C PRO D 61 -51.94 -55.82 11.16
N ASP D 62 -52.11 -55.38 9.93
CA ASP D 62 -51.09 -55.04 8.98
C ASP D 62 -51.71 -54.08 7.97
N GLU D 63 -50.90 -53.45 7.13
CA GLU D 63 -51.36 -52.49 6.16
C GLU D 63 -52.36 -52.93 5.13
N ALA D 64 -52.11 -54.15 4.62
CA ALA D 64 -52.96 -54.64 3.54
C ALA D 64 -54.34 -54.94 4.10
N SER D 65 -54.34 -55.52 5.29
CA SER D 65 -55.64 -55.85 5.93
C SER D 65 -56.33 -54.48 6.23
N CYS D 66 -55.55 -53.56 6.81
CA CYS D 66 -56.07 -52.24 7.10
C CYS D 66 -56.73 -51.58 5.89
N ALA D 67 -56.05 -51.61 4.76
CA ALA D 67 -56.55 -51.04 3.52
C ALA D 67 -57.81 -51.77 3.04
N LYS D 68 -57.88 -53.07 3.28
CA LYS D 68 -59.06 -53.79 2.82
C LYS D 68 -60.26 -53.52 3.74
N ASN D 69 -60.02 -53.55 5.03
CA ASN D 69 -61.07 -53.40 6.01
C ASN D 69 -61.55 -51.99 6.30
N CYS D 70 -60.76 -50.97 6.00
CA CYS D 70 -61.22 -49.61 6.31
C CYS D 70 -61.60 -48.87 5.04
N ILE D 71 -62.88 -48.57 4.88
CA ILE D 71 -63.44 -47.89 3.73
C ILE D 71 -63.61 -46.40 4.08
N LEU D 72 -63.28 -45.58 3.10
CA LEU D 72 -63.42 -44.12 3.24
C LEU D 72 -64.57 -43.73 2.30
N SER D 73 -65.51 -42.96 2.81
CA SER D 73 -66.64 -42.67 1.92
C SER D 73 -66.45 -41.37 1.21
N GLY D 74 -66.74 -41.36 -0.07
CA GLY D 74 -66.67 -40.15 -0.86
C GLY D 74 -67.61 -39.12 -0.24
N MET D 75 -67.41 -37.85 -0.55
CA MET D 75 -68.22 -36.78 -0.02
C MET D 75 -68.88 -35.97 -1.13
N ASP D 76 -70.20 -35.95 -1.17
CA ASP D 76 -70.86 -35.13 -2.21
C ASP D 76 -70.97 -33.71 -1.67
N SER D 77 -71.56 -32.75 -2.38
CA SER D 77 -71.60 -31.38 -1.84
C SER D 77 -72.26 -31.29 -0.49
N ASN D 78 -73.34 -32.02 -0.33
CA ASN D 78 -74.12 -32.12 0.87
C ASN D 78 -73.31 -32.58 2.04
N ALA D 79 -72.47 -33.58 1.78
CA ALA D 79 -71.58 -34.10 2.81
C ALA D 79 -70.62 -32.97 3.23
N TYR D 80 -70.18 -32.20 2.27
CA TYR D 80 -69.27 -31.08 2.51
C TYR D 80 -70.01 -30.05 3.36
N LYS D 81 -71.18 -29.65 2.85
CA LYS D 81 -72.03 -28.72 3.60
C LYS D 81 -72.27 -29.21 5.03
N ASN D 82 -72.56 -30.50 5.21
CA ASN D 82 -72.79 -31.00 6.56
C ASN D 82 -71.55 -31.15 7.41
N ALA D 83 -70.39 -31.04 6.78
CA ALA D 83 -69.10 -31.13 7.41
C ALA D 83 -68.64 -29.71 7.79
N GLY D 84 -69.42 -28.71 7.43
CA GLY D 84 -69.17 -27.34 7.76
C GLY D 84 -68.31 -26.60 6.75
N ILE D 85 -68.31 -27.15 5.53
CA ILE D 85 -67.46 -26.58 4.48
C ILE D 85 -68.24 -26.13 3.27
N THR D 86 -68.19 -24.88 2.82
CA THR D 86 -68.90 -24.40 1.67
C THR D 86 -68.00 -23.34 1.05
N THR D 87 -68.14 -23.02 -0.23
CA THR D 87 -67.29 -22.04 -0.86
C THR D 87 -68.18 -21.19 -1.77
N SER D 88 -67.75 -20.00 -2.10
CA SER D 88 -68.50 -19.14 -2.98
C SER D 88 -67.46 -18.24 -3.66
N GLY D 89 -67.32 -18.41 -4.97
CA GLY D 89 -66.35 -17.59 -5.69
C GLY D 89 -64.99 -17.83 -5.04
N ASN D 90 -64.38 -16.80 -4.48
CA ASN D 90 -63.08 -16.92 -3.85
C ASN D 90 -63.16 -17.04 -2.34
N LYS D 91 -64.34 -17.33 -1.81
CA LYS D 91 -64.45 -17.46 -0.35
C LYS D 91 -64.67 -18.90 0.13
N LEU D 92 -64.12 -19.19 1.29
CA LEU D 92 -64.18 -20.45 1.95
C LEU D 92 -64.76 -20.26 3.34
N ARG D 93 -65.94 -20.86 3.57
CA ARG D 93 -66.58 -20.70 4.86
C ARG D 93 -66.46 -21.97 5.68
N LEU D 94 -65.92 -21.88 6.87
CA LEU D 94 -65.80 -23.02 7.72
C LEU D 94 -66.63 -22.82 9.00
N GLN D 95 -67.54 -23.74 9.22
CA GLN D 95 -68.42 -23.67 10.41
C GLN D 95 -68.02 -24.65 11.48
N GLN D 96 -67.99 -24.24 12.74
CA GLN D 96 -67.60 -25.23 13.77
C GLN D 96 -68.69 -26.28 14.00
N LEU D 97 -69.97 -25.88 13.88
CA LEU D 97 -71.06 -26.80 14.14
C LEU D 97 -72.13 -26.67 13.06
N ILE D 98 -72.76 -27.79 12.76
CA ILE D 98 -73.82 -27.88 11.77
C ILE D 98 -74.89 -28.73 12.48
N ASN D 99 -76.15 -28.34 12.30
CA ASN D 99 -77.27 -29.03 12.96
C ASN D 99 -76.91 -29.51 14.34
N ASN D 100 -76.36 -28.70 15.24
CA ASN D 100 -75.99 -29.10 16.59
C ASN D 100 -74.87 -30.12 16.70
N GLN D 101 -74.11 -30.41 15.64
CA GLN D 101 -73.00 -31.32 15.80
C GLN D 101 -71.66 -30.63 15.51
N LEU D 102 -70.73 -31.03 16.35
CA LEU D 102 -69.36 -30.55 16.23
C LEU D 102 -68.74 -31.04 14.91
N VAL D 103 -68.58 -30.22 13.89
CA VAL D 103 -67.96 -30.69 12.66
C VAL D 103 -66.50 -30.26 12.58
N SER D 104 -66.12 -29.08 13.06
CA SER D 104 -64.78 -28.50 13.09
C SER D 104 -63.85 -28.94 11.98
N PRO D 105 -64.14 -28.53 10.76
CA PRO D 105 -63.44 -28.93 9.56
C PRO D 105 -61.98 -28.49 9.38
N ARG D 106 -61.20 -29.36 8.73
CA ARG D 106 -59.83 -29.10 8.35
C ARG D 106 -59.79 -29.51 6.87
N VAL D 107 -59.46 -28.57 6.00
CA VAL D 107 -59.41 -28.73 4.57
C VAL D 107 -58.07 -28.32 3.95
N TYR D 108 -57.77 -28.82 2.74
CA TYR D 108 -56.52 -28.59 2.04
C TYR D 108 -56.80 -28.07 0.63
N LEU D 109 -55.87 -27.32 0.05
CA LEU D 109 -56.06 -26.77 -1.29
C LEU D 109 -55.58 -27.74 -2.37
N LEU D 110 -56.42 -28.08 -3.33
CA LEU D 110 -56.09 -28.98 -4.39
C LEU D 110 -55.83 -28.25 -5.70
N GLU D 111 -54.95 -28.86 -6.52
CA GLU D 111 -54.66 -28.32 -7.83
C GLU D 111 -55.97 -28.41 -8.61
N GLU D 112 -56.13 -27.70 -9.72
CA GLU D 112 -57.34 -27.79 -10.52
C GLU D 112 -57.64 -29.23 -10.93
N ASN D 113 -56.70 -30.13 -11.14
CA ASN D 113 -56.93 -31.51 -11.52
C ASN D 113 -57.45 -32.38 -10.40
N LYS D 114 -57.45 -31.90 -9.18
CA LYS D 114 -57.92 -32.59 -8.00
C LYS D 114 -57.09 -33.79 -7.59
N LYS D 115 -56.04 -34.16 -8.30
CA LYS D 115 -55.24 -35.33 -7.96
C LYS D 115 -54.05 -35.01 -7.07
N LYS D 116 -53.74 -33.71 -6.96
CA LYS D 116 -52.60 -33.38 -6.10
C LYS D 116 -52.78 -32.05 -5.39
N TYR D 117 -52.16 -31.95 -4.23
CA TYR D 117 -52.26 -30.69 -3.48
C TYR D 117 -51.54 -29.58 -4.26
N GLU D 118 -52.01 -28.36 -4.19
CA GLU D 118 -51.39 -27.22 -4.84
C GLU D 118 -50.17 -26.91 -3.99
N MET D 119 -48.96 -27.23 -4.39
CA MET D 119 -47.78 -27.01 -3.55
C MET D 119 -47.33 -25.57 -3.62
N LEU D 120 -47.25 -24.87 -2.50
CA LEU D 120 -46.86 -23.48 -2.49
C LEU D 120 -45.39 -23.37 -2.07
N HIS D 121 -44.66 -22.57 -2.80
CA HIS D 121 -43.22 -22.36 -2.52
C HIS D 121 -43.17 -20.92 -2.03
N LEU D 122 -43.32 -20.66 -0.75
CA LEU D 122 -43.37 -19.26 -0.31
C LEU D 122 -42.09 -18.52 -0.03
N THR D 123 -40.96 -19.15 0.18
CA THR D 123 -39.73 -18.40 0.42
C THR D 123 -39.52 -17.37 -0.66
N GLY D 124 -39.27 -16.10 -0.29
CA GLY D 124 -39.05 -15.05 -1.26
C GLY D 124 -40.32 -14.51 -1.88
N THR D 125 -41.51 -14.96 -1.44
CA THR D 125 -42.75 -14.48 -2.04
C THR D 125 -43.68 -13.87 -1.01
N GLU D 126 -44.86 -13.48 -1.48
CA GLU D 126 -45.87 -12.88 -0.61
C GLU D 126 -47.17 -13.65 -0.66
N PHE D 127 -47.88 -13.64 0.46
CA PHE D 127 -49.17 -14.33 0.54
C PHE D 127 -50.19 -13.45 1.27
N SER D 128 -51.33 -13.23 0.62
CA SER D 128 -52.40 -12.48 1.21
C SER D 128 -53.74 -13.18 1.19
N PHE D 129 -54.52 -12.93 2.24
CA PHE D 129 -55.88 -13.42 2.32
C PHE D 129 -56.74 -12.40 3.08
N ASP D 130 -58.04 -12.46 2.86
CA ASP D 130 -59.01 -11.62 3.53
C ASP D 130 -59.70 -12.60 4.52
N VAL D 131 -60.01 -12.09 5.68
CA VAL D 131 -60.63 -12.97 6.68
C VAL D 131 -61.73 -12.22 7.44
N GLU D 132 -62.72 -12.95 7.89
CA GLU D 132 -63.88 -12.48 8.63
C GLU D 132 -63.88 -13.21 9.95
N MET D 133 -63.41 -12.57 11.01
CA MET D 133 -63.28 -13.13 12.32
C MET D 133 -64.32 -12.75 13.34
N GLU D 134 -65.30 -11.90 13.03
CA GLU D 134 -66.25 -11.52 14.08
C GLU D 134 -66.84 -12.67 14.88
N LYS D 135 -67.22 -13.78 14.20
CA LYS D 135 -67.83 -14.90 14.90
C LYS D 135 -66.91 -15.86 15.59
N LEU D 136 -65.73 -15.45 16.00
CA LEU D 136 -64.83 -16.30 16.71
C LEU D 136 -64.37 -15.64 18.03
N PRO D 137 -64.97 -16.10 19.10
CA PRO D 137 -64.73 -15.67 20.46
C PRO D 137 -63.52 -16.36 21.09
N CYS D 138 -63.20 -15.94 22.31
CA CYS D 138 -62.15 -16.57 23.09
C CYS D 138 -62.25 -18.08 22.95
N GLY D 139 -61.10 -18.77 22.95
CA GLY D 139 -61.10 -20.22 22.90
C GLY D 139 -61.23 -20.83 21.53
N MET D 140 -61.67 -20.10 20.52
CA MET D 140 -61.80 -20.58 19.16
C MET D 140 -60.45 -20.37 18.45
N ASN D 141 -60.24 -21.16 17.38
CA ASN D 141 -59.04 -21.02 16.56
C ASN D 141 -59.45 -21.23 15.11
N GLY D 142 -59.39 -20.19 14.32
CA GLY D 142 -59.66 -20.16 12.88
C GLY D 142 -58.22 -20.14 12.29
N ALA D 143 -57.75 -21.23 11.67
CA ALA D 143 -56.39 -21.29 11.17
C ALA D 143 -56.18 -21.46 9.70
N LEU D 144 -55.16 -20.76 9.22
CA LEU D 144 -54.70 -20.77 7.82
C LEU D 144 -53.20 -21.03 7.98
N TYR D 145 -52.76 -22.20 7.54
CA TYR D 145 -51.37 -22.60 7.72
C TYR D 145 -50.91 -23.54 6.62
N LEU D 146 -49.61 -23.87 6.70
CA LEU D 146 -48.99 -24.74 5.71
C LEU D 146 -48.27 -25.88 6.41
N SER D 147 -48.39 -27.02 5.80
CA SER D 147 -47.76 -28.24 6.31
C SER D 147 -47.04 -28.94 5.14
N GLU D 148 -45.86 -29.51 5.35
CA GLU D 148 -45.12 -30.20 4.31
C GLU D 148 -45.56 -31.67 4.18
N MET D 149 -46.79 -31.81 3.67
CA MET D 149 -47.49 -33.04 3.42
C MET D 149 -47.11 -33.51 2.03
N PRO D 150 -47.19 -34.79 1.78
CA PRO D 150 -46.89 -35.37 0.49
C PRO D 150 -47.91 -34.81 -0.50
N GLN D 151 -47.45 -34.37 -1.67
CA GLN D 151 -48.33 -33.82 -2.68
C GLN D 151 -49.39 -34.79 -3.21
N ASP D 152 -49.11 -36.09 -3.15
CA ASP D 152 -50.08 -37.08 -3.66
C ASP D 152 -50.77 -37.75 -2.48
N GLY D 153 -50.63 -37.16 -1.27
CA GLY D 153 -51.28 -37.76 -0.10
C GLY D 153 -50.62 -39.01 0.44
N GLY D 154 -49.42 -39.37 -0.05
CA GLY D 154 -48.71 -40.51 0.45
C GLY D 154 -48.87 -41.74 -0.42
N LYS D 155 -49.58 -41.67 -1.50
CA LYS D 155 -49.93 -42.69 -2.43
C LYS D 155 -48.69 -43.45 -2.95
N SER D 156 -47.65 -42.73 -3.34
CA SER D 156 -46.46 -43.35 -3.86
C SER D 156 -45.65 -44.06 -2.80
N THR D 157 -45.93 -43.93 -1.49
CA THR D 157 -45.12 -44.62 -0.51
C THR D 157 -45.47 -46.09 -0.33
N SER D 158 -46.63 -46.51 -0.86
CA SER D 158 -47.03 -47.90 -0.62
C SER D 158 -48.09 -48.34 -1.60
N ARG D 159 -48.13 -49.63 -1.81
CA ARG D 159 -49.12 -50.23 -2.71
C ARG D 159 -50.48 -50.20 -2.03
N ASN D 160 -50.55 -50.14 -0.73
CA ASN D 160 -51.75 -50.09 0.08
C ASN D 160 -52.33 -48.68 0.25
N SER D 161 -51.66 -47.62 -0.13
CA SER D 161 -52.10 -46.25 -0.01
C SER D 161 -52.92 -45.93 -1.23
N LYS D 162 -54.20 -45.63 -1.05
CA LYS D 162 -55.08 -45.33 -2.16
C LYS D 162 -55.82 -44.02 -2.09
N ALA D 163 -56.05 -43.49 -0.88
CA ALA D 163 -56.85 -42.25 -0.80
C ALA D 163 -56.23 -41.13 -1.59
N GLY D 164 -54.95 -40.83 -1.43
CA GLY D 164 -54.34 -39.73 -2.17
C GLY D 164 -54.84 -38.37 -1.63
N ALA D 165 -54.41 -37.33 -2.30
CA ALA D 165 -54.79 -35.95 -2.02
C ALA D 165 -56.26 -35.72 -2.35
N TYR D 166 -56.77 -36.47 -3.35
CA TYR D 166 -58.14 -36.38 -3.81
C TYR D 166 -59.11 -36.58 -2.67
N TYR D 167 -58.78 -37.38 -1.66
CA TYR D 167 -59.57 -37.69 -0.51
C TYR D 167 -58.97 -37.18 0.78
N GLY D 168 -58.03 -36.24 0.72
CA GLY D 168 -57.45 -35.61 1.88
C GLY D 168 -56.55 -36.43 2.76
N ALA D 169 -55.81 -37.37 2.15
CA ALA D 169 -54.89 -38.19 2.94
C ALA D 169 -53.58 -37.46 3.11
N GLY D 170 -52.72 -37.93 3.99
CA GLY D 170 -51.44 -37.36 4.19
C GLY D 170 -51.15 -36.22 5.13
N TYR D 171 -52.08 -35.90 6.02
CA TYR D 171 -51.89 -34.79 6.95
C TYR D 171 -50.74 -35.07 7.88
N CYS D 172 -50.05 -33.99 8.24
CA CYS D 172 -48.97 -34.10 9.22
C CYS D 172 -48.83 -32.66 9.74
N ASP D 173 -48.16 -32.46 10.86
CA ASP D 173 -47.89 -31.09 11.32
C ASP D 173 -46.74 -31.21 12.31
N ALA D 174 -46.33 -30.10 12.89
CA ALA D 174 -45.18 -30.15 13.79
C ALA D 174 -45.46 -30.65 15.18
N GLN D 175 -46.67 -31.11 15.49
CA GLN D 175 -46.88 -31.67 16.83
C GLN D 175 -46.54 -33.15 16.81
N CYS D 176 -46.33 -33.77 15.64
CA CYS D 176 -46.00 -35.19 15.57
C CYS D 176 -47.01 -36.08 16.30
N TYR D 177 -48.30 -35.81 16.15
CA TYR D 177 -49.31 -36.61 16.82
C TYR D 177 -49.45 -37.99 16.17
N VAL D 178 -49.77 -38.98 16.99
CA VAL D 178 -50.01 -40.33 16.51
C VAL D 178 -51.41 -40.36 15.91
N THR D 179 -51.57 -40.52 14.61
CA THR D 179 -52.87 -40.66 13.98
C THR D 179 -52.97 -42.09 13.47
N PRO D 180 -54.15 -42.66 13.42
CA PRO D 180 -54.46 -44.00 12.99
C PRO D 180 -53.98 -44.29 11.57
N PHE D 181 -53.99 -43.30 10.71
CA PHE D 181 -53.57 -43.38 9.33
C PHE D 181 -52.40 -42.40 9.17
N ILE D 182 -51.43 -42.78 8.35
CA ILE D 182 -50.23 -42.07 8.01
C ILE D 182 -49.93 -42.34 6.55
N ASN D 183 -49.78 -41.28 5.75
CA ASN D 183 -49.53 -41.42 4.33
C ASN D 183 -50.58 -42.27 3.65
N GLY D 184 -51.84 -42.27 4.06
CA GLY D 184 -52.88 -43.07 3.41
C GLY D 184 -52.82 -44.57 3.72
N VAL D 185 -52.10 -45.00 4.72
CA VAL D 185 -51.97 -46.37 5.13
C VAL D 185 -52.10 -46.43 6.65
N GLY D 186 -52.50 -47.59 7.14
CA GLY D 186 -52.67 -47.85 8.56
C GLY D 186 -51.37 -47.61 9.30
N ASN D 187 -51.42 -46.83 10.39
CA ASN D 187 -50.22 -46.53 11.18
C ASN D 187 -49.97 -47.60 12.19
N ILE D 188 -49.71 -48.81 11.72
CA ILE D 188 -49.47 -49.98 12.53
C ILE D 188 -48.44 -49.76 13.61
N LYS D 189 -47.36 -49.02 13.36
CA LYS D 189 -46.37 -48.82 14.41
C LYS D 189 -46.73 -47.73 15.40
N GLY D 190 -47.82 -47.00 15.20
CA GLY D 190 -48.16 -45.92 16.14
C GLY D 190 -47.07 -44.82 16.12
N GLN D 191 -46.63 -44.39 14.97
CA GLN D 191 -45.61 -43.37 14.90
C GLN D 191 -46.28 -41.99 15.00
N GLY D 192 -45.52 -41.01 15.42
CA GLY D 192 -46.09 -39.64 15.44
C GLY D 192 -45.92 -39.18 13.98
N VAL D 193 -46.85 -38.47 13.43
CA VAL D 193 -46.83 -38.00 12.05
C VAL D 193 -46.32 -36.57 12.02
N CYS D 194 -45.01 -36.39 11.76
CA CYS D 194 -44.39 -35.10 11.70
C CYS D 194 -44.06 -34.49 10.35
N CYS D 195 -44.00 -33.15 10.37
CA CYS D 195 -43.56 -32.36 9.23
C CYS D 195 -43.52 -30.86 9.58
N ASN D 196 -42.61 -30.21 8.86
CA ASN D 196 -42.38 -28.80 8.95
C ASN D 196 -43.75 -28.11 8.80
N GLU D 197 -43.89 -27.00 9.55
CA GLU D 197 -45.17 -26.31 9.49
C GLU D 197 -45.03 -24.81 9.63
N LEU D 198 -45.77 -24.04 8.84
CA LEU D 198 -45.75 -22.59 8.87
C LEU D 198 -47.16 -22.08 9.24
N ASP D 199 -47.36 -21.68 10.49
CA ASP D 199 -48.68 -21.15 10.88
C ASP D 199 -48.73 -19.67 10.54
N ILE D 200 -49.38 -19.35 9.44
CA ILE D 200 -49.46 -17.97 9.03
C ILE D 200 -50.48 -17.21 9.89
N TRP D 201 -51.57 -17.90 10.16
CA TRP D 201 -52.68 -17.34 10.91
C TRP D 201 -53.36 -18.29 11.87
N GLU D 202 -53.24 -18.01 13.16
CA GLU D 202 -53.94 -18.80 14.19
C GLU D 202 -54.62 -17.71 15.05
N ALA D 203 -55.94 -17.61 14.90
CA ALA D 203 -56.64 -16.55 15.60
C ALA D 203 -58.12 -16.79 15.94
N ASN D 204 -58.60 -15.78 16.67
CA ASN D 204 -59.98 -15.63 17.08
C ASN D 204 -60.20 -14.11 17.06
N SER D 205 -61.36 -13.58 17.37
CA SER D 205 -61.57 -12.12 17.31
C SER D 205 -60.86 -11.33 18.40
N ARG D 206 -60.32 -11.99 19.41
CA ARG D 206 -59.63 -11.44 20.52
C ARG D 206 -58.10 -11.51 20.47
N ALA D 207 -57.49 -12.42 19.73
CA ALA D 207 -56.04 -12.53 19.61
C ALA D 207 -55.57 -13.21 18.31
N THR D 208 -54.41 -12.80 17.78
CA THR D 208 -53.86 -13.40 16.60
C THR D 208 -52.42 -13.88 16.85
N HIS D 209 -52.06 -14.96 16.17
CA HIS D 209 -50.72 -15.56 16.33
C HIS D 209 -50.11 -16.00 14.99
N ILE D 210 -48.79 -15.84 14.88
CA ILE D 210 -48.00 -16.22 13.74
C ILE D 210 -46.96 -17.21 14.28
N ALA D 211 -46.65 -18.29 13.54
CA ALA D 211 -45.61 -19.15 14.04
C ALA D 211 -45.06 -20.25 13.11
N PRO D 212 -43.85 -20.04 12.63
CA PRO D 212 -43.09 -20.98 11.84
C PRO D 212 -42.66 -22.12 12.79
N HIS D 213 -42.81 -23.37 12.42
CA HIS D 213 -42.39 -24.48 13.24
C HIS D 213 -41.49 -25.46 12.43
N PRO D 214 -40.19 -25.29 12.47
CA PRO D 214 -39.21 -26.08 11.79
C PRO D 214 -39.09 -27.51 12.30
N CYS D 215 -38.73 -28.40 11.38
CA CYS D 215 -38.45 -29.79 11.78
C CYS D 215 -37.10 -30.16 11.14
N SER D 216 -36.30 -30.97 11.79
CA SER D 216 -35.04 -31.37 11.17
C SER D 216 -35.16 -32.48 10.13
N LYS D 217 -36.34 -32.99 9.82
CA LYS D 217 -36.50 -34.02 8.81
C LYS D 217 -37.47 -33.44 7.75
N PRO D 218 -37.09 -33.55 6.50
CA PRO D 218 -37.84 -33.05 5.38
C PRO D 218 -39.06 -33.89 5.11
N GLY D 219 -40.08 -33.27 4.52
CA GLY D 219 -41.31 -34.04 4.20
C GLY D 219 -41.89 -34.64 5.48
N LEU D 220 -42.75 -35.65 5.28
CA LEU D 220 -43.45 -36.36 6.34
C LEU D 220 -42.60 -37.46 6.94
N TYR D 221 -42.43 -37.37 8.24
CA TYR D 221 -41.61 -38.34 8.91
C TYR D 221 -42.33 -38.97 10.09
N GLY D 222 -42.40 -40.31 10.04
CA GLY D 222 -43.01 -41.09 11.10
C GLY D 222 -41.96 -41.20 12.21
N CYS D 223 -42.17 -40.46 13.30
CA CYS D 223 -41.23 -40.48 14.41
C CYS D 223 -41.54 -41.57 15.41
N THR D 224 -40.52 -41.94 16.16
CA THR D 224 -40.64 -42.97 17.15
C THR D 224 -39.97 -42.50 18.45
N GLY D 225 -40.54 -42.88 19.57
CA GLY D 225 -40.01 -42.50 20.87
C GLY D 225 -39.76 -41.01 21.00
N ASP D 226 -38.62 -40.62 21.52
CA ASP D 226 -38.18 -39.26 21.72
C ASP D 226 -38.06 -38.40 20.48
N GLU D 227 -38.16 -39.03 19.30
CA GLU D 227 -38.12 -38.21 18.09
C GLU D 227 -39.39 -37.36 18.06
N CYS D 228 -40.46 -37.88 18.66
CA CYS D 228 -41.74 -37.21 18.75
C CYS D 228 -41.91 -36.19 19.87
N GLY D 229 -41.01 -36.07 20.83
CA GLY D 229 -41.15 -35.14 21.93
C GLY D 229 -40.63 -33.75 21.74
N SER D 230 -40.54 -33.02 22.84
CA SER D 230 -40.05 -31.67 23.02
C SER D 230 -38.65 -31.45 22.48
N SER D 231 -37.78 -32.40 22.74
CA SER D 231 -36.42 -32.38 22.23
C SER D 231 -36.24 -33.31 21.03
N GLY D 232 -37.30 -33.56 20.30
CA GLY D 232 -37.30 -34.44 19.15
C GLY D 232 -37.04 -33.69 17.85
N ILE D 233 -37.64 -34.13 16.76
CA ILE D 233 -37.39 -33.53 15.48
C ILE D 233 -38.18 -32.34 15.06
N CYS D 234 -39.29 -32.07 15.75
CA CYS D 234 -40.09 -30.91 15.37
C CYS D 234 -40.21 -29.91 16.50
N ASP D 235 -40.27 -28.64 16.11
CA ASP D 235 -40.44 -27.57 17.14
C ASP D 235 -41.94 -27.43 17.44
N LYS D 236 -42.42 -28.07 18.51
CA LYS D 236 -43.84 -27.97 18.85
C LYS D 236 -44.31 -26.57 19.14
N ALA D 237 -43.54 -25.83 19.94
CA ALA D 237 -43.93 -24.45 20.31
C ALA D 237 -43.85 -23.48 19.16
N GLY D 238 -42.79 -23.54 18.36
CA GLY D 238 -42.74 -22.59 17.24
C GLY D 238 -42.16 -21.26 17.74
N CYS D 239 -41.84 -20.37 16.80
CA CYS D 239 -41.32 -19.05 17.15
C CYS D 239 -42.53 -18.13 16.98
N GLY D 240 -43.23 -17.81 18.07
CA GLY D 240 -44.48 -17.05 17.89
C GLY D 240 -44.37 -15.56 17.82
N TRP D 241 -45.32 -14.93 17.21
CA TRP D 241 -45.53 -13.51 17.07
C TRP D 241 -47.05 -13.21 17.30
N ASN D 242 -47.29 -12.70 18.49
CA ASN D 242 -48.60 -12.29 18.94
C ASN D 242 -48.41 -10.89 19.53
N HIS D 243 -48.97 -9.87 18.94
CA HIS D 243 -48.84 -8.50 19.44
C HIS D 243 -49.06 -8.37 20.93
N ASN D 244 -49.95 -9.11 21.58
CA ASN D 244 -50.13 -8.98 23.01
C ASN D 244 -48.88 -9.42 23.76
N ARG D 245 -48.25 -10.49 23.33
CA ARG D 245 -47.04 -11.01 23.95
C ARG D 245 -45.87 -10.05 23.84
N ILE D 246 -45.81 -9.17 22.87
CA ILE D 246 -44.68 -8.22 22.82
C ILE D 246 -45.15 -6.84 23.33
N ASN D 247 -46.22 -6.88 24.14
CA ASN D 247 -46.84 -5.75 24.80
C ASN D 247 -47.43 -4.65 23.95
N VAL D 248 -48.22 -4.99 22.93
CA VAL D 248 -48.88 -4.02 22.08
C VAL D 248 -50.35 -4.51 22.01
N THR D 249 -51.03 -4.43 23.14
CA THR D 249 -52.40 -4.89 23.32
C THR D 249 -53.50 -4.15 22.63
N ASP D 250 -53.30 -3.08 21.91
CA ASP D 250 -54.33 -2.33 21.21
C ASP D 250 -54.22 -2.49 19.71
N PHE D 251 -53.29 -3.38 19.33
CA PHE D 251 -53.09 -3.62 17.87
C PHE D 251 -54.27 -4.34 17.27
N TYR D 252 -54.66 -5.49 17.81
CA TYR D 252 -55.77 -6.26 17.24
C TYR D 252 -56.85 -6.65 18.23
N GLY D 253 -58.14 -6.51 17.91
CA GLY D 253 -59.17 -6.88 18.89
C GLY D 253 -60.54 -6.47 18.34
N ARG D 254 -61.58 -6.71 19.15
CA ARG D 254 -62.93 -6.33 18.67
C ARG D 254 -63.22 -4.84 18.90
N GLY D 255 -63.59 -4.11 17.90
CA GLY D 255 -63.94 -2.72 17.99
C GLY D 255 -62.99 -1.64 17.57
N LYS D 256 -63.45 -0.38 17.84
CA LYS D 256 -62.69 0.79 17.47
C LYS D 256 -61.46 1.02 18.31
N GLN D 257 -61.31 0.43 19.48
CA GLN D 257 -60.07 0.69 20.22
C GLN D 257 -58.83 -0.05 19.75
N TYR D 258 -58.89 -0.79 18.65
CA TYR D 258 -57.79 -1.57 18.11
C TYR D 258 -57.42 -1.09 16.73
N LYS D 259 -56.13 -1.17 16.40
CA LYS D 259 -55.73 -0.74 15.05
C LYS D 259 -56.33 -1.63 13.98
N VAL D 260 -56.38 -2.95 14.27
CA VAL D 260 -57.01 -3.86 13.27
C VAL D 260 -58.28 -4.30 13.99
N ASP D 261 -59.45 -3.99 13.49
CA ASP D 261 -60.71 -4.35 14.18
C ASP D 261 -61.24 -5.70 13.71
N SER D 262 -61.15 -6.68 14.60
CA SER D 262 -61.54 -8.04 14.34
C SER D 262 -63.01 -8.26 14.12
N THR D 263 -63.88 -7.25 14.27
CA THR D 263 -65.31 -7.48 14.02
C THR D 263 -65.60 -7.13 12.56
N ARG D 264 -64.61 -6.69 11.79
CA ARG D 264 -64.90 -6.35 10.40
C ARG D 264 -63.85 -6.96 9.48
N LYS D 265 -64.20 -7.24 8.24
CA LYS D 265 -63.25 -7.82 7.30
C LYS D 265 -61.94 -7.02 7.22
N PHE D 266 -60.85 -7.77 7.04
CA PHE D 266 -59.54 -7.15 6.85
C PHE D 266 -58.64 -8.08 6.02
N THR D 267 -57.57 -7.51 5.49
CA THR D 267 -56.60 -8.20 4.68
C THR D 267 -55.34 -8.44 5.52
N VAL D 268 -54.81 -9.64 5.33
CA VAL D 268 -53.61 -10.12 6.03
C VAL D 268 -52.58 -10.44 4.95
N THR D 269 -51.52 -9.63 4.90
CA THR D 269 -50.42 -9.82 3.96
C THR D 269 -49.16 -10.29 4.69
N SER D 270 -48.57 -11.37 4.22
CA SER D 270 -47.36 -11.92 4.84
C SER D 270 -46.23 -11.95 3.79
N GLN D 271 -45.04 -11.50 4.16
CA GLN D 271 -43.91 -11.45 3.21
C GLN D 271 -42.77 -12.24 3.80
N PHE D 272 -42.32 -13.20 3.00
CA PHE D 272 -41.24 -14.13 3.42
C PHE D 272 -39.97 -13.76 2.67
N VAL D 273 -39.19 -12.88 3.25
CA VAL D 273 -37.96 -12.35 2.70
C VAL D 273 -36.78 -13.28 2.76
N ALA D 274 -36.16 -13.42 1.59
CA ALA D 274 -34.97 -14.28 1.50
C ALA D 274 -33.71 -13.44 1.35
N ASN D 275 -32.58 -13.97 1.76
CA ASN D 275 -31.30 -13.28 1.61
C ASN D 275 -30.77 -13.59 0.22
N LYS D 276 -29.55 -13.12 -0.07
CA LYS D 276 -28.92 -13.36 -1.38
C LYS D 276 -28.84 -14.83 -1.78
N GLN D 277 -28.58 -15.72 -0.82
CA GLN D 277 -28.53 -17.14 -1.06
C GLN D 277 -29.90 -17.79 -1.25
N GLY D 278 -31.03 -17.08 -1.22
CA GLY D 278 -32.35 -17.64 -1.41
C GLY D 278 -32.83 -18.26 -0.10
N ASP D 279 -32.13 -18.06 1.03
CA ASP D 279 -32.58 -18.65 2.28
C ASP D 279 -33.57 -17.68 2.94
N LEU D 280 -34.51 -18.20 3.70
CA LEU D 280 -35.50 -17.38 4.38
C LEU D 280 -34.77 -16.66 5.52
N ILE D 281 -35.00 -15.36 5.67
CA ILE D 281 -34.34 -14.70 6.80
C ILE D 281 -35.37 -13.94 7.67
N GLU D 282 -36.45 -13.42 7.09
CA GLU D 282 -37.41 -12.64 7.83
C GLU D 282 -38.88 -12.83 7.52
N LEU D 283 -39.73 -12.98 8.54
CA LEU D 283 -41.18 -13.10 8.16
C LEU D 283 -41.88 -11.76 8.42
N HIS D 284 -42.39 -11.03 7.48
CA HIS D 284 -43.05 -9.77 7.68
C HIS D 284 -44.57 -9.88 7.53
N ARG D 285 -45.27 -9.03 8.27
CA ARG D 285 -46.73 -9.01 8.29
C ARG D 285 -47.32 -7.60 8.31
N HIS D 286 -48.34 -7.36 7.52
CA HIS D 286 -48.99 -6.05 7.54
C HIS D 286 -50.45 -6.33 7.22
N TYR D 287 -51.30 -5.38 7.61
CA TYR D 287 -52.75 -5.58 7.37
C TYR D 287 -53.33 -4.47 6.54
N ILE D 288 -54.50 -4.66 6.00
CA ILE D 288 -55.18 -3.63 5.23
C ILE D 288 -56.65 -3.66 5.70
N GLN D 289 -57.09 -2.56 6.28
CA GLN D 289 -58.47 -2.42 6.76
C GLN D 289 -58.88 -1.00 6.37
N ASP D 290 -60.05 -0.88 5.77
CA ASP D 290 -60.60 0.39 5.32
C ASP D 290 -59.66 1.04 4.34
N ASN D 291 -59.07 0.27 3.43
CA ASN D 291 -58.15 0.87 2.48
C ASN D 291 -56.96 1.59 3.08
N LYS D 292 -56.40 1.08 4.14
CA LYS D 292 -55.24 1.64 4.80
C LYS D 292 -54.27 0.52 5.16
N VAL D 293 -52.98 0.77 5.00
CA VAL D 293 -52.00 -0.24 5.36
C VAL D 293 -51.78 -0.07 6.85
N ILE D 294 -51.87 -1.10 7.66
CA ILE D 294 -51.63 -1.00 9.09
C ILE D 294 -50.40 -1.88 9.24
N GLU D 295 -49.30 -1.31 9.62
CA GLU D 295 -48.07 -2.07 9.76
C GLU D 295 -48.06 -2.75 11.12
N SER D 296 -47.28 -3.81 11.26
CA SER D 296 -47.18 -4.47 12.53
C SER D 296 -46.45 -3.51 13.45
N ALA D 297 -46.61 -3.67 14.74
CA ALA D 297 -45.95 -2.81 15.70
C ALA D 297 -44.62 -3.42 16.13
N VAL D 298 -43.69 -2.54 16.47
CA VAL D 298 -42.37 -2.97 16.90
C VAL D 298 -42.43 -3.63 18.26
N VAL D 299 -41.52 -4.53 18.58
CA VAL D 299 -41.53 -5.17 19.90
C VAL D 299 -41.60 -4.08 20.97
N ASN D 300 -42.45 -4.27 21.97
CA ASN D 300 -42.64 -3.30 23.04
C ASN D 300 -42.33 -3.86 24.41
N ILE D 301 -41.42 -4.81 24.45
CA ILE D 301 -40.92 -5.41 25.67
C ILE D 301 -39.38 -5.36 25.54
N SER D 302 -38.72 -5.49 26.67
CA SER D 302 -37.25 -5.41 26.59
C SER D 302 -36.70 -6.82 26.38
N GLY D 303 -35.65 -6.93 25.55
CA GLY D 303 -35.08 -8.24 25.23
C GLY D 303 -34.84 -8.36 23.72
N PRO D 304 -35.92 -8.62 23.01
CA PRO D 304 -35.91 -8.79 21.58
C PRO D 304 -35.52 -7.49 20.88
N PRO D 305 -35.03 -7.60 19.65
CA PRO D 305 -34.67 -6.47 18.84
C PRO D 305 -35.92 -5.62 18.65
N LYS D 306 -35.79 -4.35 18.31
CA LYS D 306 -36.94 -3.48 18.13
C LYS D 306 -37.35 -3.53 16.68
N ILE D 307 -38.00 -4.65 16.33
CA ILE D 307 -38.43 -4.83 14.94
C ILE D 307 -39.88 -5.27 14.96
N ASN D 308 -40.56 -5.18 13.81
CA ASN D 308 -41.95 -5.64 13.80
C ASN D 308 -42.10 -6.92 12.95
N PHE D 309 -41.08 -7.78 12.94
CA PHE D 309 -41.11 -9.00 12.12
C PHE D 309 -40.33 -10.14 12.75
N ILE D 310 -40.51 -11.38 12.28
CA ILE D 310 -39.79 -12.49 12.85
C ILE D 310 -38.44 -12.70 12.17
N ASN D 311 -37.43 -13.07 12.99
CA ASN D 311 -36.11 -13.37 12.47
C ASN D 311 -35.45 -14.24 13.52
N ASP D 312 -34.29 -14.80 13.22
CA ASP D 312 -33.60 -15.63 14.20
C ASP D 312 -33.23 -14.86 15.47
N LYS D 313 -32.78 -13.61 15.34
CA LYS D 313 -32.43 -12.82 16.50
C LYS D 313 -33.66 -12.72 17.42
N TYR D 314 -34.77 -12.29 16.83
CA TYR D 314 -36.02 -12.23 17.61
C TYR D 314 -36.38 -13.54 18.29
N CYS D 315 -36.42 -14.63 17.52
CA CYS D 315 -36.79 -15.95 18.01
C CYS D 315 -35.93 -16.44 19.15
N ALA D 316 -34.61 -16.23 19.00
CA ALA D 316 -33.69 -16.62 20.07
C ALA D 316 -33.91 -15.72 21.27
N ALA D 317 -34.16 -14.43 21.01
CA ALA D 317 -34.41 -13.51 22.13
C ALA D 317 -35.75 -13.79 22.83
N THR D 318 -36.68 -14.49 22.19
CA THR D 318 -37.95 -14.74 22.87
C THR D 318 -38.00 -16.15 23.41
N GLY D 319 -36.87 -16.87 23.49
CA GLY D 319 -36.92 -18.20 24.03
C GLY D 319 -37.43 -19.30 23.13
N ALA D 320 -37.40 -19.17 21.81
CA ALA D 320 -37.85 -20.27 20.94
C ALA D 320 -36.61 -21.14 20.84
N ASN D 321 -36.28 -21.93 21.84
CA ASN D 321 -35.06 -22.70 21.84
C ASN D 321 -35.08 -23.87 20.87
N GLU D 322 -36.19 -24.60 20.79
CA GLU D 322 -36.26 -25.73 19.87
C GLU D 322 -36.20 -25.23 18.43
N TYR D 323 -36.82 -24.09 18.20
CA TYR D 323 -36.86 -23.43 16.92
C TYR D 323 -35.42 -23.22 16.45
N MET D 324 -34.60 -22.58 17.26
CA MET D 324 -33.20 -22.32 16.99
C MET D 324 -32.43 -23.62 16.87
N ARG D 325 -32.68 -24.56 17.77
CA ARG D 325 -32.00 -25.83 17.79
C ARG D 325 -32.28 -26.64 16.53
N LEU D 326 -33.47 -26.58 15.95
CA LEU D 326 -33.79 -27.31 14.74
C LEU D 326 -33.50 -26.61 13.44
N GLY D 327 -32.67 -25.55 13.48
CA GLY D 327 -32.31 -24.85 12.26
C GLY D 327 -32.97 -23.53 12.02
N GLY D 328 -33.83 -23.05 12.92
CA GLY D 328 -34.45 -21.77 12.79
C GLY D 328 -35.13 -21.34 11.51
N THR D 329 -35.03 -20.07 11.15
CA THR D 329 -35.66 -19.51 9.99
C THR D 329 -35.22 -20.14 8.68
N LYS D 330 -33.92 -20.45 8.58
CA LYS D 330 -33.42 -21.08 7.36
C LYS D 330 -34.05 -22.48 7.16
N GLN D 331 -34.06 -23.29 8.21
CA GLN D 331 -34.68 -24.61 8.12
C GLN D 331 -36.16 -24.52 7.74
N MET D 332 -36.87 -23.50 8.24
CA MET D 332 -38.27 -23.32 7.90
C MET D 332 -38.34 -22.94 6.44
N GLY D 333 -37.47 -22.03 5.98
CA GLY D 333 -37.52 -21.63 4.56
C GLY D 333 -37.16 -22.78 3.63
N ASP D 334 -36.36 -23.75 4.01
CA ASP D 334 -36.06 -24.87 3.09
C ASP D 334 -37.31 -25.71 2.88
N ALA D 335 -38.10 -25.94 3.92
CA ALA D 335 -39.36 -26.68 3.75
C ALA D 335 -40.28 -25.85 2.88
N MET D 336 -40.29 -24.52 3.09
CA MET D 336 -41.18 -23.71 2.23
C MET D 336 -40.69 -23.75 0.78
N SER D 337 -39.36 -23.70 0.56
CA SER D 337 -38.86 -23.75 -0.81
C SER D 337 -39.19 -25.13 -1.42
N ARG D 338 -39.09 -26.20 -0.67
CA ARG D 338 -39.47 -27.49 -1.28
C ARG D 338 -40.93 -27.50 -1.67
N GLY D 339 -41.81 -26.73 -1.03
CA GLY D 339 -43.24 -26.76 -1.42
C GLY D 339 -44.08 -27.32 -0.28
N MET D 340 -45.18 -26.63 0.06
CA MET D 340 -46.02 -27.06 1.17
C MET D 340 -47.51 -27.01 0.87
N VAL D 341 -48.31 -27.74 1.67
CA VAL D 341 -49.75 -27.71 1.48
C VAL D 341 -50.46 -26.69 2.40
N LEU D 342 -51.41 -26.01 1.77
CA LEU D 342 -52.24 -25.02 2.45
C LEU D 342 -53.41 -25.72 3.17
N ALA D 343 -53.46 -25.53 4.48
CA ALA D 343 -54.51 -26.13 5.29
C ALA D 343 -55.34 -25.01 5.92
N MET D 344 -56.67 -25.20 6.01
CA MET D 344 -57.52 -24.19 6.67
C MET D 344 -58.44 -24.95 7.62
N SER D 345 -58.57 -24.45 8.84
CA SER D 345 -59.44 -25.14 9.79
C SER D 345 -60.09 -24.25 10.84
N VAL D 346 -61.08 -24.82 11.55
CA VAL D 346 -61.73 -24.19 12.66
C VAL D 346 -61.77 -25.24 13.79
N TRP D 347 -61.39 -24.81 14.96
CA TRP D 347 -61.41 -25.75 16.10
C TRP D 347 -61.34 -25.03 17.45
N TRP D 348 -61.58 -25.84 18.48
CA TRP D 348 -61.56 -25.33 19.86
C TRP D 348 -60.82 -26.40 20.64
N SER D 349 -60.55 -26.16 21.91
CA SER D 349 -59.85 -27.13 22.72
C SER D 349 -60.45 -27.30 24.10
N GLU D 350 -61.04 -28.45 24.28
CA GLU D 350 -61.64 -28.92 25.52
C GLU D 350 -60.55 -29.04 26.57
N GLY D 351 -59.29 -29.21 26.18
CA GLY D 351 -58.16 -29.37 27.05
C GLY D 351 -57.36 -28.18 27.53
N ASP D 352 -57.29 -27.04 26.83
CA ASP D 352 -56.48 -25.94 27.36
C ASP D 352 -57.20 -24.65 27.02
N PHE D 353 -58.29 -24.78 26.28
CA PHE D 353 -59.12 -23.67 25.86
C PHE D 353 -58.45 -22.63 24.98
N MET D 354 -57.38 -23.01 24.28
CA MET D 354 -56.61 -22.12 23.45
C MET D 354 -56.01 -20.99 24.33
N ALA D 355 -55.68 -21.24 25.59
CA ALA D 355 -55.11 -20.22 26.47
C ALA D 355 -53.85 -19.59 25.91
N TRP D 356 -53.00 -20.37 25.23
CA TRP D 356 -51.76 -19.95 24.64
C TRP D 356 -51.97 -18.88 23.57
N LEU D 357 -53.14 -18.80 22.99
CA LEU D 357 -53.47 -17.83 21.99
C LEU D 357 -54.15 -16.55 22.53
N ASP D 358 -55.04 -16.65 23.53
CA ASP D 358 -55.76 -15.46 23.96
C ASP D 358 -55.94 -15.16 25.42
N GLN D 359 -55.16 -15.63 26.37
CA GLN D 359 -55.21 -15.42 27.78
C GLN D 359 -53.87 -14.94 28.34
N GLY D 360 -53.97 -14.30 29.50
CA GLY D 360 -52.78 -13.77 30.22
C GLY D 360 -52.03 -12.83 29.32
N VAL D 361 -50.74 -13.11 29.08
CA VAL D 361 -49.99 -12.26 28.16
C VAL D 361 -50.37 -12.47 26.71
N ALA D 362 -51.11 -13.51 26.34
CA ALA D 362 -51.46 -13.69 24.94
C ALA D 362 -52.75 -12.99 24.56
N GLY D 363 -53.52 -12.53 25.55
CA GLY D 363 -54.75 -11.81 25.16
C GLY D 363 -55.66 -11.52 26.34
N PRO D 364 -56.85 -11.05 26.02
CA PRO D 364 -57.83 -10.58 26.97
C PRO D 364 -58.88 -11.52 27.54
N CYS D 365 -58.76 -12.81 27.29
CA CYS D 365 -59.72 -13.79 27.74
C CYS D 365 -59.49 -14.29 29.16
N ASP D 366 -60.62 -14.52 29.86
CA ASP D 366 -60.40 -15.05 31.23
C ASP D 366 -60.06 -16.53 31.07
N ALA D 367 -59.99 -17.22 32.19
CA ALA D 367 -59.67 -18.63 32.20
C ALA D 367 -60.81 -19.59 31.92
N THR D 368 -62.05 -19.14 31.71
CA THR D 368 -63.11 -20.10 31.46
C THR D 368 -63.96 -19.70 30.28
N GLU D 369 -64.02 -18.45 29.83
CA GLU D 369 -64.94 -18.17 28.74
C GLU D 369 -64.65 -18.98 27.48
N GLY D 370 -63.42 -19.42 27.27
CA GLY D 370 -62.96 -20.14 26.12
C GLY D 370 -63.31 -21.62 26.17
N ASP D 371 -63.92 -22.03 27.27
CA ASP D 371 -64.37 -23.40 27.42
C ASP D 371 -65.46 -23.49 26.34
N PRO D 372 -65.43 -24.58 25.59
CA PRO D 372 -66.38 -24.88 24.53
C PRO D 372 -67.83 -24.74 24.97
N LYS D 373 -68.16 -25.11 26.20
CA LYS D 373 -69.45 -24.95 26.86
C LYS D 373 -69.85 -23.47 26.93
N ASN D 374 -68.86 -22.63 27.24
CA ASN D 374 -69.12 -21.17 27.35
C ASN D 374 -69.06 -20.54 25.97
N ILE D 375 -68.16 -21.08 25.10
CA ILE D 375 -68.04 -20.55 23.76
C ILE D 375 -69.40 -20.51 23.11
N VAL D 376 -70.14 -21.64 23.16
CA VAL D 376 -71.47 -21.63 22.51
C VAL D 376 -72.44 -20.66 23.16
N LYS D 377 -72.18 -20.22 24.40
CA LYS D 377 -73.05 -19.23 25.03
C LYS D 377 -72.76 -17.88 24.40
N VAL D 378 -71.45 -17.58 24.30
CA VAL D 378 -71.11 -16.31 23.65
C VAL D 378 -71.52 -16.33 22.18
N GLN D 379 -71.18 -17.40 21.45
CA GLN D 379 -71.56 -17.42 20.04
C GLN D 379 -71.94 -18.84 19.71
N PRO D 380 -73.24 -19.00 19.46
CA PRO D 380 -73.86 -20.29 19.17
C PRO D 380 -73.26 -20.96 17.96
N ASN D 381 -72.89 -20.24 16.90
CA ASN D 381 -72.33 -20.87 15.72
C ASN D 381 -71.01 -20.28 15.29
N PRO D 382 -69.95 -20.61 16.01
CA PRO D 382 -68.63 -20.09 15.71
C PRO D 382 -68.30 -20.44 14.28
N GLU D 383 -67.73 -19.50 13.54
CA GLU D 383 -67.41 -19.75 12.15
C GLU D 383 -66.37 -18.74 11.67
N VAL D 384 -65.76 -19.00 10.54
CA VAL D 384 -64.73 -18.14 9.97
C VAL D 384 -64.76 -18.26 8.45
N THR D 385 -64.58 -17.20 7.72
CA THR D 385 -64.53 -17.18 6.27
C THR D 385 -63.17 -16.66 5.85
N PHE D 386 -62.41 -17.45 5.08
CA PHE D 386 -61.12 -17.04 4.55
C PHE D 386 -61.40 -16.81 3.06
N SER D 387 -60.94 -15.71 2.49
CA SER D 387 -61.25 -15.53 1.07
C SER D 387 -60.12 -14.77 0.37
N ASN D 388 -60.29 -14.59 -0.92
CA ASN D 388 -59.34 -13.85 -1.74
C ASN D 388 -57.87 -14.19 -1.52
N ILE D 389 -57.53 -15.49 -1.66
CA ILE D 389 -56.15 -15.91 -1.45
C ILE D 389 -55.36 -15.52 -2.71
N ARG D 390 -54.29 -14.78 -2.49
CA ARG D 390 -53.43 -14.25 -3.54
C ARG D 390 -51.97 -14.55 -3.25
N ILE D 391 -51.28 -15.24 -4.15
CA ILE D 391 -49.87 -15.60 -3.90
C ILE D 391 -49.01 -14.97 -4.99
N GLY D 392 -47.83 -14.45 -4.67
CA GLY D 392 -47.10 -13.79 -5.78
C GLY D 392 -45.94 -12.92 -5.33
N GLU D 393 -45.42 -12.11 -6.24
CA GLU D 393 -44.23 -11.33 -5.86
C GLU D 393 -44.58 -10.35 -4.73
N ILE D 394 -43.54 -10.16 -3.94
CA ILE D 394 -43.64 -9.25 -2.81
C ILE D 394 -43.99 -7.88 -3.37
N GLY D 395 -45.08 -7.31 -2.86
CA GLY D 395 -45.54 -6.01 -3.31
C GLY D 395 -46.66 -6.15 -4.34
N SER D 396 -47.06 -7.36 -4.70
CA SER D 396 -48.11 -7.43 -5.71
C SER D 396 -49.40 -8.09 -5.27
N THR D 397 -49.51 -8.68 -4.07
CA THR D 397 -50.77 -9.34 -3.75
C THR D 397 -51.82 -8.52 -3.02
N SER D 398 -51.44 -7.49 -2.29
CA SER D 398 -52.43 -6.71 -1.52
C SER D 398 -52.36 -5.23 -1.89
#